data_2JRT
#
_entry.id   2JRT
#
_entity_poly.entity_id   1
_entity_poly.type   'polypeptide(L)'
_entity_poly.pdbx_seq_one_letter_code
;MYLKRVDGPRQVTLPDGTVLSRADLPPLDTRRWVASRKAAVVKAVIHGLITEREALDRYSLSEEEFALWRSAVAAHGEKA
LKVTMIQKYRQLHHH
;
_entity_poly.pdbx_strand_id   A
#
# COMPACT_ATOMS: atom_id res chain seq x y z
N MET A 1 6.46 -20.93 7.32
CA MET A 1 5.20 -20.80 6.54
C MET A 1 5.46 -21.15 5.08
N TYR A 2 4.40 -21.51 4.36
CA TYR A 2 4.50 -21.78 2.94
C TYR A 2 3.50 -20.95 2.17
N LEU A 3 4.02 -20.09 1.29
CA LEU A 3 3.21 -19.19 0.45
C LEU A 3 2.63 -18.05 1.29
N LYS A 4 1.87 -18.41 2.32
CA LYS A 4 1.24 -17.41 3.16
C LYS A 4 2.16 -16.97 4.28
N ARG A 5 3.04 -16.02 3.97
CA ARG A 5 3.86 -15.38 4.99
C ARG A 5 3.79 -13.87 4.83
N VAL A 6 2.94 -13.24 5.61
CA VAL A 6 2.84 -11.79 5.61
C VAL A 6 3.78 -11.22 6.66
N ASP A 7 5.03 -10.99 6.26
CA ASP A 7 6.03 -10.48 7.18
C ASP A 7 6.01 -8.96 7.17
N GLY A 8 6.91 -8.35 7.92
CA GLY A 8 6.93 -6.91 8.03
C GLY A 8 6.49 -6.45 9.41
N PRO A 9 6.45 -5.14 9.66
CA PRO A 9 6.04 -4.59 10.95
C PRO A 9 4.53 -4.69 11.15
N ARG A 10 4.11 -4.63 12.41
CA ARG A 10 2.69 -4.62 12.75
C ARG A 10 2.08 -3.28 12.34
N GLN A 11 2.91 -2.26 12.34
CA GLN A 11 2.49 -0.92 11.94
C GLN A 11 3.63 -0.19 11.26
N VAL A 12 3.35 0.39 10.11
CA VAL A 12 4.34 1.12 9.34
C VAL A 12 4.04 2.60 9.37
N THR A 13 5.00 3.41 8.95
CA THR A 13 4.85 4.85 8.97
C THR A 13 4.65 5.39 7.55
N LEU A 14 3.84 6.43 7.43
CA LEU A 14 3.61 7.06 6.13
C LEU A 14 4.49 8.29 6.00
N PRO A 15 4.77 8.72 4.75
CA PRO A 15 5.50 9.96 4.51
C PRO A 15 4.64 11.16 4.90
N ASP A 16 3.35 10.90 5.04
CA ASP A 16 2.37 11.88 5.48
C ASP A 16 2.59 12.23 6.95
N GLY A 17 3.18 11.30 7.69
CA GLY A 17 3.31 11.45 9.12
C GLY A 17 2.28 10.61 9.86
N THR A 18 1.50 9.87 9.08
CA THR A 18 0.46 9.02 9.61
C THR A 18 1.03 7.64 9.98
N VAL A 19 0.27 6.89 10.76
CA VAL A 19 0.64 5.53 11.12
C VAL A 19 -0.31 4.54 10.44
N LEU A 20 0.24 3.51 9.84
CA LEU A 20 -0.56 2.51 9.16
C LEU A 20 -0.32 1.14 9.79
N SER A 21 -1.21 0.76 10.70
CA SER A 21 -1.11 -0.52 11.35
C SER A 21 -1.83 -1.58 10.52
N ARG A 22 -1.69 -2.83 10.92
CA ARG A 22 -2.39 -3.92 10.26
C ARG A 22 -3.87 -3.91 10.65
N ALA A 23 -4.23 -2.97 11.50
CA ALA A 23 -5.62 -2.74 11.87
C ALA A 23 -6.19 -1.53 11.12
N ASP A 24 -5.29 -0.74 10.52
CA ASP A 24 -5.70 0.44 9.76
C ASP A 24 -6.21 0.07 8.38
N LEU A 25 -5.88 -1.15 7.95
CA LEU A 25 -6.35 -1.65 6.67
C LEU A 25 -7.87 -1.55 6.55
N PRO A 26 -8.37 -1.12 5.39
CA PRO A 26 -9.80 -0.96 5.14
C PRO A 26 -10.56 -2.29 5.28
N PRO A 27 -11.88 -2.22 5.53
CA PRO A 27 -12.72 -3.41 5.70
C PRO A 27 -12.68 -4.32 4.47
N LEU A 28 -12.90 -5.61 4.68
CA LEU A 28 -12.87 -6.57 3.60
C LEU A 28 -14.20 -6.57 2.85
N ASP A 29 -15.25 -6.14 3.53
CA ASP A 29 -16.59 -6.13 2.97
C ASP A 29 -16.81 -4.93 2.07
N THR A 30 -15.93 -3.93 2.18
CA THR A 30 -16.10 -2.70 1.43
C THR A 30 -15.80 -2.92 -0.04
N ARG A 31 -16.62 -2.35 -0.90
CA ARG A 31 -16.42 -2.45 -2.33
C ARG A 31 -16.37 -1.07 -2.94
N ARG A 32 -16.97 -0.10 -2.24
CA ARG A 32 -16.85 1.29 -2.62
C ARG A 32 -15.46 1.81 -2.26
N TRP A 33 -14.51 1.49 -3.12
CA TRP A 33 -13.13 1.84 -2.88
C TRP A 33 -12.84 3.30 -3.21
N VAL A 34 -12.85 4.13 -2.18
CA VAL A 34 -12.45 5.53 -2.33
C VAL A 34 -10.93 5.64 -2.38
N ALA A 35 -10.44 6.80 -2.79
CA ALA A 35 -9.00 7.01 -2.99
C ALA A 35 -8.20 6.69 -1.72
N SER A 36 -8.67 7.19 -0.58
CA SER A 36 -7.96 7.02 0.69
C SER A 36 -7.88 5.55 1.10
N ARG A 37 -8.93 4.78 0.81
CA ARG A 37 -8.93 3.35 1.13
C ARG A 37 -7.99 2.59 0.23
N LYS A 38 -7.96 2.97 -1.04
CA LYS A 38 -7.01 2.40 -1.99
C LYS A 38 -5.59 2.75 -1.58
N ALA A 39 -5.41 4.00 -1.16
CA ALA A 39 -4.10 4.48 -0.70
C ALA A 39 -3.60 3.68 0.48
N ALA A 40 -4.48 3.43 1.45
CA ALA A 40 -4.12 2.67 2.65
C ALA A 40 -3.60 1.29 2.29
N VAL A 41 -4.25 0.64 1.34
CA VAL A 41 -3.85 -0.70 0.91
C VAL A 41 -2.51 -0.69 0.21
N VAL A 42 -2.35 0.20 -0.76
CA VAL A 42 -1.12 0.24 -1.55
C VAL A 42 0.07 0.68 -0.69
N LYS A 43 -0.14 1.65 0.19
CA LYS A 43 0.92 2.10 1.10
C LYS A 43 1.37 0.97 2.00
N ALA A 44 0.42 0.11 2.38
CA ALA A 44 0.70 -1.03 3.23
C ALA A 44 1.70 -1.97 2.57
N VAL A 45 1.45 -2.28 1.31
CA VAL A 45 2.34 -3.16 0.55
C VAL A 45 3.70 -2.50 0.35
N ILE A 46 3.69 -1.22 -0.04
CA ILE A 46 4.91 -0.48 -0.31
C ILE A 46 5.79 -0.39 0.93
N HIS A 47 5.18 -0.17 2.09
CA HIS A 47 5.94 -0.02 3.33
C HIS A 47 6.27 -1.37 3.97
N GLY A 48 5.80 -2.44 3.36
CA GLY A 48 6.14 -3.77 3.85
C GLY A 48 5.27 -4.18 5.03
N LEU A 49 4.11 -3.55 5.14
CA LEU A 49 3.14 -3.90 6.18
C LEU A 49 2.49 -5.22 5.83
N ILE A 50 2.08 -5.34 4.58
CA ILE A 50 1.54 -6.57 4.03
C ILE A 50 2.19 -6.82 2.67
N THR A 51 1.82 -7.90 2.01
CA THR A 51 2.37 -8.19 0.70
C THR A 51 1.30 -7.99 -0.37
N GLU A 52 1.75 -7.71 -1.59
CA GLU A 52 0.85 -7.41 -2.71
C GLU A 52 -0.17 -8.52 -2.90
N ARG A 53 0.28 -9.77 -2.82
CA ARG A 53 -0.59 -10.93 -3.02
C ARG A 53 -1.58 -11.10 -1.87
N GLU A 54 -1.26 -10.50 -0.73
CA GLU A 54 -2.16 -10.56 0.41
C GLU A 54 -3.29 -9.57 0.23
N ALA A 55 -2.97 -8.42 -0.34
CA ALA A 55 -3.96 -7.39 -0.61
C ALA A 55 -4.96 -7.87 -1.64
N LEU A 56 -4.44 -8.43 -2.73
CA LEU A 56 -5.28 -8.97 -3.80
C LEU A 56 -6.15 -10.11 -3.28
N ASP A 57 -5.60 -10.86 -2.34
CA ASP A 57 -6.26 -12.01 -1.75
C ASP A 57 -7.46 -11.60 -0.91
N ARG A 58 -7.23 -10.71 0.04
CA ARG A 58 -8.25 -10.37 1.04
C ARG A 58 -9.32 -9.43 0.48
N TYR A 59 -8.94 -8.56 -0.44
CA TYR A 59 -9.89 -7.58 -0.97
C TYR A 59 -10.49 -8.04 -2.29
N SER A 60 -10.11 -9.24 -2.71
CA SER A 60 -10.61 -9.82 -3.96
C SER A 60 -10.28 -8.91 -5.14
N LEU A 61 -8.99 -8.76 -5.43
CA LEU A 61 -8.54 -7.86 -6.47
C LEU A 61 -7.66 -8.57 -7.48
N SER A 62 -7.45 -7.95 -8.62
CA SER A 62 -6.52 -8.43 -9.62
C SER A 62 -5.25 -7.59 -9.57
N GLU A 63 -4.16 -8.09 -10.14
CA GLU A 63 -2.90 -7.37 -10.09
C GLU A 63 -2.98 -6.09 -10.93
N GLU A 64 -3.72 -6.16 -12.02
CA GLU A 64 -3.94 -4.98 -12.87
C GLU A 64 -4.70 -3.90 -12.11
N GLU A 65 -5.53 -4.34 -11.17
CA GLU A 65 -6.26 -3.43 -10.29
C GLU A 65 -5.29 -2.70 -9.37
N PHE A 66 -4.44 -3.48 -8.71
CA PHE A 66 -3.44 -2.94 -7.80
C PHE A 66 -2.48 -2.01 -8.55
N ALA A 67 -2.22 -2.34 -9.81
CA ALA A 67 -1.40 -1.49 -10.67
C ALA A 67 -2.02 -0.10 -10.81
N LEU A 68 -3.34 -0.06 -10.90
CA LEU A 68 -4.07 1.20 -10.97
C LEU A 68 -3.94 1.95 -9.63
N TRP A 69 -4.11 1.20 -8.54
CA TRP A 69 -4.05 1.78 -7.20
C TRP A 69 -2.71 2.49 -6.96
N ARG A 70 -1.61 1.77 -7.19
CA ARG A 70 -0.29 2.35 -6.96
C ARG A 70 0.00 3.49 -7.93
N SER A 71 -0.62 3.46 -9.11
CA SER A 71 -0.43 4.49 -10.10
C SER A 71 -1.27 5.73 -9.78
N ALA A 72 -2.39 5.52 -9.11
CA ALA A 72 -3.31 6.61 -8.79
C ALA A 72 -2.94 7.26 -7.46
N VAL A 73 -2.13 6.58 -6.67
CA VAL A 73 -1.75 7.11 -5.35
C VAL A 73 -0.26 7.40 -5.27
N ALA A 74 0.55 6.35 -5.31
CA ALA A 74 1.97 6.46 -5.01
C ALA A 74 2.74 7.16 -6.12
N ALA A 75 2.36 6.89 -7.36
CA ALA A 75 3.10 7.40 -8.50
C ALA A 75 2.24 8.32 -9.36
N HIS A 76 1.19 8.88 -8.77
CA HIS A 76 0.30 9.76 -9.52
C HIS A 76 0.86 11.18 -9.54
N GLY A 77 1.90 11.41 -8.77
CA GLY A 77 2.55 12.71 -8.75
C GLY A 77 3.64 12.81 -9.80
N GLU A 78 3.34 12.38 -11.01
CA GLU A 78 4.31 12.37 -12.09
C GLU A 78 4.36 13.72 -12.81
N LYS A 79 3.82 14.75 -12.14
CA LYS A 79 3.90 16.10 -12.64
C LYS A 79 5.35 16.54 -12.72
N ALA A 80 6.08 16.25 -11.65
CA ALA A 80 7.50 16.54 -11.59
C ALA A 80 8.20 15.46 -10.76
N LEU A 81 9.27 14.92 -11.28
CA LEU A 81 10.03 13.88 -10.59
C LEU A 81 10.88 14.51 -9.50
N LYS A 82 10.26 14.68 -8.34
CA LYS A 82 10.97 15.12 -7.15
C LYS A 82 12.12 14.17 -6.86
N VAL A 83 13.16 14.66 -6.20
CA VAL A 83 14.32 13.82 -5.86
C VAL A 83 13.89 12.55 -5.10
N THR A 84 12.82 12.67 -4.34
CA THR A 84 12.29 11.55 -3.57
C THR A 84 11.36 10.69 -4.43
N MET A 85 10.96 11.22 -5.57
CA MET A 85 10.01 10.55 -6.46
C MET A 85 10.67 9.38 -7.18
N ILE A 86 11.99 9.46 -7.34
CA ILE A 86 12.73 8.39 -7.98
C ILE A 86 12.67 7.13 -7.12
N GLN A 87 12.72 7.33 -5.80
CA GLN A 87 12.61 6.22 -4.85
C GLN A 87 11.28 5.52 -5.02
N LYS A 88 10.24 6.31 -5.29
CA LYS A 88 8.92 5.77 -5.59
C LYS A 88 9.02 4.76 -6.74
N TYR A 89 9.62 5.19 -7.84
CA TYR A 89 9.70 4.38 -9.05
C TYR A 89 10.73 3.26 -8.90
N ARG A 90 11.55 3.32 -7.85
CA ARG A 90 12.53 2.26 -7.59
C ARG A 90 11.87 1.09 -6.88
N GLN A 91 10.93 1.39 -6.00
CA GLN A 91 10.25 0.35 -5.24
C GLN A 91 8.95 -0.06 -5.92
N LEU A 92 8.28 0.90 -6.53
CA LEU A 92 7.08 0.64 -7.30
C LEU A 92 7.47 0.07 -8.65
N HIS A 93 6.97 -1.11 -8.96
CA HIS A 93 7.34 -1.79 -10.19
C HIS A 93 6.24 -1.68 -11.23
N HIS A 94 6.60 -1.06 -12.35
CA HIS A 94 5.72 -0.93 -13.52
C HIS A 94 4.61 0.09 -13.29
N HIS A 95 4.92 1.34 -13.60
CA HIS A 95 3.92 2.40 -13.58
C HIS A 95 3.48 2.72 -14.99
N MET A 1 6.15 -26.03 16.43
CA MET A 1 5.40 -25.62 15.20
C MET A 1 5.45 -24.10 15.01
N TYR A 2 5.54 -23.37 16.12
CA TYR A 2 5.46 -21.91 16.12
C TYR A 2 4.05 -21.46 15.72
N LEU A 3 3.82 -21.33 14.42
CA LEU A 3 2.55 -20.86 13.88
C LEU A 3 2.10 -19.54 14.52
N LYS A 4 2.86 -18.48 14.27
CA LYS A 4 2.46 -17.14 14.66
C LYS A 4 2.76 -16.19 13.50
N ARG A 5 2.61 -16.69 12.29
CA ARG A 5 3.00 -15.96 11.11
C ARG A 5 1.97 -14.90 10.74
N VAL A 6 2.28 -13.66 11.08
CA VAL A 6 1.53 -12.52 10.59
C VAL A 6 2.19 -12.04 9.30
N ASP A 7 3.48 -12.38 9.20
CA ASP A 7 4.30 -12.09 8.02
C ASP A 7 4.49 -10.60 7.84
N GLY A 8 5.46 -10.05 8.56
CA GLY A 8 5.77 -8.64 8.45
C GLY A 8 5.47 -7.90 9.72
N PRO A 9 5.68 -6.57 9.74
CA PRO A 9 5.41 -5.73 10.91
C PRO A 9 3.91 -5.56 11.15
N ARG A 10 3.56 -4.96 12.28
CA ARG A 10 2.18 -4.71 12.60
C ARG A 10 1.81 -3.25 12.32
N GLN A 11 2.81 -2.39 12.22
CA GLN A 11 2.57 -0.99 11.94
C GLN A 11 3.74 -0.39 11.16
N VAL A 12 3.43 0.54 10.26
CA VAL A 12 4.44 1.25 9.49
C VAL A 12 4.19 2.76 9.52
N THR A 13 5.22 3.53 9.23
CA THR A 13 5.12 4.98 9.22
C THR A 13 4.76 5.48 7.81
N LEU A 14 3.96 6.54 7.75
CA LEU A 14 3.58 7.13 6.47
C LEU A 14 4.41 8.38 6.21
N PRO A 15 4.52 8.78 4.93
CA PRO A 15 5.12 10.07 4.57
C PRO A 15 4.23 11.21 5.03
N ASP A 16 2.98 10.86 5.30
CA ASP A 16 1.99 11.81 5.78
C ASP A 16 2.20 12.07 7.27
N GLY A 17 3.06 11.26 7.89
CA GLY A 17 3.34 11.40 9.31
C GLY A 17 2.43 10.53 10.15
N THR A 18 1.56 9.79 9.49
CA THR A 18 0.59 8.93 10.15
C THR A 18 1.20 7.57 10.48
N VAL A 19 0.44 6.76 11.21
CA VAL A 19 0.82 5.38 11.49
C VAL A 19 -0.21 4.43 10.89
N LEU A 20 0.27 3.52 10.06
CA LEU A 20 -0.61 2.55 9.41
C LEU A 20 -0.33 1.16 9.94
N SER A 21 -1.22 0.64 10.76
CA SER A 21 -1.11 -0.71 11.24
C SER A 21 -1.95 -1.63 10.37
N ARG A 22 -1.79 -2.93 10.53
CA ARG A 22 -2.57 -3.89 9.76
C ARG A 22 -4.04 -3.84 10.18
N ALA A 23 -4.29 -3.21 11.33
CA ALA A 23 -5.65 -3.00 11.81
C ALA A 23 -6.24 -1.73 11.21
N ASP A 24 -5.38 -0.86 10.70
CA ASP A 24 -5.82 0.38 10.06
C ASP A 24 -6.27 0.13 8.63
N LEU A 25 -5.97 -1.07 8.13
CA LEU A 25 -6.38 -1.48 6.80
C LEU A 25 -7.91 -1.48 6.69
N PRO A 26 -8.43 -1.02 5.54
CA PRO A 26 -9.87 -0.95 5.29
C PRO A 26 -10.56 -2.31 5.39
N PRO A 27 -11.89 -2.30 5.64
CA PRO A 27 -12.69 -3.53 5.73
C PRO A 27 -12.65 -4.36 4.45
N LEU A 28 -12.58 -5.68 4.61
CA LEU A 28 -12.49 -6.61 3.49
C LEU A 28 -13.70 -6.53 2.58
N ASP A 29 -14.85 -6.16 3.15
CA ASP A 29 -16.10 -6.13 2.42
C ASP A 29 -16.26 -4.81 1.64
N THR A 30 -15.18 -4.07 1.53
CA THR A 30 -15.19 -2.84 0.74
C THR A 30 -15.09 -3.17 -0.74
N ARG A 31 -16.15 -2.86 -1.46
CA ARG A 31 -16.17 -3.03 -2.90
C ARG A 31 -16.22 -1.64 -3.55
N ARG A 32 -17.04 -0.76 -2.99
CA ARG A 32 -17.07 0.62 -3.45
C ARG A 32 -15.92 1.41 -2.81
N TRP A 33 -14.72 1.13 -3.31
CA TRP A 33 -13.50 1.73 -2.78
C TRP A 33 -13.45 3.23 -3.00
N VAL A 34 -13.01 3.94 -1.98
CA VAL A 34 -12.74 5.37 -2.10
C VAL A 34 -11.23 5.58 -2.14
N ALA A 35 -10.82 6.80 -2.48
CA ALA A 35 -9.40 7.11 -2.64
C ALA A 35 -8.59 6.81 -1.39
N SER A 36 -9.09 7.24 -0.24
CA SER A 36 -8.39 7.07 1.03
C SER A 36 -8.15 5.59 1.35
N ARG A 37 -9.15 4.75 1.08
CA ARG A 37 -9.04 3.33 1.38
C ARG A 37 -8.06 2.64 0.45
N LYS A 38 -8.07 3.04 -0.82
CA LYS A 38 -7.13 2.50 -1.80
C LYS A 38 -5.70 2.86 -1.41
N ALA A 39 -5.50 4.11 -1.04
CA ALA A 39 -4.20 4.61 -0.62
C ALA A 39 -3.66 3.81 0.56
N ALA A 40 -4.52 3.55 1.53
CA ALA A 40 -4.12 2.80 2.73
C ALA A 40 -3.56 1.43 2.37
N VAL A 41 -4.22 0.76 1.42
CA VAL A 41 -3.80 -0.59 1.02
C VAL A 41 -2.47 -0.55 0.28
N VAL A 42 -2.37 0.30 -0.73
CA VAL A 42 -1.17 0.36 -1.54
C VAL A 42 0.03 0.85 -0.72
N LYS A 43 -0.21 1.79 0.20
CA LYS A 43 0.85 2.27 1.08
C LYS A 43 1.35 1.14 1.98
N ALA A 44 0.43 0.31 2.45
CA ALA A 44 0.76 -0.80 3.32
C ALA A 44 1.76 -1.73 2.63
N VAL A 45 1.49 -2.06 1.38
CA VAL A 45 2.34 -2.95 0.61
C VAL A 45 3.69 -2.29 0.32
N ILE A 46 3.65 -1.04 -0.14
CA ILE A 46 4.86 -0.32 -0.54
C ILE A 46 5.79 -0.06 0.65
N HIS A 47 5.22 0.11 1.83
CA HIS A 47 6.03 0.34 3.03
C HIS A 47 6.53 -0.96 3.62
N GLY A 48 5.91 -2.07 3.25
CA GLY A 48 6.34 -3.36 3.73
C GLY A 48 5.52 -3.86 4.91
N LEU A 49 4.35 -3.26 5.10
CA LEU A 49 3.45 -3.67 6.17
C LEU A 49 2.82 -5.01 5.82
N ILE A 50 2.22 -5.06 4.63
CA ILE A 50 1.64 -6.29 4.12
C ILE A 50 2.23 -6.59 2.76
N THR A 51 1.91 -7.75 2.21
CA THR A 51 2.38 -8.11 0.89
C THR A 51 1.32 -7.84 -0.16
N GLU A 52 1.79 -7.55 -1.37
CA GLU A 52 0.95 -7.28 -2.52
C GLU A 52 -0.04 -8.43 -2.73
N ARG A 53 0.47 -9.64 -2.55
CA ARG A 53 -0.31 -10.85 -2.76
C ARG A 53 -1.46 -10.93 -1.76
N GLU A 54 -1.21 -10.46 -0.54
CA GLU A 54 -2.22 -10.49 0.51
C GLU A 54 -3.34 -9.52 0.17
N ALA A 55 -2.97 -8.30 -0.20
CA ALA A 55 -3.93 -7.26 -0.51
C ALA A 55 -4.92 -7.74 -1.59
N LEU A 56 -4.39 -8.39 -2.62
CA LEU A 56 -5.21 -8.93 -3.68
C LEU A 56 -6.16 -10.00 -3.15
N ASP A 57 -5.61 -10.89 -2.33
CA ASP A 57 -6.37 -12.03 -1.82
C ASP A 57 -7.46 -11.59 -0.86
N ARG A 58 -7.09 -10.76 0.12
CA ARG A 58 -8.00 -10.36 1.19
C ARG A 58 -9.08 -9.38 0.70
N TYR A 59 -8.76 -8.56 -0.30
CA TYR A 59 -9.71 -7.56 -0.77
C TYR A 59 -10.33 -7.96 -2.10
N SER A 60 -10.01 -9.17 -2.55
CA SER A 60 -10.57 -9.71 -3.78
C SER A 60 -10.15 -8.86 -4.98
N LEU A 61 -8.97 -8.27 -4.89
CA LEU A 61 -8.49 -7.38 -5.93
C LEU A 61 -7.74 -8.16 -6.99
N SER A 62 -7.85 -7.71 -8.23
CA SER A 62 -7.08 -8.29 -9.31
C SER A 62 -5.76 -7.53 -9.45
N GLU A 63 -4.81 -8.14 -10.12
CA GLU A 63 -3.49 -7.56 -10.28
C GLU A 63 -3.57 -6.25 -11.06
N GLU A 64 -4.43 -6.22 -12.07
CA GLU A 64 -4.63 -5.01 -12.87
C GLU A 64 -5.32 -3.91 -12.07
N GLU A 65 -6.09 -4.31 -11.07
CA GLU A 65 -6.72 -3.37 -10.15
C GLU A 65 -5.64 -2.64 -9.33
N PHE A 66 -4.84 -3.43 -8.63
CA PHE A 66 -3.77 -2.88 -7.79
C PHE A 66 -2.77 -2.09 -8.64
N ALA A 67 -2.62 -2.51 -9.91
CA ALA A 67 -1.76 -1.81 -10.85
C ALA A 67 -2.24 -0.38 -11.06
N LEU A 68 -3.56 -0.19 -11.09
CA LEU A 68 -4.14 1.14 -11.23
C LEU A 68 -3.94 1.95 -9.96
N TRP A 69 -4.12 1.29 -8.82
CA TRP A 69 -3.91 1.93 -7.51
C TRP A 69 -2.50 2.51 -7.43
N ARG A 70 -1.51 1.67 -7.70
CA ARG A 70 -0.11 2.09 -7.66
C ARG A 70 0.22 3.03 -8.82
N SER A 71 -0.61 2.99 -9.85
CA SER A 71 -0.41 3.88 -11.00
C SER A 71 -0.73 5.31 -10.60
N ALA A 72 -1.79 5.48 -9.82
CA ALA A 72 -2.20 6.80 -9.37
C ALA A 72 -1.41 7.26 -8.15
N VAL A 73 -1.25 6.36 -7.18
CA VAL A 73 -0.62 6.72 -5.90
C VAL A 73 0.91 6.74 -6.01
N ALA A 74 1.49 5.67 -6.56
CA ALA A 74 2.95 5.54 -6.60
C ALA A 74 3.54 6.35 -7.77
N ALA A 75 2.76 7.30 -8.26
CA ALA A 75 3.23 8.24 -9.26
C ALA A 75 2.82 9.66 -8.86
N HIS A 76 2.39 9.78 -7.61
CA HIS A 76 1.94 11.06 -7.08
C HIS A 76 3.13 11.94 -6.72
N GLY A 77 3.35 12.97 -7.51
CA GLY A 77 4.40 13.93 -7.24
C GLY A 77 3.85 15.28 -6.87
N GLU A 78 3.83 15.59 -5.58
CA GLU A 78 3.33 16.87 -5.12
C GLU A 78 4.44 17.91 -5.13
N LYS A 79 5.67 17.43 -5.02
CA LYS A 79 6.82 18.30 -4.99
C LYS A 79 7.41 18.47 -6.40
N ALA A 80 7.79 17.36 -7.02
CA ALA A 80 8.38 17.37 -8.35
C ALA A 80 8.56 15.95 -8.85
N LEU A 81 8.62 15.78 -10.16
CA LEU A 81 8.86 14.47 -10.74
C LEU A 81 10.22 14.44 -11.42
N LYS A 82 11.25 14.20 -10.62
CA LYS A 82 12.61 14.09 -11.10
C LYS A 82 13.00 12.62 -11.22
N VAL A 83 14.01 12.32 -12.03
CA VAL A 83 14.45 10.94 -12.27
C VAL A 83 14.64 10.15 -10.97
N THR A 84 15.17 10.81 -9.95
CA THR A 84 15.42 10.18 -8.67
C THR A 84 14.12 9.99 -7.88
N MET A 85 13.20 10.93 -8.05
CA MET A 85 11.96 10.94 -7.27
C MET A 85 11.03 9.82 -7.69
N ILE A 86 11.09 9.41 -8.96
CA ILE A 86 10.23 8.34 -9.47
C ILE A 86 10.38 7.07 -8.64
N GLN A 87 11.62 6.71 -8.32
CA GLN A 87 11.87 5.53 -7.49
C GLN A 87 11.36 5.75 -6.08
N LYS A 88 11.37 6.99 -5.63
CA LYS A 88 10.91 7.32 -4.28
C LYS A 88 9.39 7.27 -4.19
N TYR A 89 8.72 7.30 -5.33
CA TYR A 89 7.28 7.16 -5.37
C TYR A 89 6.88 5.70 -5.59
N ARG A 90 7.56 5.05 -6.53
CA ARG A 90 7.32 3.64 -6.82
C ARG A 90 7.64 2.78 -5.61
N GLN A 91 8.76 3.09 -4.97
CA GLN A 91 9.18 2.39 -3.78
C GLN A 91 9.20 3.39 -2.63
N LEU A 92 8.05 3.98 -2.38
CA LEU A 92 7.91 4.99 -1.33
C LEU A 92 8.18 4.39 0.04
N HIS A 93 9.39 4.64 0.53
CA HIS A 93 9.77 4.20 1.86
C HIS A 93 9.72 5.38 2.83
N HIS A 94 10.26 6.50 2.37
CA HIS A 94 10.30 7.73 3.15
C HIS A 94 10.66 8.90 2.23
N HIS A 95 10.13 10.09 2.51
CA HIS A 95 10.44 11.25 1.69
C HIS A 95 11.83 11.80 2.02
N MET A 1 10.33 -14.81 20.73
CA MET A 1 11.36 -15.21 19.75
C MET A 1 11.45 -14.20 18.63
N TYR A 2 12.64 -13.66 18.42
CA TYR A 2 12.91 -12.72 17.34
C TYR A 2 14.11 -13.18 16.51
N LEU A 3 14.64 -14.35 16.84
CA LEU A 3 15.80 -14.90 16.14
C LEU A 3 15.36 -15.56 14.84
N LYS A 4 14.60 -16.64 14.98
CA LYS A 4 14.11 -17.38 13.82
C LYS A 4 12.65 -17.09 13.55
N ARG A 5 12.14 -16.03 14.18
CA ARG A 5 10.76 -15.63 13.98
C ARG A 5 10.62 -14.13 13.96
N VAL A 6 10.54 -13.56 12.77
CA VAL A 6 10.27 -12.14 12.62
C VAL A 6 8.78 -11.95 12.34
N ASP A 7 8.05 -11.54 13.36
CA ASP A 7 6.61 -11.33 13.25
C ASP A 7 6.33 -10.29 12.19
N GLY A 8 5.31 -10.53 11.39
CA GLY A 8 4.95 -9.63 10.31
C GLY A 8 4.71 -8.22 10.82
N PRO A 9 5.22 -7.20 10.10
CA PRO A 9 5.12 -5.79 10.53
C PRO A 9 3.72 -5.43 10.96
N ARG A 10 3.61 -4.85 12.15
CA ARG A 10 2.31 -4.58 12.75
C ARG A 10 1.92 -3.13 12.53
N GLN A 11 2.88 -2.31 12.14
CA GLN A 11 2.61 -0.91 11.81
C GLN A 11 3.79 -0.31 11.02
N VAL A 12 3.47 0.52 10.06
CA VAL A 12 4.47 1.20 9.24
C VAL A 12 4.19 2.69 9.19
N THR A 13 5.17 3.48 8.81
CA THR A 13 5.01 4.92 8.74
C THR A 13 4.63 5.37 7.33
N LEU A 14 3.66 6.28 7.24
CA LEU A 14 3.26 6.85 5.96
C LEU A 14 4.15 8.04 5.61
N PRO A 15 4.19 8.44 4.34
CA PRO A 15 4.88 9.67 3.93
C PRO A 15 4.15 10.89 4.46
N ASP A 16 2.90 10.64 4.86
CA ASP A 16 2.03 11.66 5.44
C ASP A 16 2.47 11.97 6.87
N GLY A 17 3.26 11.07 7.45
CA GLY A 17 3.67 11.20 8.83
C GLY A 17 2.76 10.41 9.75
N THR A 18 1.72 9.85 9.16
CA THR A 18 0.74 9.06 9.90
C THR A 18 1.30 7.65 10.17
N VAL A 19 0.60 6.90 11.03
CA VAL A 19 0.97 5.52 11.32
C VAL A 19 -0.05 4.57 10.69
N LEU A 20 0.45 3.55 10.00
CA LEU A 20 -0.39 2.57 9.35
C LEU A 20 -0.22 1.21 10.01
N SER A 21 -1.12 0.88 10.91
CA SER A 21 -1.08 -0.41 11.56
C SER A 21 -1.84 -1.44 10.74
N ARG A 22 -1.78 -2.70 11.15
CA ARG A 22 -2.49 -3.75 10.45
C ARG A 22 -3.99 -3.64 10.66
N ALA A 23 -4.38 -2.79 11.61
CA ALA A 23 -5.78 -2.53 11.88
C ALA A 23 -6.25 -1.26 11.18
N ASP A 24 -5.31 -0.56 10.54
CA ASP A 24 -5.64 0.65 9.79
C ASP A 24 -6.11 0.30 8.40
N LEU A 25 -5.86 -0.93 7.98
CA LEU A 25 -6.34 -1.44 6.71
C LEU A 25 -7.87 -1.37 6.65
N PRO A 26 -8.42 -1.00 5.50
CA PRO A 26 -9.87 -0.92 5.30
C PRO A 26 -10.54 -2.28 5.45
N PRO A 27 -11.77 -2.30 5.98
CA PRO A 27 -12.52 -3.54 6.22
C PRO A 27 -12.80 -4.32 4.93
N LEU A 28 -12.97 -5.63 5.07
CA LEU A 28 -13.20 -6.51 3.93
C LEU A 28 -14.59 -6.27 3.33
N ASP A 29 -15.40 -5.48 4.03
CA ASP A 29 -16.77 -5.19 3.59
C ASP A 29 -16.76 -4.04 2.59
N THR A 30 -15.61 -3.41 2.43
CA THR A 30 -15.49 -2.29 1.52
C THR A 30 -15.36 -2.78 0.08
N ARG A 31 -16.45 -2.72 -0.66
CA ARG A 31 -16.40 -2.99 -2.09
C ARG A 31 -16.44 -1.66 -2.84
N ARG A 32 -17.15 -0.70 -2.28
CA ARG A 32 -17.18 0.65 -2.82
C ARG A 32 -15.88 1.35 -2.42
N TRP A 33 -14.83 1.04 -3.16
CA TRP A 33 -13.49 1.56 -2.86
C TRP A 33 -13.33 3.03 -3.23
N VAL A 34 -13.03 3.84 -2.23
CA VAL A 34 -12.67 5.22 -2.45
C VAL A 34 -11.15 5.35 -2.45
N ALA A 35 -10.64 6.46 -2.98
CA ALA A 35 -9.19 6.66 -3.14
C ALA A 35 -8.44 6.52 -1.82
N SER A 36 -9.00 7.06 -0.75
CA SER A 36 -8.35 7.02 0.56
C SER A 36 -8.17 5.59 1.06
N ARG A 37 -9.21 4.78 0.92
CA ARG A 37 -9.16 3.38 1.34
C ARG A 37 -8.23 2.58 0.44
N LYS A 38 -8.23 2.90 -0.85
CA LYS A 38 -7.30 2.29 -1.80
C LYS A 38 -5.87 2.62 -1.42
N ALA A 39 -5.63 3.88 -1.08
CA ALA A 39 -4.32 4.35 -0.67
C ALA A 39 -3.82 3.59 0.54
N ALA A 40 -4.70 3.37 1.50
CA ALA A 40 -4.34 2.65 2.73
C ALA A 40 -3.80 1.26 2.40
N VAL A 41 -4.45 0.58 1.48
CA VAL A 41 -4.03 -0.76 1.07
C VAL A 41 -2.68 -0.74 0.38
N VAL A 42 -2.54 0.12 -0.63
CA VAL A 42 -1.33 0.15 -1.42
C VAL A 42 -0.14 0.68 -0.62
N LYS A 43 -0.39 1.65 0.27
CA LYS A 43 0.66 2.17 1.13
C LYS A 43 1.19 1.08 2.03
N ALA A 44 0.30 0.18 2.44
CA ALA A 44 0.69 -0.96 3.27
C ALA A 44 1.67 -1.85 2.55
N VAL A 45 1.39 -2.13 1.28
CA VAL A 45 2.26 -2.97 0.47
C VAL A 45 3.60 -2.28 0.21
N ILE A 46 3.53 -0.99 -0.09
CA ILE A 46 4.72 -0.21 -0.40
C ILE A 46 5.64 -0.05 0.82
N HIS A 47 5.03 0.14 1.99
CA HIS A 47 5.83 0.31 3.22
C HIS A 47 6.24 -1.03 3.80
N GLY A 48 5.60 -2.10 3.36
CA GLY A 48 5.97 -3.42 3.81
C GLY A 48 5.16 -3.90 5.00
N LEU A 49 3.96 -3.36 5.15
CA LEU A 49 3.04 -3.80 6.19
C LEU A 49 2.44 -5.13 5.78
N ILE A 50 2.00 -5.20 4.53
CA ILE A 50 1.49 -6.42 3.95
C ILE A 50 2.13 -6.62 2.59
N THR A 51 1.94 -7.80 2.01
CA THR A 51 2.46 -8.06 0.68
C THR A 51 1.37 -7.82 -0.36
N GLU A 52 1.79 -7.58 -1.59
CA GLU A 52 0.88 -7.32 -2.70
C GLU A 52 -0.10 -8.48 -2.88
N ARG A 53 0.41 -9.70 -2.75
CA ARG A 53 -0.41 -10.89 -2.92
C ARG A 53 -1.40 -11.04 -1.76
N GLU A 54 -1.08 -10.40 -0.64
CA GLU A 54 -1.99 -10.36 0.49
C GLU A 54 -3.19 -9.48 0.14
N ALA A 55 -2.89 -8.31 -0.41
CA ALA A 55 -3.92 -7.34 -0.76
C ALA A 55 -4.82 -7.89 -1.86
N LEU A 56 -4.22 -8.47 -2.88
CA LEU A 56 -4.97 -9.03 -4.00
C LEU A 56 -5.85 -10.19 -3.55
N ASP A 57 -5.40 -10.89 -2.53
CA ASP A 57 -6.14 -12.03 -2.01
C ASP A 57 -7.28 -11.58 -1.10
N ARG A 58 -6.94 -10.87 -0.02
CA ARG A 58 -7.91 -10.50 1.01
C ARG A 58 -8.98 -9.57 0.47
N TYR A 59 -8.62 -8.74 -0.52
CA TYR A 59 -9.59 -7.80 -1.08
C TYR A 59 -10.09 -8.27 -2.43
N SER A 60 -9.64 -9.46 -2.84
CA SER A 60 -10.06 -10.06 -4.11
C SER A 60 -9.79 -9.10 -5.27
N LEU A 61 -8.55 -8.63 -5.35
CA LEU A 61 -8.16 -7.68 -6.37
C LEU A 61 -7.32 -8.36 -7.43
N SER A 62 -7.42 -7.87 -8.65
CA SER A 62 -6.60 -8.36 -9.74
C SER A 62 -5.33 -7.52 -9.86
N GLU A 63 -4.32 -8.06 -10.52
CA GLU A 63 -3.06 -7.37 -10.69
C GLU A 63 -3.26 -6.08 -11.49
N GLU A 64 -4.18 -6.13 -12.45
CA GLU A 64 -4.55 -4.98 -13.25
C GLU A 64 -5.06 -3.84 -12.37
N GLU A 65 -5.79 -4.20 -11.32
CA GLU A 65 -6.40 -3.23 -10.43
C GLU A 65 -5.33 -2.57 -9.55
N PHE A 66 -4.53 -3.40 -8.87
CA PHE A 66 -3.51 -2.90 -7.96
C PHE A 66 -2.48 -2.06 -8.70
N ALA A 67 -2.24 -2.38 -9.97
CA ALA A 67 -1.35 -1.59 -10.81
C ALA A 67 -1.83 -0.15 -10.89
N LEU A 68 -3.14 0.02 -11.03
CA LEU A 68 -3.75 1.34 -11.08
C LEU A 68 -3.61 2.02 -9.73
N TRP A 69 -3.91 1.28 -8.67
CA TRP A 69 -3.82 1.80 -7.31
C TRP A 69 -2.46 2.43 -7.04
N ARG A 70 -1.40 1.66 -7.23
CA ARG A 70 -0.06 2.11 -6.91
C ARG A 70 0.36 3.28 -7.80
N SER A 71 -0.14 3.31 -9.02
CA SER A 71 0.21 4.37 -9.96
C SER A 71 -0.50 5.68 -9.60
N ALA A 72 -1.69 5.57 -9.03
CA ALA A 72 -2.45 6.76 -8.65
C ALA A 72 -1.97 7.30 -7.29
N VAL A 73 -1.79 6.40 -6.34
CA VAL A 73 -1.42 6.81 -4.99
C VAL A 73 0.03 7.27 -4.91
N ALA A 74 0.91 6.64 -5.66
CA ALA A 74 2.32 7.04 -5.68
C ALA A 74 2.48 8.40 -6.36
N ALA A 75 1.62 8.67 -7.33
CA ALA A 75 1.63 9.93 -8.04
C ALA A 75 0.95 11.02 -7.21
N HIS A 76 0.17 10.60 -6.22
CA HIS A 76 -0.47 11.54 -5.31
C HIS A 76 0.59 12.25 -4.47
N GLY A 77 0.53 13.57 -4.42
CA GLY A 77 1.51 14.34 -3.67
C GLY A 77 2.85 14.35 -4.36
N GLU A 78 2.82 14.38 -5.69
CA GLU A 78 4.02 14.37 -6.53
C GLU A 78 4.99 15.49 -6.16
N LYS A 79 4.48 16.60 -5.66
CA LYS A 79 5.28 17.78 -5.43
C LYS A 79 5.80 17.82 -3.99
N ALA A 80 5.58 16.74 -3.27
CA ALA A 80 6.08 16.61 -1.91
C ALA A 80 7.21 15.57 -1.89
N LEU A 81 8.42 16.02 -1.61
CA LEU A 81 9.57 15.13 -1.60
C LEU A 81 10.11 14.96 -0.18
N LYS A 82 9.32 14.35 0.68
CA LYS A 82 9.75 14.01 2.02
C LYS A 82 10.53 12.71 1.98
N VAL A 83 11.32 12.43 3.02
CA VAL A 83 12.16 11.23 3.07
C VAL A 83 11.36 9.94 2.80
N THR A 84 10.08 9.94 3.13
CA THR A 84 9.24 8.77 2.95
C THR A 84 8.49 8.81 1.61
N MET A 85 8.76 9.83 0.80
CA MET A 85 8.06 10.02 -0.46
C MET A 85 8.81 9.38 -1.63
N ILE A 86 10.13 9.23 -1.46
CA ILE A 86 10.98 8.76 -2.56
C ILE A 86 10.58 7.36 -3.02
N GLN A 87 10.26 6.48 -2.07
CA GLN A 87 9.88 5.11 -2.40
C GLN A 87 8.67 5.10 -3.34
N LYS A 88 7.80 6.10 -3.20
CA LYS A 88 6.63 6.23 -4.06
C LYS A 88 7.04 6.43 -5.51
N TYR A 89 8.14 7.14 -5.71
CA TYR A 89 8.59 7.50 -7.04
C TYR A 89 9.55 6.44 -7.59
N ARG A 90 9.95 5.52 -6.73
CA ARG A 90 10.86 4.45 -7.13
C ARG A 90 10.09 3.15 -7.42
N GLN A 91 8.92 3.00 -6.82
CA GLN A 91 8.10 1.83 -7.08
C GLN A 91 7.16 2.15 -8.23
N LEU A 92 6.94 3.44 -8.46
CA LEU A 92 6.26 3.89 -9.65
C LEU A 92 7.22 3.75 -10.82
N HIS A 93 7.32 2.52 -11.31
CA HIS A 93 8.25 2.17 -12.35
C HIS A 93 7.90 0.76 -12.85
N HIS A 94 6.87 0.69 -13.69
CA HIS A 94 6.24 -0.57 -14.12
C HIS A 94 5.92 -1.49 -12.94
N HIS A 95 5.45 -2.68 -13.24
CA HIS A 95 5.15 -3.67 -12.21
C HIS A 95 6.19 -4.77 -12.24
N MET A 1 2.14 -26.61 18.33
CA MET A 1 2.31 -26.08 16.96
C MET A 1 3.33 -24.96 16.95
N TYR A 2 4.16 -24.93 15.91
CA TYR A 2 5.13 -23.86 15.76
C TYR A 2 4.48 -22.71 15.01
N LEU A 3 4.87 -21.48 15.34
CA LEU A 3 4.32 -20.31 14.68
C LEU A 3 4.88 -20.23 13.27
N LYS A 4 4.24 -20.93 12.34
CA LYS A 4 4.63 -20.89 10.95
C LYS A 4 3.65 -20.03 10.17
N ARG A 5 3.94 -18.74 10.13
CA ARG A 5 3.09 -17.77 9.47
C ARG A 5 3.91 -16.54 9.15
N VAL A 6 3.47 -15.72 8.21
CA VAL A 6 4.18 -14.48 7.91
C VAL A 6 3.94 -13.48 9.04
N ASP A 7 4.86 -13.45 9.99
CA ASP A 7 4.76 -12.57 11.13
C ASP A 7 5.62 -11.34 10.90
N GLY A 8 5.03 -10.30 10.33
CA GLY A 8 5.79 -9.11 10.01
C GLY A 8 5.48 -7.97 10.95
N PRO A 9 5.65 -6.72 10.50
CA PRO A 9 5.36 -5.54 11.30
C PRO A 9 3.87 -5.30 11.43
N ARG A 10 3.44 -4.84 12.60
CA ARG A 10 2.03 -4.51 12.80
C ARG A 10 1.78 -3.04 12.47
N GLN A 11 2.84 -2.26 12.38
CA GLN A 11 2.70 -0.84 12.08
C GLN A 11 3.86 -0.35 11.21
N VAL A 12 3.55 0.57 10.31
CA VAL A 12 4.56 1.26 9.50
C VAL A 12 4.29 2.75 9.51
N THR A 13 5.16 3.53 8.90
CA THR A 13 5.01 4.98 8.88
C THR A 13 4.64 5.48 7.49
N LEU A 14 3.81 6.51 7.43
CA LEU A 14 3.43 7.14 6.18
C LEU A 14 4.35 8.33 5.90
N PRO A 15 4.47 8.72 4.61
CA PRO A 15 5.18 9.95 4.24
C PRO A 15 4.40 11.18 4.68
N ASP A 16 3.22 10.92 5.22
CA ASP A 16 2.33 11.95 5.71
C ASP A 16 2.51 12.13 7.21
N GLY A 17 3.40 11.32 7.79
CA GLY A 17 3.69 11.43 9.22
C GLY A 17 2.77 10.58 10.07
N THR A 18 1.90 9.82 9.42
CA THR A 18 0.92 9.00 10.11
C THR A 18 1.47 7.58 10.35
N VAL A 19 0.76 6.82 11.18
CA VAL A 19 1.11 5.42 11.41
C VAL A 19 0.09 4.52 10.76
N LEU A 20 0.57 3.56 9.98
CA LEU A 20 -0.29 2.62 9.30
C LEU A 20 -0.12 1.24 9.89
N SER A 21 -1.10 0.79 10.65
CA SER A 21 -1.07 -0.53 11.22
C SER A 21 -1.84 -1.49 10.33
N ARG A 22 -1.68 -2.79 10.55
CA ARG A 22 -2.40 -3.79 9.77
C ARG A 22 -3.87 -3.82 10.17
N ALA A 23 -4.21 -2.99 11.16
CA ALA A 23 -5.59 -2.82 11.59
C ALA A 23 -6.23 -1.64 10.87
N ASP A 24 -5.40 -0.78 10.28
CA ASP A 24 -5.89 0.40 9.56
C ASP A 24 -6.36 0.01 8.18
N LEU A 25 -6.04 -1.21 7.76
CA LEU A 25 -6.48 -1.72 6.47
C LEU A 25 -8.00 -1.71 6.40
N PRO A 26 -8.55 -1.15 5.30
CA PRO A 26 -10.00 -1.05 5.07
C PRO A 26 -10.71 -2.41 5.16
N PRO A 27 -12.00 -2.40 5.46
CA PRO A 27 -12.81 -3.63 5.58
C PRO A 27 -12.87 -4.41 4.27
N LEU A 28 -13.13 -5.71 4.38
CA LEU A 28 -13.16 -6.59 3.22
C LEU A 28 -14.51 -6.49 2.50
N ASP A 29 -15.37 -5.62 3.03
CA ASP A 29 -16.70 -5.43 2.47
C ASP A 29 -16.73 -4.25 1.52
N THR A 30 -15.58 -3.61 1.36
CA THR A 30 -15.49 -2.41 0.56
C THR A 30 -15.29 -2.74 -0.92
N ARG A 31 -16.18 -2.22 -1.75
CA ARG A 31 -15.96 -2.23 -3.18
C ARG A 31 -16.10 -0.83 -3.74
N ARG A 32 -16.80 0.04 -3.02
CA ARG A 32 -16.80 1.46 -3.34
C ARG A 32 -15.51 2.08 -2.81
N TRP A 33 -14.41 1.71 -3.44
CA TRP A 33 -13.09 2.10 -2.99
C TRP A 33 -12.81 3.58 -3.26
N VAL A 34 -12.80 4.37 -2.18
CA VAL A 34 -12.36 5.75 -2.28
C VAL A 34 -10.83 5.80 -2.23
N ALA A 35 -10.27 6.95 -2.58
CA ALA A 35 -8.82 7.10 -2.65
C ALA A 35 -8.17 6.80 -1.31
N SER A 36 -8.82 7.23 -0.24
CA SER A 36 -8.34 7.03 1.11
C SER A 36 -8.12 5.54 1.42
N ARG A 37 -9.09 4.72 1.05
CA ARG A 37 -9.05 3.30 1.34
C ARG A 37 -8.07 2.58 0.42
N LYS A 38 -8.04 2.99 -0.84
CA LYS A 38 -7.08 2.44 -1.80
C LYS A 38 -5.65 2.73 -1.36
N ALA A 39 -5.43 3.98 -0.93
CA ALA A 39 -4.13 4.42 -0.48
C ALA A 39 -3.65 3.58 0.70
N ALA A 40 -4.54 3.33 1.65
CA ALA A 40 -4.20 2.55 2.84
C ALA A 40 -3.65 1.18 2.46
N VAL A 41 -4.30 0.54 1.49
CA VAL A 41 -3.88 -0.79 1.04
C VAL A 41 -2.52 -0.74 0.34
N VAL A 42 -2.41 0.12 -0.66
CA VAL A 42 -1.21 0.19 -1.48
C VAL A 42 -0.01 0.70 -0.65
N LYS A 43 -0.26 1.66 0.24
CA LYS A 43 0.81 2.20 1.09
C LYS A 43 1.31 1.13 2.05
N ALA A 44 0.42 0.20 2.42
CA ALA A 44 0.81 -0.90 3.30
C ALA A 44 1.82 -1.80 2.61
N VAL A 45 1.61 -2.03 1.32
CA VAL A 45 2.52 -2.86 0.54
C VAL A 45 3.84 -2.12 0.30
N ILE A 46 3.73 -0.82 0.03
CA ILE A 46 4.90 0.00 -0.29
C ILE A 46 5.80 0.21 0.94
N HIS A 47 5.21 0.29 2.12
CA HIS A 47 5.99 0.53 3.34
C HIS A 47 6.45 -0.77 3.99
N GLY A 48 6.08 -1.90 3.40
CA GLY A 48 6.51 -3.18 3.93
C GLY A 48 5.70 -3.63 5.11
N LEU A 49 4.40 -3.35 5.07
CA LEU A 49 3.49 -3.76 6.12
C LEU A 49 2.81 -5.07 5.72
N ILE A 50 2.36 -5.12 4.47
CA ILE A 50 1.78 -6.32 3.91
C ILE A 50 2.40 -6.58 2.54
N THR A 51 2.06 -7.71 1.94
CA THR A 51 2.53 -8.01 0.61
C THR A 51 1.41 -7.82 -0.41
N GLU A 52 1.78 -7.55 -1.66
CA GLU A 52 0.81 -7.31 -2.74
C GLU A 52 -0.19 -8.45 -2.83
N ARG A 53 0.32 -9.68 -2.74
CA ARG A 53 -0.50 -10.86 -2.88
C ARG A 53 -1.49 -11.00 -1.73
N GLU A 54 -1.15 -10.45 -0.56
CA GLU A 54 -2.06 -10.51 0.58
C GLU A 54 -3.20 -9.53 0.35
N ALA A 55 -2.86 -8.36 -0.19
CA ALA A 55 -3.86 -7.35 -0.51
C ALA A 55 -4.83 -7.88 -1.55
N LEU A 56 -4.28 -8.47 -2.60
CA LEU A 56 -5.09 -9.05 -3.67
C LEU A 56 -5.93 -10.21 -3.13
N ASP A 57 -5.35 -10.98 -2.22
CA ASP A 57 -6.02 -12.14 -1.66
C ASP A 57 -7.19 -11.74 -0.76
N ARG A 58 -6.92 -10.91 0.24
CA ARG A 58 -7.92 -10.58 1.26
C ARG A 58 -9.04 -9.70 0.70
N TYR A 59 -8.78 -8.99 -0.39
CA TYR A 59 -9.79 -8.10 -0.96
C TYR A 59 -10.36 -8.64 -2.27
N SER A 60 -9.87 -9.81 -2.70
CA SER A 60 -10.32 -10.41 -3.94
C SER A 60 -10.00 -9.48 -5.12
N LEU A 61 -8.79 -8.96 -5.12
CA LEU A 61 -8.35 -8.04 -6.16
C LEU A 61 -7.46 -8.77 -7.17
N SER A 62 -7.33 -8.18 -8.35
CA SER A 62 -6.47 -8.73 -9.38
C SER A 62 -5.34 -7.74 -9.68
N GLU A 63 -4.35 -8.16 -10.47
CA GLU A 63 -3.24 -7.29 -10.86
C GLU A 63 -3.76 -6.00 -11.49
N GLU A 64 -4.76 -6.14 -12.36
CA GLU A 64 -5.40 -4.99 -13.01
C GLU A 64 -5.82 -3.94 -11.99
N GLU A 65 -6.27 -4.39 -10.84
CA GLU A 65 -6.80 -3.52 -9.80
C GLU A 65 -5.65 -2.80 -9.10
N PHE A 66 -4.77 -3.57 -8.47
CA PHE A 66 -3.70 -3.02 -7.65
C PHE A 66 -2.74 -2.15 -8.47
N ALA A 67 -2.56 -2.51 -9.74
CA ALA A 67 -1.70 -1.74 -10.63
C ALA A 67 -2.24 -0.32 -10.80
N LEU A 68 -3.56 -0.20 -10.83
CA LEU A 68 -4.21 1.11 -10.97
C LEU A 68 -4.14 1.86 -9.65
N TRP A 69 -4.29 1.14 -8.55
CA TRP A 69 -4.22 1.73 -7.22
C TRP A 69 -2.88 2.45 -7.02
N ARG A 70 -1.79 1.76 -7.35
CA ARG A 70 -0.47 2.37 -7.24
C ARG A 70 -0.24 3.38 -8.37
N SER A 71 -0.95 3.22 -9.48
CA SER A 71 -0.89 4.21 -10.55
C SER A 71 -1.46 5.55 -10.04
N ALA A 72 -2.41 5.46 -9.13
CA ALA A 72 -3.00 6.65 -8.52
C ALA A 72 -2.17 7.14 -7.34
N VAL A 73 -1.92 6.25 -6.38
CA VAL A 73 -1.31 6.64 -5.12
C VAL A 73 0.22 6.72 -5.19
N ALA A 74 0.86 5.72 -5.79
CA ALA A 74 2.32 5.69 -5.85
C ALA A 74 2.83 6.76 -6.81
N ALA A 75 2.19 6.87 -7.96
CA ALA A 75 2.57 7.88 -8.95
C ALA A 75 2.09 9.27 -8.54
N HIS A 76 1.49 9.37 -7.36
CA HIS A 76 1.10 10.64 -6.79
C HIS A 76 2.35 11.36 -6.28
N GLY A 77 2.72 12.45 -6.94
CA GLY A 77 3.94 13.16 -6.61
C GLY A 77 5.11 12.69 -7.45
N GLU A 78 4.80 12.15 -8.63
CA GLU A 78 5.83 11.62 -9.54
C GLU A 78 6.68 12.74 -10.12
N LYS A 79 6.18 13.96 -10.06
CA LYS A 79 6.85 15.10 -10.67
C LYS A 79 7.98 15.61 -9.78
N ALA A 80 7.97 15.19 -8.53
CA ALA A 80 8.96 15.65 -7.56
C ALA A 80 9.65 14.47 -6.89
N LEU A 81 10.87 14.18 -7.30
CA LEU A 81 11.63 13.08 -6.73
C LEU A 81 12.24 13.48 -5.40
N LYS A 82 11.41 13.49 -4.37
CA LYS A 82 11.85 13.79 -3.02
C LYS A 82 12.45 12.52 -2.41
N VAL A 83 13.21 12.65 -1.33
CA VAL A 83 13.87 11.50 -0.70
C VAL A 83 12.88 10.36 -0.42
N THR A 84 11.65 10.73 -0.10
CA THR A 84 10.61 9.75 0.21
C THR A 84 10.16 9.00 -1.05
N MET A 85 10.34 9.62 -2.20
CA MET A 85 9.90 9.06 -3.47
C MET A 85 10.80 7.92 -3.91
N ILE A 86 12.04 7.92 -3.43
CA ILE A 86 12.99 6.87 -3.81
C ILE A 86 12.54 5.51 -3.31
N GLN A 87 11.78 5.49 -2.21
CA GLN A 87 11.23 4.24 -1.70
C GLN A 87 10.32 3.59 -2.75
N LYS A 88 9.55 4.43 -3.43
CA LYS A 88 8.67 3.96 -4.49
C LYS A 88 9.49 3.41 -5.64
N TYR A 89 10.64 4.02 -5.89
CA TYR A 89 11.47 3.65 -7.04
C TYR A 89 12.32 2.41 -6.75
N ARG A 90 12.67 2.20 -5.48
CA ARG A 90 13.46 1.02 -5.10
C ARG A 90 12.57 -0.23 -5.10
N GLN A 91 11.29 -0.04 -4.81
CA GLN A 91 10.34 -1.15 -4.83
C GLN A 91 9.65 -1.22 -6.20
N LEU A 92 9.99 -0.27 -7.07
CA LEU A 92 9.34 -0.15 -8.38
C LEU A 92 9.64 -1.37 -9.25
N HIS A 93 8.59 -2.08 -9.63
CA HIS A 93 8.67 -3.17 -10.58
C HIS A 93 7.42 -3.11 -11.45
N HIS A 94 7.48 -3.71 -12.63
CA HIS A 94 6.29 -3.78 -13.47
C HIS A 94 5.25 -4.64 -12.76
N HIS A 95 5.73 -5.76 -12.23
CA HIS A 95 4.95 -6.59 -11.33
C HIS A 95 5.87 -7.58 -10.63
N MET A 1 15.33 -10.90 4.16
CA MET A 1 15.05 -9.52 3.66
C MET A 1 15.74 -8.48 4.56
N TYR A 2 16.20 -8.92 5.72
CA TYR A 2 16.80 -8.04 6.71
C TYR A 2 17.29 -8.88 7.86
N LEU A 3 16.35 -9.48 8.58
CA LEU A 3 16.64 -10.50 9.56
C LEU A 3 16.55 -11.86 8.89
N LYS A 4 16.82 -12.93 9.64
CA LYS A 4 16.75 -14.28 9.08
C LYS A 4 15.34 -14.82 9.14
N ARG A 5 14.44 -14.06 9.73
CA ARG A 5 13.04 -14.42 9.80
C ARG A 5 12.17 -13.22 9.46
N VAL A 6 11.05 -13.46 8.79
CA VAL A 6 10.13 -12.40 8.44
C VAL A 6 9.13 -12.17 9.57
N ASP A 7 9.42 -11.20 10.42
CA ASP A 7 8.50 -10.82 11.48
C ASP A 7 7.45 -9.87 10.91
N GLY A 8 6.19 -10.25 11.02
CA GLY A 8 5.11 -9.46 10.45
C GLY A 8 5.01 -8.07 11.04
N PRO A 9 5.28 -7.03 10.24
CA PRO A 9 5.15 -5.65 10.67
C PRO A 9 3.70 -5.28 10.92
N ARG A 10 3.41 -4.84 12.13
CA ARG A 10 2.04 -4.53 12.50
C ARG A 10 1.76 -3.04 12.34
N GLN A 11 2.82 -2.26 12.13
CA GLN A 11 2.68 -0.84 11.89
C GLN A 11 3.83 -0.33 11.02
N VAL A 12 3.52 0.57 10.11
CA VAL A 12 4.53 1.18 9.25
C VAL A 12 4.36 2.69 9.22
N THR A 13 5.43 3.40 8.91
CA THR A 13 5.40 4.85 8.89
C THR A 13 5.18 5.36 7.47
N LEU A 14 4.31 6.37 7.35
CA LEU A 14 4.04 6.99 6.06
C LEU A 14 5.01 8.13 5.80
N PRO A 15 5.19 8.52 4.53
CA PRO A 15 5.92 9.73 4.17
C PRO A 15 5.11 10.96 4.56
N ASP A 16 3.83 10.72 4.82
CA ASP A 16 2.90 11.75 5.26
C ASP A 16 3.16 12.09 6.72
N GLY A 17 3.90 11.21 7.41
CA GLY A 17 4.17 11.40 8.81
C GLY A 17 3.18 10.64 9.68
N THR A 18 2.30 9.91 9.03
CA THR A 18 1.27 9.14 9.70
C THR A 18 1.77 7.74 10.06
N VAL A 19 0.99 7.02 10.87
CA VAL A 19 1.29 5.64 11.20
C VAL A 19 0.19 4.73 10.66
N LEU A 20 0.58 3.74 9.89
CA LEU A 20 -0.37 2.81 9.29
C LEU A 20 -0.17 1.43 9.87
N SER A 21 -1.11 0.98 10.67
CA SER A 21 -1.03 -0.34 11.26
C SER A 21 -1.90 -1.31 10.47
N ARG A 22 -1.77 -2.60 10.76
CA ARG A 22 -2.56 -3.61 10.09
C ARG A 22 -4.01 -3.56 10.54
N ALA A 23 -4.28 -2.73 11.54
CA ALA A 23 -5.65 -2.49 12.00
C ALA A 23 -6.25 -1.30 11.28
N ASP A 24 -5.43 -0.57 10.54
CA ASP A 24 -5.88 0.59 9.77
C ASP A 24 -6.32 0.18 8.38
N LEU A 25 -6.13 -1.09 8.07
CA LEU A 25 -6.56 -1.62 6.79
C LEU A 25 -8.08 -1.63 6.69
N PRO A 26 -8.61 -1.19 5.55
CA PRO A 26 -10.06 -1.14 5.30
C PRO A 26 -10.68 -2.53 5.34
N PRO A 27 -11.95 -2.63 5.75
CA PRO A 27 -12.65 -3.91 5.87
C PRO A 27 -12.77 -4.65 4.54
N LEU A 28 -12.82 -5.98 4.61
CA LEU A 28 -12.87 -6.83 3.42
C LEU A 28 -14.21 -6.70 2.71
N ASP A 29 -15.21 -6.24 3.44
CA ASP A 29 -16.56 -6.09 2.90
C ASP A 29 -16.67 -4.80 2.08
N THR A 30 -15.54 -4.12 1.91
CA THR A 30 -15.50 -2.89 1.16
C THR A 30 -15.38 -3.15 -0.33
N ARG A 31 -16.46 -3.00 -1.06
CA ARG A 31 -16.43 -2.99 -2.50
C ARG A 31 -16.70 -1.59 -3.01
N ARG A 32 -16.49 -1.37 -4.30
CA ARG A 32 -16.57 -0.03 -4.92
C ARG A 32 -15.31 0.75 -4.58
N TRP A 33 -15.03 0.85 -3.28
CA TRP A 33 -13.81 1.47 -2.77
C TRP A 33 -13.82 2.98 -2.94
N VAL A 34 -12.99 3.63 -2.14
CA VAL A 34 -12.77 5.06 -2.25
C VAL A 34 -11.26 5.31 -2.19
N ALA A 35 -10.84 6.49 -2.63
CA ALA A 35 -9.42 6.80 -2.76
C ALA A 35 -8.67 6.65 -1.44
N SER A 36 -9.28 7.09 -0.35
CA SER A 36 -8.65 7.01 0.97
C SER A 36 -8.29 5.57 1.34
N ARG A 37 -9.24 4.66 1.16
CA ARG A 37 -9.02 3.26 1.50
C ARG A 37 -8.02 2.61 0.56
N LYS A 38 -8.10 2.96 -0.72
CA LYS A 38 -7.15 2.46 -1.71
C LYS A 38 -5.73 2.92 -1.38
N ALA A 39 -5.60 4.18 -0.97
CA ALA A 39 -4.31 4.74 -0.60
C ALA A 39 -3.72 4.00 0.60
N ALA A 40 -4.58 3.66 1.56
CA ALA A 40 -4.14 2.93 2.73
C ALA A 40 -3.61 1.55 2.36
N VAL A 41 -4.34 0.86 1.49
CA VAL A 41 -3.94 -0.49 1.06
C VAL A 41 -2.62 -0.46 0.30
N VAL A 42 -2.50 0.45 -0.66
CA VAL A 42 -1.30 0.52 -1.47
C VAL A 42 -0.08 0.91 -0.64
N LYS A 43 -0.25 1.88 0.27
CA LYS A 43 0.84 2.31 1.12
C LYS A 43 1.25 1.19 2.08
N ALA A 44 0.29 0.35 2.45
CA ALA A 44 0.56 -0.79 3.31
C ALA A 44 1.54 -1.75 2.64
N VAL A 45 1.28 -2.09 1.39
CA VAL A 45 2.16 -2.97 0.64
C VAL A 45 3.51 -2.32 0.41
N ILE A 46 3.49 -1.06 0.00
CA ILE A 46 4.70 -0.31 -0.31
C ILE A 46 5.68 -0.29 0.87
N HIS A 47 5.16 -0.12 2.09
CA HIS A 47 6.02 -0.01 3.25
C HIS A 47 6.32 -1.38 3.87
N GLY A 48 5.69 -2.42 3.33
CA GLY A 48 5.95 -3.77 3.81
C GLY A 48 5.05 -4.17 4.96
N LEU A 49 3.95 -3.44 5.14
CA LEU A 49 2.98 -3.75 6.19
C LEU A 49 2.26 -5.05 5.83
N ILE A 50 1.86 -5.14 4.57
CA ILE A 50 1.25 -6.33 4.03
C ILE A 50 1.93 -6.68 2.71
N THR A 51 1.61 -7.83 2.17
CA THR A 51 2.13 -8.22 0.88
C THR A 51 1.08 -7.97 -0.21
N GLU A 52 1.56 -7.67 -1.40
CA GLU A 52 0.70 -7.35 -2.53
C GLU A 52 -0.27 -8.49 -2.81
N ARG A 53 0.23 -9.71 -2.69
CA ARG A 53 -0.58 -10.89 -2.96
C ARG A 53 -1.69 -11.01 -1.90
N GLU A 54 -1.40 -10.53 -0.70
CA GLU A 54 -2.38 -10.56 0.38
C GLU A 54 -3.53 -9.62 0.05
N ALA A 55 -3.18 -8.42 -0.40
CA ALA A 55 -4.18 -7.42 -0.73
C ALA A 55 -5.11 -7.91 -1.82
N LEU A 56 -4.52 -8.59 -2.80
CA LEU A 56 -5.28 -9.13 -3.92
C LEU A 56 -6.19 -10.26 -3.47
N ASP A 57 -5.75 -11.00 -2.46
CA ASP A 57 -6.51 -12.13 -1.94
C ASP A 57 -7.65 -11.66 -1.04
N ARG A 58 -7.30 -10.89 -0.03
CA ARG A 58 -8.24 -10.52 1.03
C ARG A 58 -9.33 -9.59 0.49
N TYR A 59 -8.97 -8.68 -0.41
CA TYR A 59 -9.94 -7.73 -0.94
C TYR A 59 -10.52 -8.19 -2.26
N SER A 60 -10.06 -9.34 -2.74
CA SER A 60 -10.46 -9.88 -4.03
C SER A 60 -10.16 -8.87 -5.13
N LEU A 61 -8.88 -8.76 -5.47
CA LEU A 61 -8.43 -7.81 -6.47
C LEU A 61 -7.58 -8.52 -7.51
N SER A 62 -6.81 -7.76 -8.26
CA SER A 62 -5.89 -8.31 -9.25
C SER A 62 -4.69 -7.41 -9.36
N GLU A 63 -3.58 -7.96 -9.83
CA GLU A 63 -2.34 -7.22 -9.95
C GLU A 63 -2.52 -6.00 -10.85
N GLU A 64 -3.25 -6.18 -11.94
CA GLU A 64 -3.57 -5.08 -12.86
C GLU A 64 -4.34 -3.97 -12.14
N GLU A 65 -5.22 -4.38 -11.22
CA GLU A 65 -6.01 -3.45 -10.43
C GLU A 65 -5.10 -2.68 -9.47
N PHE A 66 -4.27 -3.42 -8.73
CA PHE A 66 -3.35 -2.81 -7.77
C PHE A 66 -2.36 -1.90 -8.47
N ALA A 67 -1.98 -2.26 -9.69
CA ALA A 67 -1.12 -1.43 -10.52
C ALA A 67 -1.77 -0.06 -10.74
N LEU A 68 -3.07 -0.06 -10.96
CA LEU A 68 -3.82 1.17 -11.14
C LEU A 68 -3.83 1.96 -9.85
N TRP A 69 -4.03 1.27 -8.73
CA TRP A 69 -4.05 1.90 -7.42
C TRP A 69 -2.77 2.68 -7.15
N ARG A 70 -1.62 2.02 -7.34
CA ARG A 70 -0.34 2.67 -7.08
C ARG A 70 -0.02 3.73 -8.13
N SER A 71 -0.62 3.62 -9.31
CA SER A 71 -0.44 4.63 -10.34
C SER A 71 -1.34 5.85 -10.08
N ALA A 72 -2.41 5.62 -9.32
CA ALA A 72 -3.32 6.69 -8.96
C ALA A 72 -2.89 7.37 -7.66
N VAL A 73 -2.13 6.65 -6.84
CA VAL A 73 -1.69 7.19 -5.55
C VAL A 73 -0.19 7.50 -5.57
N ALA A 74 0.64 6.47 -5.64
CA ALA A 74 2.09 6.64 -5.57
C ALA A 74 2.63 7.40 -6.78
N ALA A 75 2.10 7.10 -7.95
CA ALA A 75 2.51 7.77 -9.17
C ALA A 75 1.92 9.18 -9.23
N HIS A 76 0.97 9.44 -8.34
CA HIS A 76 0.39 10.77 -8.22
C HIS A 76 1.20 11.60 -7.24
N GLY A 77 2.31 11.03 -6.77
CA GLY A 77 3.27 11.77 -5.97
C GLY A 77 4.16 12.62 -6.85
N GLU A 78 3.71 12.78 -8.09
CA GLU A 78 4.37 13.58 -9.13
C GLU A 78 4.74 14.98 -8.64
N LYS A 79 3.99 15.48 -7.66
CA LYS A 79 4.19 16.83 -7.17
C LYS A 79 5.03 16.86 -5.90
N ALA A 80 5.61 15.72 -5.53
CA ALA A 80 6.38 15.64 -4.30
C ALA A 80 7.52 14.63 -4.41
N LEU A 81 8.28 14.71 -5.49
CA LEU A 81 9.45 13.87 -5.65
C LEU A 81 10.63 14.45 -4.87
N LYS A 82 10.60 14.29 -3.57
CA LYS A 82 11.69 14.71 -2.70
C LYS A 82 12.60 13.53 -2.41
N VAL A 83 13.89 13.77 -2.17
CA VAL A 83 14.86 12.69 -1.95
C VAL A 83 14.35 11.69 -0.91
N THR A 84 13.66 12.21 0.09
CA THR A 84 13.03 11.40 1.12
C THR A 84 11.96 10.49 0.51
N MET A 85 11.06 11.10 -0.25
CA MET A 85 9.95 10.39 -0.88
C MET A 85 10.45 9.36 -1.88
N ILE A 86 11.57 9.66 -2.52
CA ILE A 86 12.13 8.77 -3.52
C ILE A 86 12.68 7.49 -2.89
N GLN A 87 13.14 7.58 -1.65
CA GLN A 87 13.59 6.39 -0.95
C GLN A 87 12.39 5.47 -0.71
N LYS A 88 11.22 6.09 -0.56
CA LYS A 88 9.99 5.34 -0.38
C LYS A 88 9.55 4.74 -1.71
N TYR A 89 10.02 5.33 -2.81
CA TYR A 89 9.78 4.77 -4.14
C TYR A 89 10.76 3.65 -4.41
N ARG A 90 11.91 3.69 -3.75
CA ARG A 90 12.92 2.65 -3.90
C ARG A 90 12.56 1.42 -3.07
N GLN A 91 11.78 1.62 -2.01
CA GLN A 91 11.24 0.51 -1.24
C GLN A 91 9.93 0.05 -1.86
N LEU A 92 9.49 0.80 -2.86
CA LEU A 92 8.27 0.50 -3.60
C LEU A 92 8.62 -0.37 -4.81
N HIS A 93 8.00 -1.54 -4.89
CA HIS A 93 8.19 -2.43 -6.03
C HIS A 93 7.17 -3.56 -5.98
N HIS A 94 7.37 -4.48 -5.04
CA HIS A 94 6.47 -5.61 -4.87
C HIS A 94 6.83 -6.37 -3.60
N HIS A 95 6.12 -6.09 -2.53
CA HIS A 95 6.35 -6.80 -1.27
C HIS A 95 5.41 -7.98 -1.19
N MET A 1 11.87 -8.12 22.64
CA MET A 1 10.65 -8.53 21.92
C MET A 1 10.93 -9.74 21.04
N TYR A 2 10.07 -9.96 20.05
CA TYR A 2 10.17 -11.10 19.12
C TYR A 2 9.78 -12.39 19.83
N LEU A 3 10.67 -12.90 20.68
CA LEU A 3 10.43 -14.11 21.47
C LEU A 3 10.20 -15.31 20.56
N LYS A 4 8.95 -15.53 20.18
CA LYS A 4 8.61 -16.58 19.22
C LYS A 4 8.89 -16.09 17.81
N ARG A 5 8.18 -15.03 17.42
CA ARG A 5 8.30 -14.41 16.12
C ARG A 5 7.29 -13.29 16.01
N VAL A 6 7.70 -12.16 15.48
CA VAL A 6 6.78 -11.06 15.23
C VAL A 6 6.04 -11.33 13.92
N ASP A 7 4.72 -11.18 13.95
CA ASP A 7 3.90 -11.40 12.76
C ASP A 7 4.05 -10.23 11.81
N GLY A 8 5.18 -10.19 11.12
CA GLY A 8 5.47 -9.11 10.19
C GLY A 8 5.48 -7.75 10.87
N PRO A 9 5.27 -6.68 10.11
CA PRO A 9 5.09 -5.35 10.67
C PRO A 9 3.65 -5.15 11.15
N ARG A 10 3.50 -4.75 12.40
CA ARG A 10 2.18 -4.47 12.94
C ARG A 10 1.71 -3.10 12.46
N GLN A 11 2.67 -2.20 12.26
CA GLN A 11 2.37 -0.84 11.87
C GLN A 11 3.56 -0.22 11.15
N VAL A 12 3.28 0.56 10.12
CA VAL A 12 4.33 1.23 9.36
C VAL A 12 4.11 2.73 9.34
N THR A 13 5.18 3.48 9.13
CA THR A 13 5.10 4.92 9.11
C THR A 13 4.92 5.43 7.68
N LEU A 14 4.01 6.39 7.52
CA LEU A 14 3.76 7.00 6.22
C LEU A 14 4.67 8.21 6.01
N PRO A 15 4.92 8.59 4.76
CA PRO A 15 5.62 9.83 4.44
C PRO A 15 4.76 11.03 4.79
N ASP A 16 3.48 10.73 5.02
CA ASP A 16 2.50 11.73 5.46
C ASP A 16 2.72 12.03 6.94
N GLY A 17 3.48 11.18 7.62
CA GLY A 17 3.71 11.32 9.04
C GLY A 17 2.71 10.52 9.85
N THR A 18 1.89 9.77 9.14
CA THR A 18 0.84 8.97 9.76
C THR A 18 1.34 7.58 10.13
N VAL A 19 0.54 6.84 10.91
CA VAL A 19 0.84 5.46 11.24
C VAL A 19 -0.21 4.53 10.63
N LEU A 20 0.25 3.54 9.88
CA LEU A 20 -0.64 2.60 9.22
C LEU A 20 -0.43 1.20 9.80
N SER A 21 -1.36 0.76 10.62
CA SER A 21 -1.28 -0.56 11.23
C SER A 21 -2.03 -1.58 10.40
N ARG A 22 -1.85 -2.85 10.73
CA ARG A 22 -2.56 -3.94 10.07
C ARG A 22 -4.06 -3.87 10.35
N ALA A 23 -4.44 -3.06 11.33
CA ALA A 23 -5.84 -2.87 11.67
C ALA A 23 -6.39 -1.61 11.01
N ASP A 24 -5.50 -0.83 10.40
CA ASP A 24 -5.92 0.36 9.66
C ASP A 24 -6.30 0.00 8.24
N LEU A 25 -5.92 -1.22 7.85
CA LEU A 25 -6.34 -1.76 6.56
C LEU A 25 -7.86 -1.77 6.48
N PRO A 26 -8.41 -1.23 5.38
CA PRO A 26 -9.86 -1.13 5.18
C PRO A 26 -10.55 -2.50 5.27
N PRO A 27 -11.80 -2.53 5.72
CA PRO A 27 -12.56 -3.77 5.90
C PRO A 27 -12.89 -4.43 4.56
N LEU A 28 -13.11 -5.74 4.60
CA LEU A 28 -13.41 -6.51 3.40
C LEU A 28 -14.80 -6.15 2.85
N ASP A 29 -15.59 -5.53 3.70
CA ASP A 29 -16.93 -5.07 3.33
C ASP A 29 -16.83 -3.94 2.31
N THR A 30 -15.70 -3.26 2.31
CA THR A 30 -15.47 -2.17 1.37
C THR A 30 -15.40 -2.71 -0.05
N ARG A 31 -16.39 -2.33 -0.84
CA ARG A 31 -16.43 -2.73 -2.22
C ARG A 31 -16.38 -1.48 -3.10
N ARG A 32 -17.11 -0.46 -2.68
CA ARG A 32 -16.95 0.85 -3.28
C ARG A 32 -15.67 1.47 -2.71
N TRP A 33 -14.56 1.08 -3.30
CA TRP A 33 -13.25 1.56 -2.87
C TRP A 33 -13.09 3.05 -3.14
N VAL A 34 -12.88 3.80 -2.06
CA VAL A 34 -12.57 5.21 -2.19
C VAL A 34 -11.05 5.40 -2.19
N ALA A 35 -10.59 6.55 -2.65
CA ALA A 35 -9.16 6.82 -2.78
C ALA A 35 -8.42 6.61 -1.46
N SER A 36 -9.03 7.06 -0.36
CA SER A 36 -8.42 6.95 0.96
C SER A 36 -8.16 5.50 1.35
N ARG A 37 -9.11 4.62 1.04
CA ARG A 37 -9.00 3.21 1.40
C ARG A 37 -8.07 2.48 0.43
N LYS A 38 -8.07 2.90 -0.82
CA LYS A 38 -7.14 2.37 -1.81
C LYS A 38 -5.70 2.75 -1.44
N ALA A 39 -5.53 4.00 -1.04
CA ALA A 39 -4.23 4.51 -0.64
C ALA A 39 -3.68 3.75 0.56
N ALA A 40 -4.55 3.42 1.50
CA ALA A 40 -4.14 2.67 2.69
C ALA A 40 -3.55 1.33 2.31
N VAL A 41 -4.22 0.64 1.39
CA VAL A 41 -3.76 -0.68 0.96
C VAL A 41 -2.44 -0.59 0.21
N VAL A 42 -2.35 0.33 -0.75
CA VAL A 42 -1.15 0.46 -1.55
C VAL A 42 0.04 0.92 -0.72
N LYS A 43 -0.18 1.85 0.20
CA LYS A 43 0.89 2.33 1.07
C LYS A 43 1.36 1.21 1.98
N ALA A 44 0.44 0.37 2.41
CA ALA A 44 0.77 -0.77 3.25
C ALA A 44 1.76 -1.69 2.55
N VAL A 45 1.48 -1.96 1.28
CA VAL A 45 2.31 -2.83 0.46
C VAL A 45 3.68 -2.22 0.19
N ILE A 46 3.68 -0.94 -0.15
CA ILE A 46 4.92 -0.24 -0.49
C ILE A 46 5.85 -0.13 0.71
N HIS A 47 5.29 0.10 1.89
CA HIS A 47 6.09 0.24 3.10
C HIS A 47 6.49 -1.13 3.67
N GLY A 48 5.78 -2.17 3.27
CA GLY A 48 6.14 -3.51 3.68
C GLY A 48 5.23 -4.06 4.76
N LEU A 49 4.21 -3.29 5.14
CA LEU A 49 3.23 -3.73 6.13
C LEU A 49 2.61 -5.05 5.69
N ILE A 50 2.12 -5.06 4.46
CA ILE A 50 1.63 -6.28 3.84
C ILE A 50 2.28 -6.42 2.48
N THR A 51 1.88 -7.42 1.72
CA THR A 51 2.40 -7.61 0.37
C THR A 51 1.26 -7.64 -0.63
N GLU A 52 1.60 -7.53 -1.90
CA GLU A 52 0.62 -7.52 -2.98
C GLU A 52 -0.27 -8.75 -2.93
N ARG A 53 0.36 -9.91 -2.80
CA ARG A 53 -0.37 -11.17 -2.80
C ARG A 53 -1.33 -11.25 -1.61
N GLU A 54 -0.95 -10.58 -0.53
CA GLU A 54 -1.78 -10.52 0.67
C GLU A 54 -3.01 -9.66 0.43
N ALA A 55 -2.79 -8.49 -0.17
CA ALA A 55 -3.86 -7.54 -0.42
C ALA A 55 -4.84 -8.09 -1.46
N LEU A 56 -4.29 -8.56 -2.57
CA LEU A 56 -5.10 -9.05 -3.68
C LEU A 56 -5.95 -10.24 -3.24
N ASP A 57 -5.40 -11.07 -2.36
CA ASP A 57 -6.10 -12.26 -1.90
C ASP A 57 -7.29 -11.89 -1.00
N ARG A 58 -7.00 -11.14 0.05
CA ARG A 58 -8.02 -10.82 1.04
C ARG A 58 -9.12 -9.93 0.47
N TYR A 59 -8.75 -9.00 -0.41
CA TYR A 59 -9.73 -8.05 -0.94
C TYR A 59 -10.32 -8.54 -2.25
N SER A 60 -9.89 -9.71 -2.72
CA SER A 60 -10.39 -10.28 -3.97
C SER A 60 -10.11 -9.35 -5.14
N LEU A 61 -8.95 -8.72 -5.11
CA LEU A 61 -8.56 -7.76 -6.13
C LEU A 61 -7.77 -8.44 -7.24
N SER A 62 -7.58 -7.72 -8.34
CA SER A 62 -6.75 -8.21 -9.42
C SER A 62 -5.44 -7.45 -9.43
N GLU A 63 -4.40 -8.08 -9.95
CA GLU A 63 -3.06 -7.50 -9.96
C GLU A 63 -3.03 -6.22 -10.81
N GLU A 64 -3.80 -6.22 -11.89
CA GLU A 64 -3.91 -5.04 -12.76
C GLU A 64 -4.69 -3.93 -12.07
N GLU A 65 -5.54 -4.31 -11.12
CA GLU A 65 -6.31 -3.34 -10.34
C GLU A 65 -5.37 -2.60 -9.40
N PHE A 66 -4.56 -3.35 -8.67
CA PHE A 66 -3.60 -2.76 -7.74
C PHE A 66 -2.57 -1.91 -8.49
N ALA A 67 -2.30 -2.29 -9.74
CA ALA A 67 -1.43 -1.51 -10.60
C ALA A 67 -2.00 -0.11 -10.79
N LEU A 68 -3.31 -0.01 -10.95
CA LEU A 68 -3.97 1.27 -11.10
C LEU A 68 -3.88 2.05 -9.79
N TRP A 69 -4.10 1.35 -8.67
CA TRP A 69 -4.02 1.98 -7.35
C TRP A 69 -2.68 2.68 -7.14
N ARG A 70 -1.60 1.93 -7.33
CA ARG A 70 -0.27 2.46 -7.07
C ARG A 70 0.12 3.52 -8.10
N SER A 71 -0.41 3.40 -9.31
CA SER A 71 -0.11 4.35 -10.37
C SER A 71 -0.85 5.66 -10.14
N ALA A 72 -2.00 5.58 -9.49
CA ALA A 72 -2.79 6.77 -9.21
C ALA A 72 -2.34 7.44 -7.92
N VAL A 73 -2.02 6.65 -6.91
CA VAL A 73 -1.64 7.19 -5.61
C VAL A 73 -0.15 7.56 -5.57
N ALA A 74 0.71 6.56 -5.66
CA ALA A 74 2.14 6.78 -5.52
C ALA A 74 2.72 7.45 -6.76
N ALA A 75 2.25 7.04 -7.93
CA ALA A 75 2.79 7.55 -9.18
C ALA A 75 2.05 8.80 -9.64
N HIS A 76 1.27 9.39 -8.74
CA HIS A 76 0.63 10.68 -9.03
C HIS A 76 1.71 11.74 -9.23
N GLY A 77 2.79 11.60 -8.48
CA GLY A 77 3.93 12.47 -8.64
C GLY A 77 5.12 11.69 -9.17
N GLU A 78 5.12 11.40 -10.46
CA GLU A 78 6.20 10.65 -11.08
C GLU A 78 7.12 11.56 -11.87
N LYS A 79 6.82 12.86 -11.86
CA LYS A 79 7.58 13.82 -12.64
C LYS A 79 8.71 14.42 -11.81
N ALA A 80 8.56 14.34 -10.50
CA ALA A 80 9.58 14.84 -9.60
C ALA A 80 10.48 13.71 -9.11
N LEU A 81 11.54 13.44 -9.84
CA LEU A 81 12.46 12.38 -9.47
C LEU A 81 13.42 12.88 -8.40
N LYS A 82 12.92 12.95 -7.17
CA LYS A 82 13.74 13.31 -6.04
C LYS A 82 14.21 12.04 -5.34
N VAL A 83 15.19 12.16 -4.45
CA VAL A 83 15.79 10.99 -3.80
C VAL A 83 14.75 10.07 -3.14
N THR A 84 13.67 10.65 -2.64
CA THR A 84 12.64 9.89 -1.96
C THR A 84 11.74 9.16 -2.97
N MET A 85 11.78 9.60 -4.21
CA MET A 85 10.84 9.14 -5.22
C MET A 85 11.33 7.90 -5.95
N ILE A 86 12.62 7.61 -5.87
CA ILE A 86 13.18 6.45 -6.57
C ILE A 86 12.51 5.15 -6.09
N GLN A 87 12.10 5.14 -4.83
CA GLN A 87 11.47 3.96 -4.24
C GLN A 87 10.20 3.58 -4.98
N LYS A 88 9.43 4.59 -5.41
CA LYS A 88 8.15 4.33 -6.08
C LYS A 88 8.38 3.79 -7.49
N TYR A 89 9.50 4.15 -8.08
CA TYR A 89 9.82 3.70 -9.44
C TYR A 89 10.33 2.27 -9.40
N ARG A 90 11.00 1.92 -8.31
CA ARG A 90 11.53 0.57 -8.15
C ARG A 90 10.43 -0.41 -7.74
N GLN A 91 9.38 0.10 -7.09
CA GLN A 91 8.25 -0.76 -6.73
C GLN A 91 7.31 -0.89 -7.91
N LEU A 92 7.53 -0.04 -8.92
CA LEU A 92 6.79 -0.13 -10.16
C LEU A 92 7.38 -1.24 -11.00
N HIS A 93 8.67 -1.50 -10.76
CA HIS A 93 9.36 -2.60 -11.41
C HIS A 93 8.99 -3.92 -10.74
N HIS A 94 7.77 -4.36 -10.99
CA HIS A 94 7.30 -5.64 -10.47
C HIS A 94 7.53 -6.73 -11.51
N HIS A 95 8.03 -6.29 -12.66
CA HIS A 95 8.45 -7.20 -13.72
C HIS A 95 9.64 -6.59 -14.44
N MET A 1 -0.58 -22.01 17.92
CA MET A 1 -0.27 -20.73 18.60
C MET A 1 1.11 -20.77 19.24
N TYR A 2 1.42 -21.87 19.91
CA TYR A 2 2.69 -21.99 20.62
C TYR A 2 3.81 -22.43 19.68
N LEU A 3 4.38 -21.44 19.01
CA LEU A 3 5.51 -21.64 18.11
C LEU A 3 5.91 -20.30 17.52
N LYS A 4 5.10 -19.82 16.60
CA LYS A 4 5.32 -18.52 15.97
C LYS A 4 4.10 -18.15 15.14
N ARG A 5 3.53 -17.00 15.44
CA ARG A 5 2.45 -16.46 14.63
C ARG A 5 3.03 -15.44 13.67
N VAL A 6 2.27 -15.04 12.65
CA VAL A 6 2.73 -14.02 11.71
C VAL A 6 2.93 -12.69 12.43
N ASP A 7 4.13 -12.50 12.96
CA ASP A 7 4.47 -11.27 13.67
C ASP A 7 5.71 -10.66 13.05
N GLY A 8 5.52 -9.50 12.44
CA GLY A 8 6.61 -8.79 11.84
C GLY A 8 6.27 -7.33 11.73
N PRO A 9 6.01 -6.83 10.51
CA PRO A 9 5.55 -5.47 10.33
C PRO A 9 4.07 -5.33 10.68
N ARG A 10 3.79 -5.06 11.95
CA ARG A 10 2.41 -4.90 12.39
C ARG A 10 1.94 -3.48 12.13
N GLN A 11 2.90 -2.57 11.95
CA GLN A 11 2.58 -1.18 11.69
C GLN A 11 3.71 -0.50 10.93
N VAL A 12 3.35 0.34 9.98
CA VAL A 12 4.33 1.08 9.19
C VAL A 12 4.10 2.58 9.30
N THR A 13 5.13 3.34 8.98
CA THR A 13 5.07 4.78 9.08
C THR A 13 4.84 5.40 7.69
N LEU A 14 3.86 6.28 7.61
CA LEU A 14 3.57 6.98 6.37
C LEU A 14 4.46 8.20 6.24
N PRO A 15 4.74 8.65 5.01
CA PRO A 15 5.48 9.90 4.79
C PRO A 15 4.65 11.09 5.24
N ASP A 16 3.36 10.81 5.44
CA ASP A 16 2.41 11.78 5.96
C ASP A 16 2.64 12.00 7.45
N GLY A 17 3.38 11.09 8.08
CA GLY A 17 3.59 11.15 9.51
C GLY A 17 2.56 10.33 10.27
N THR A 18 1.71 9.65 9.51
CA THR A 18 0.65 8.84 10.06
C THR A 18 1.16 7.42 10.37
N VAL A 19 0.37 6.66 11.12
CA VAL A 19 0.69 5.27 11.42
C VAL A 19 -0.34 4.35 10.77
N LEU A 20 0.15 3.35 10.05
CA LEU A 20 -0.72 2.40 9.38
C LEU A 20 -0.39 0.98 9.83
N SER A 21 -1.27 0.41 10.64
CA SER A 21 -1.08 -0.95 11.12
C SER A 21 -1.96 -1.91 10.32
N ARG A 22 -1.78 -3.20 10.56
CA ARG A 22 -2.55 -4.21 9.85
C ARG A 22 -4.00 -4.22 10.32
N ALA A 23 -4.28 -3.48 11.38
CA ALA A 23 -5.63 -3.30 11.88
C ALA A 23 -6.25 -2.01 11.34
N ASP A 24 -5.43 -1.21 10.66
CA ASP A 24 -5.89 0.06 10.09
C ASP A 24 -6.38 -0.14 8.67
N LEU A 25 -5.99 -1.26 8.05
CA LEU A 25 -6.40 -1.59 6.70
C LEU A 25 -7.93 -1.54 6.56
N PRO A 26 -8.42 -1.01 5.43
CA PRO A 26 -9.86 -0.89 5.17
C PRO A 26 -10.55 -2.25 5.31
N PRO A 27 -11.74 -2.28 5.93
CA PRO A 27 -12.44 -3.53 6.20
C PRO A 27 -12.79 -4.30 4.94
N LEU A 28 -12.86 -5.62 5.06
CA LEU A 28 -13.24 -6.48 3.93
C LEU A 28 -14.69 -6.22 3.54
N ASP A 29 -15.41 -5.57 4.44
CA ASP A 29 -16.78 -5.14 4.20
C ASP A 29 -16.83 -4.09 3.08
N THR A 30 -15.74 -3.35 2.93
CA THR A 30 -15.66 -2.28 1.94
C THR A 30 -15.74 -2.82 0.52
N ARG A 31 -16.76 -2.37 -0.20
CA ARG A 31 -16.88 -2.67 -1.61
C ARG A 31 -16.78 -1.36 -2.39
N ARG A 32 -17.34 -0.29 -1.80
CA ARG A 32 -17.19 1.04 -2.35
C ARG A 32 -15.76 1.53 -2.14
N TRP A 33 -14.87 1.11 -3.02
CA TRP A 33 -13.48 1.50 -2.94
C TRP A 33 -13.26 2.94 -3.35
N VAL A 34 -13.28 3.83 -2.36
CA VAL A 34 -12.97 5.23 -2.60
C VAL A 34 -11.46 5.45 -2.62
N ALA A 35 -11.04 6.63 -3.03
CA ALA A 35 -9.62 6.94 -3.23
C ALA A 35 -8.77 6.67 -1.98
N SER A 36 -9.17 7.25 -0.86
CA SER A 36 -8.37 7.18 0.37
C SER A 36 -8.25 5.74 0.88
N ARG A 37 -9.29 4.92 0.67
CA ARG A 37 -9.25 3.52 1.10
C ARG A 37 -8.28 2.73 0.24
N LYS A 38 -8.28 3.02 -1.06
CA LYS A 38 -7.32 2.42 -1.98
C LYS A 38 -5.90 2.84 -1.60
N ALA A 39 -5.76 4.13 -1.27
CA ALA A 39 -4.47 4.69 -0.89
C ALA A 39 -3.91 4.00 0.35
N ALA A 40 -4.78 3.71 1.30
CA ALA A 40 -4.37 3.03 2.52
C ALA A 40 -3.80 1.65 2.20
N VAL A 41 -4.45 0.93 1.30
CA VAL A 41 -4.02 -0.41 0.91
C VAL A 41 -2.66 -0.36 0.21
N VAL A 42 -2.52 0.55 -0.74
CA VAL A 42 -1.29 0.63 -1.52
C VAL A 42 -0.13 1.11 -0.64
N LYS A 43 -0.39 2.07 0.25
CA LYS A 43 0.65 2.56 1.15
C LYS A 43 1.13 1.44 2.07
N ALA A 44 0.23 0.52 2.39
CA ALA A 44 0.57 -0.63 3.22
C ALA A 44 1.60 -1.52 2.53
N VAL A 45 1.38 -1.78 1.25
CA VAL A 45 2.30 -2.62 0.48
C VAL A 45 3.60 -1.90 0.19
N ILE A 46 3.49 -0.60 -0.09
CA ILE A 46 4.65 0.22 -0.40
C ILE A 46 5.64 0.26 0.77
N HIS A 47 5.13 0.32 1.99
CA HIS A 47 5.99 0.38 3.17
C HIS A 47 6.40 -1.01 3.63
N GLY A 48 5.66 -2.02 3.19
CA GLY A 48 6.00 -3.38 3.56
C GLY A 48 5.20 -3.86 4.77
N LEU A 49 4.04 -3.27 4.97
CA LEU A 49 3.12 -3.70 6.03
C LEU A 49 2.47 -5.01 5.62
N ILE A 50 1.95 -5.00 4.41
CA ILE A 50 1.41 -6.19 3.79
C ILE A 50 2.09 -6.39 2.46
N THR A 51 1.99 -7.58 1.89
CA THR A 51 2.56 -7.81 0.59
C THR A 51 1.49 -7.54 -0.48
N GLU A 52 1.94 -7.31 -1.71
CA GLU A 52 1.07 -6.88 -2.79
C GLU A 52 -0.06 -7.88 -3.02
N ARG A 53 0.27 -9.16 -3.04
CA ARG A 53 -0.74 -10.20 -3.20
C ARG A 53 -1.60 -10.34 -1.96
N GLU A 54 -1.07 -9.99 -0.80
CA GLU A 54 -1.85 -10.05 0.43
C GLU A 54 -3.03 -9.09 0.33
N ALA A 55 -2.80 -7.96 -0.31
CA ALA A 55 -3.87 -7.01 -0.57
C ALA A 55 -4.88 -7.59 -1.55
N LEU A 56 -4.36 -8.18 -2.62
CA LEU A 56 -5.20 -8.77 -3.67
C LEU A 56 -6.06 -9.90 -3.10
N ASP A 57 -5.40 -10.86 -2.47
CA ASP A 57 -6.04 -12.09 -2.02
C ASP A 57 -7.11 -11.82 -0.95
N ARG A 58 -6.94 -10.79 -0.15
CA ARG A 58 -7.90 -10.51 0.92
C ARG A 58 -9.06 -9.65 0.41
N TYR A 59 -8.86 -8.91 -0.66
CA TYR A 59 -9.91 -8.02 -1.17
C TYR A 59 -10.45 -8.54 -2.50
N SER A 60 -9.97 -9.71 -2.93
CA SER A 60 -10.40 -10.32 -4.20
C SER A 60 -10.02 -9.43 -5.38
N LEU A 61 -8.98 -8.63 -5.19
CA LEU A 61 -8.53 -7.69 -6.21
C LEU A 61 -7.65 -8.39 -7.23
N SER A 62 -7.61 -7.85 -8.43
CA SER A 62 -6.76 -8.36 -9.47
C SER A 62 -5.42 -7.65 -9.44
N GLU A 63 -4.40 -8.30 -9.93
CA GLU A 63 -3.06 -7.75 -9.95
C GLU A 63 -3.02 -6.43 -10.70
N GLU A 64 -3.74 -6.38 -11.83
CA GLU A 64 -3.80 -5.19 -12.68
C GLU A 64 -4.55 -4.06 -11.97
N GLU A 65 -5.51 -4.44 -11.13
CA GLU A 65 -6.25 -3.48 -10.33
C GLU A 65 -5.29 -2.73 -9.41
N PHE A 66 -4.59 -3.48 -8.57
CA PHE A 66 -3.66 -2.89 -7.62
C PHE A 66 -2.52 -2.18 -8.35
N ALA A 67 -2.15 -2.70 -9.51
CA ALA A 67 -1.14 -2.07 -10.35
C ALA A 67 -1.55 -0.65 -10.67
N LEU A 68 -2.82 -0.46 -11.01
CA LEU A 68 -3.35 0.87 -11.30
C LEU A 68 -3.36 1.72 -10.03
N TRP A 69 -3.72 1.11 -8.92
CA TRP A 69 -3.73 1.80 -7.62
C TRP A 69 -2.39 2.46 -7.33
N ARG A 70 -1.32 1.69 -7.44
CA ARG A 70 0.02 2.21 -7.16
C ARG A 70 0.55 3.07 -8.30
N SER A 71 0.01 2.87 -9.50
CA SER A 71 0.36 3.73 -10.62
C SER A 71 -0.35 5.08 -10.51
N ALA A 72 -1.37 5.11 -9.66
CA ALA A 72 -2.07 6.34 -9.35
C ALA A 72 -1.46 7.00 -8.12
N VAL A 73 -1.56 6.33 -6.98
CA VAL A 73 -1.14 6.92 -5.70
C VAL A 73 0.38 7.15 -5.64
N ALA A 74 1.15 6.12 -5.98
CA ALA A 74 2.61 6.20 -5.89
C ALA A 74 3.20 6.95 -7.07
N ALA A 75 2.32 7.58 -7.84
CA ALA A 75 2.75 8.45 -8.93
C ALA A 75 1.99 9.77 -8.86
N HIS A 76 1.30 9.98 -7.74
CA HIS A 76 0.50 11.19 -7.56
C HIS A 76 1.24 12.18 -6.67
N GLY A 77 1.63 13.29 -7.28
CA GLY A 77 2.31 14.33 -6.56
C GLY A 77 2.44 15.59 -7.39
N GLU A 78 1.41 16.43 -7.33
CA GLU A 78 1.43 17.69 -8.05
C GLU A 78 1.78 18.83 -7.11
N LYS A 79 1.63 18.58 -5.81
CA LYS A 79 1.84 19.59 -4.80
C LYS A 79 3.33 19.82 -4.55
N ALA A 80 4.03 18.76 -4.13
CA ALA A 80 5.45 18.88 -3.81
C ALA A 80 6.16 17.54 -3.95
N LEU A 81 7.32 17.56 -4.58
CA LEU A 81 8.15 16.37 -4.74
C LEU A 81 9.42 16.55 -3.93
N LYS A 82 9.36 16.20 -2.67
CA LYS A 82 10.53 16.28 -1.79
C LYS A 82 11.59 15.30 -2.26
N VAL A 83 12.85 15.57 -1.96
CA VAL A 83 13.95 14.67 -2.33
C VAL A 83 13.73 13.28 -1.71
N THR A 84 12.93 13.24 -0.66
CA THR A 84 12.59 12.00 0.02
C THR A 84 11.40 11.32 -0.65
N MET A 85 10.77 12.01 -1.60
CA MET A 85 9.52 11.55 -2.20
C MET A 85 9.76 10.73 -3.46
N ILE A 86 10.88 10.99 -4.15
CA ILE A 86 11.18 10.31 -5.42
C ILE A 86 11.23 8.79 -5.22
N GLN A 87 11.78 8.38 -4.07
CA GLN A 87 11.82 6.96 -3.70
C GLN A 87 10.45 6.30 -3.86
N LYS A 88 9.40 6.99 -3.41
CA LYS A 88 8.05 6.46 -3.42
C LYS A 88 7.53 6.35 -4.86
N TYR A 89 8.01 7.24 -5.72
CA TYR A 89 7.60 7.24 -7.12
C TYR A 89 8.37 6.19 -7.90
N ARG A 90 9.49 5.74 -7.35
CA ARG A 90 10.34 4.78 -8.05
C ARG A 90 9.95 3.35 -7.74
N GLN A 91 9.42 3.13 -6.55
CA GLN A 91 9.04 1.77 -6.12
C GLN A 91 7.62 1.43 -6.56
N LEU A 92 7.08 2.16 -7.52
CA LEU A 92 5.75 1.90 -8.02
C LEU A 92 5.71 0.67 -8.93
N HIS A 93 6.90 0.24 -9.38
CA HIS A 93 7.07 -0.76 -10.46
C HIS A 93 5.98 -0.64 -11.53
N HIS A 94 6.26 0.22 -12.50
CA HIS A 94 5.33 0.53 -13.58
C HIS A 94 6.08 1.14 -14.75
N HIS A 95 7.16 1.86 -14.43
CA HIS A 95 7.89 2.66 -15.41
C HIS A 95 6.98 3.77 -15.93
N MET A 1 6.36 -11.85 19.58
CA MET A 1 6.95 -12.47 18.37
C MET A 1 5.93 -13.37 17.69
N TYR A 2 5.83 -13.28 16.37
CA TYR A 2 4.84 -14.05 15.64
C TYR A 2 5.39 -15.39 15.19
N LEU A 3 5.01 -16.44 15.93
CA LEU A 3 5.29 -17.83 15.56
C LEU A 3 6.79 -18.08 15.39
N LYS A 4 7.26 -17.94 14.17
CA LYS A 4 8.65 -18.20 13.84
C LYS A 4 9.15 -17.12 12.88
N ARG A 5 8.47 -17.00 11.75
CA ARG A 5 8.82 -16.01 10.75
C ARG A 5 7.83 -14.86 10.81
N VAL A 6 8.34 -13.66 11.05
CA VAL A 6 7.50 -12.47 11.13
C VAL A 6 7.15 -12.00 9.73
N ASP A 7 5.87 -12.06 9.39
CA ASP A 7 5.40 -11.69 8.06
C ASP A 7 5.38 -10.17 7.88
N GLY A 8 5.29 -9.46 8.98
CA GLY A 8 5.33 -8.00 8.92
C GLY A 8 5.07 -7.37 10.27
N PRO A 9 5.36 -6.07 10.41
CA PRO A 9 5.10 -5.33 11.64
C PRO A 9 3.62 -5.00 11.81
N ARG A 10 3.27 -4.43 12.95
CA ARG A 10 1.87 -4.09 13.21
C ARG A 10 1.56 -2.70 12.69
N GLN A 11 2.59 -1.89 12.49
CA GLN A 11 2.42 -0.54 11.98
C GLN A 11 3.64 -0.11 11.18
N VAL A 12 3.39 0.68 10.13
CA VAL A 12 4.46 1.23 9.30
C VAL A 12 4.28 2.74 9.15
N THR A 13 5.36 3.43 8.83
CA THR A 13 5.33 4.87 8.69
C THR A 13 5.02 5.27 7.25
N LEU A 14 4.15 6.26 7.09
CA LEU A 14 3.82 6.79 5.76
C LEU A 14 4.76 7.95 5.41
N PRO A 15 4.91 8.26 4.11
CA PRO A 15 5.73 9.39 3.67
C PRO A 15 5.03 10.71 3.93
N ASP A 16 3.80 10.62 4.42
CA ASP A 16 3.00 11.79 4.74
C ASP A 16 2.98 12.01 6.26
N GLY A 17 3.74 11.18 6.98
CA GLY A 17 3.92 11.38 8.41
C GLY A 17 2.97 10.56 9.26
N THR A 18 2.00 9.93 8.63
CA THR A 18 0.98 9.15 9.33
C THR A 18 1.53 7.76 9.70
N VAL A 19 0.80 7.05 10.55
CA VAL A 19 1.11 5.66 10.88
C VAL A 19 0.04 4.74 10.32
N LEU A 20 0.45 3.68 9.66
CA LEU A 20 -0.47 2.69 9.10
C LEU A 20 -0.33 1.37 9.81
N SER A 21 -1.31 1.05 10.63
CA SER A 21 -1.32 -0.21 11.34
C SER A 21 -2.12 -1.26 10.58
N ARG A 22 -1.94 -2.52 10.94
CA ARG A 22 -2.65 -3.62 10.27
C ARG A 22 -4.13 -3.61 10.63
N ALA A 23 -4.50 -2.81 11.62
CA ALA A 23 -5.90 -2.64 11.98
C ALA A 23 -6.49 -1.43 11.27
N ASP A 24 -5.64 -0.68 10.60
CA ASP A 24 -6.07 0.51 9.88
C ASP A 24 -6.41 0.17 8.43
N LEU A 25 -6.03 -1.04 8.02
CA LEU A 25 -6.40 -1.55 6.70
C LEU A 25 -7.92 -1.62 6.57
N PRO A 26 -8.45 -1.25 5.39
CA PRO A 26 -9.89 -1.25 5.13
C PRO A 26 -10.50 -2.65 5.25
N PRO A 27 -11.68 -2.74 5.86
CA PRO A 27 -12.40 -4.01 6.07
C PRO A 27 -12.86 -4.65 4.76
N LEU A 28 -13.24 -5.92 4.84
CA LEU A 28 -13.60 -6.70 3.67
C LEU A 28 -15.02 -6.39 3.19
N ASP A 29 -15.73 -5.57 3.95
CA ASP A 29 -17.09 -5.17 3.57
C ASP A 29 -17.03 -4.21 2.39
N THR A 30 -15.88 -3.56 2.27
CA THR A 30 -15.71 -2.50 1.32
C THR A 30 -15.45 -3.02 -0.09
N ARG A 31 -16.37 -2.73 -0.99
CA ARG A 31 -16.18 -3.01 -2.40
C ARG A 31 -16.15 -1.72 -3.19
N ARG A 32 -16.84 -0.70 -2.69
CA ARG A 32 -16.73 0.64 -3.25
C ARG A 32 -15.41 1.25 -2.84
N TRP A 33 -14.36 0.82 -3.51
CA TRP A 33 -13.02 1.29 -3.20
C TRP A 33 -12.82 2.74 -3.61
N VAL A 34 -12.65 3.59 -2.62
CA VAL A 34 -12.34 4.99 -2.84
C VAL A 34 -10.86 5.24 -2.57
N ALA A 35 -10.36 6.39 -3.00
CA ALA A 35 -8.93 6.71 -2.92
C ALA A 35 -8.36 6.54 -1.50
N SER A 36 -9.13 6.96 -0.50
CA SER A 36 -8.70 6.85 0.88
C SER A 36 -8.37 5.40 1.26
N ARG A 37 -9.29 4.51 0.94
CA ARG A 37 -9.15 3.11 1.30
C ARG A 37 -8.10 2.43 0.41
N LYS A 38 -8.04 2.83 -0.85
CA LYS A 38 -7.05 2.32 -1.78
C LYS A 38 -5.64 2.67 -1.31
N ALA A 39 -5.48 3.91 -0.87
CA ALA A 39 -4.19 4.40 -0.38
C ALA A 39 -3.68 3.56 0.78
N ALA A 40 -4.57 3.25 1.71
CA ALA A 40 -4.20 2.44 2.87
C ALA A 40 -3.67 1.07 2.45
N VAL A 41 -4.31 0.46 1.47
CA VAL A 41 -3.92 -0.86 0.99
C VAL A 41 -2.56 -0.81 0.29
N VAL A 42 -2.42 0.11 -0.67
CA VAL A 42 -1.21 0.19 -1.47
C VAL A 42 -0.01 0.61 -0.61
N LYS A 43 -0.22 1.55 0.29
CA LYS A 43 0.86 2.02 1.16
C LYS A 43 1.31 0.92 2.11
N ALA A 44 0.39 0.01 2.44
CA ALA A 44 0.72 -1.12 3.30
C ALA A 44 1.75 -2.02 2.64
N VAL A 45 1.52 -2.34 1.36
CA VAL A 45 2.44 -3.18 0.61
C VAL A 45 3.75 -2.46 0.34
N ILE A 46 3.65 -1.18 0.00
CA ILE A 46 4.81 -0.36 -0.31
C ILE A 46 5.74 -0.21 0.89
N HIS A 47 5.19 -0.30 2.10
CA HIS A 47 6.00 -0.14 3.31
C HIS A 47 6.34 -1.47 3.96
N GLY A 48 5.88 -2.57 3.38
CA GLY A 48 6.21 -3.88 3.90
C GLY A 48 5.37 -4.27 5.09
N LEU A 49 4.22 -3.63 5.22
CA LEU A 49 3.27 -3.97 6.26
C LEU A 49 2.57 -5.28 5.91
N ILE A 50 2.13 -5.35 4.66
CA ILE A 50 1.54 -6.56 4.11
C ILE A 50 2.18 -6.84 2.76
N THR A 51 1.95 -8.02 2.21
CA THR A 51 2.48 -8.35 0.90
C THR A 51 1.44 -8.09 -0.18
N GLU A 52 1.91 -7.89 -1.40
CA GLU A 52 1.06 -7.56 -2.53
C GLU A 52 0.06 -8.69 -2.78
N ARG A 53 0.52 -9.92 -2.63
CA ARG A 53 -0.34 -11.10 -2.74
C ARG A 53 -1.47 -11.02 -1.73
N GLU A 54 -1.13 -10.61 -0.52
CA GLU A 54 -2.10 -10.48 0.56
C GLU A 54 -3.21 -9.55 0.14
N ALA A 55 -2.84 -8.39 -0.40
CA ALA A 55 -3.82 -7.39 -0.82
C ALA A 55 -4.73 -7.95 -1.90
N LEU A 56 -4.15 -8.59 -2.91
CA LEU A 56 -4.90 -9.13 -4.03
C LEU A 56 -5.83 -10.25 -3.57
N ASP A 57 -5.39 -11.03 -2.58
CA ASP A 57 -6.18 -12.13 -2.06
C ASP A 57 -7.32 -11.61 -1.17
N ARG A 58 -6.96 -10.91 -0.11
CA ARG A 58 -7.92 -10.51 0.92
C ARG A 58 -8.99 -9.56 0.36
N TYR A 59 -8.62 -8.71 -0.56
CA TYR A 59 -9.56 -7.72 -1.10
C TYR A 59 -10.08 -8.14 -2.46
N SER A 60 -9.67 -9.32 -2.91
CA SER A 60 -10.08 -9.83 -4.22
C SER A 60 -9.74 -8.82 -5.32
N LEU A 61 -8.45 -8.54 -5.45
CA LEU A 61 -7.98 -7.56 -6.41
C LEU A 61 -7.19 -8.24 -7.52
N SER A 62 -7.26 -7.68 -8.71
CA SER A 62 -6.49 -8.19 -9.84
C SER A 62 -5.23 -7.34 -10.03
N GLU A 63 -4.33 -7.80 -10.88
CA GLU A 63 -3.05 -7.15 -11.08
C GLU A 63 -3.24 -5.70 -11.55
N GLU A 64 -4.15 -5.49 -12.49
CA GLU A 64 -4.42 -4.15 -13.00
C GLU A 64 -5.04 -3.27 -11.93
N GLU A 65 -5.82 -3.88 -11.05
CA GLU A 65 -6.48 -3.15 -9.97
C GLU A 65 -5.44 -2.48 -9.10
N PHE A 66 -4.57 -3.28 -8.50
CA PHE A 66 -3.54 -2.78 -7.61
C PHE A 66 -2.59 -1.84 -8.38
N ALA A 67 -2.41 -2.12 -9.67
CA ALA A 67 -1.59 -1.28 -10.52
C ALA A 67 -2.20 0.12 -10.63
N LEU A 68 -3.51 0.19 -10.77
CA LEU A 68 -4.22 1.46 -10.82
C LEU A 68 -4.09 2.20 -9.50
N TRP A 69 -4.30 1.48 -8.41
CA TRP A 69 -4.23 2.06 -7.06
C TRP A 69 -2.86 2.71 -6.83
N ARG A 70 -1.80 1.97 -7.12
CA ARG A 70 -0.45 2.45 -6.88
C ARG A 70 -0.09 3.57 -7.85
N SER A 71 -0.77 3.62 -8.99
CA SER A 71 -0.51 4.67 -9.96
C SER A 71 -1.29 5.94 -9.63
N ALA A 72 -2.43 5.77 -8.98
CA ALA A 72 -3.27 6.91 -8.60
C ALA A 72 -2.77 7.55 -7.31
N VAL A 73 -2.19 6.75 -6.43
CA VAL A 73 -1.72 7.25 -5.15
C VAL A 73 -0.21 7.46 -5.17
N ALA A 74 0.55 6.39 -5.34
CA ALA A 74 2.00 6.44 -5.22
C ALA A 74 2.65 7.14 -6.41
N ALA A 75 2.12 6.88 -7.60
CA ALA A 75 2.70 7.43 -8.82
C ALA A 75 2.08 8.78 -9.16
N HIS A 76 1.28 9.30 -8.24
CA HIS A 76 0.67 10.61 -8.41
C HIS A 76 1.70 11.71 -8.22
N GLY A 77 2.05 12.35 -9.33
CA GLY A 77 3.02 13.42 -9.30
C GLY A 77 2.94 14.27 -10.54
N GLU A 78 1.92 15.12 -10.61
CA GLU A 78 1.69 15.95 -11.78
C GLU A 78 2.64 17.15 -11.79
N LYS A 79 3.37 17.31 -10.70
CA LYS A 79 4.34 18.39 -10.59
C LYS A 79 5.50 18.14 -11.55
N ALA A 80 6.34 17.18 -11.19
CA ALA A 80 7.49 16.79 -11.98
C ALA A 80 8.16 15.58 -11.34
N LEU A 81 7.61 14.42 -11.58
CA LEU A 81 8.10 13.19 -10.97
C LEU A 81 8.38 12.15 -12.04
N LYS A 82 9.65 11.96 -12.34
CA LYS A 82 10.07 10.88 -13.23
C LYS A 82 10.02 9.57 -12.46
N VAL A 83 9.92 8.44 -13.17
CA VAL A 83 9.79 7.12 -12.55
C VAL A 83 10.77 6.92 -11.37
N THR A 84 12.00 7.37 -11.56
CA THR A 84 13.02 7.27 -10.54
C THR A 84 12.68 8.12 -9.31
N MET A 85 12.19 9.32 -9.59
CA MET A 85 11.82 10.26 -8.54
C MET A 85 10.76 9.67 -7.63
N ILE A 86 9.76 9.03 -8.24
CA ILE A 86 8.63 8.47 -7.50
C ILE A 86 9.11 7.43 -6.49
N GLN A 87 10.01 6.56 -6.92
CA GLN A 87 10.56 5.53 -6.06
C GLN A 87 11.24 6.14 -4.84
N LYS A 88 11.86 7.31 -5.04
CA LYS A 88 12.60 7.97 -3.98
C LYS A 88 11.67 8.69 -3.00
N TYR A 89 10.39 8.76 -3.33
CA TYR A 89 9.40 9.38 -2.45
C TYR A 89 8.52 8.31 -1.80
N ARG A 90 8.59 7.09 -2.31
CA ARG A 90 7.76 6.00 -1.79
C ARG A 90 8.62 4.99 -1.05
N GLN A 91 9.80 4.70 -1.60
CA GLN A 91 10.76 3.81 -0.97
C GLN A 91 11.87 4.64 -0.35
N LEU A 92 11.52 5.87 0.03
CA LEU A 92 12.48 6.83 0.57
C LEU A 92 13.28 6.25 1.73
N HIS A 93 12.58 5.66 2.71
CA HIS A 93 13.19 5.12 3.93
C HIS A 93 14.21 6.12 4.49
N HIS A 94 13.72 7.21 5.03
CA HIS A 94 14.58 8.28 5.51
C HIS A 94 14.50 8.40 7.03
N HIS A 95 15.65 8.47 7.66
CA HIS A 95 15.72 8.67 9.10
C HIS A 95 16.04 10.13 9.38
N MET A 1 1.59 -12.00 13.12
CA MET A 1 1.96 -12.86 14.28
C MET A 1 3.15 -12.25 15.01
N TYR A 2 3.11 -12.30 16.33
CA TYR A 2 4.24 -11.84 17.13
C TYR A 2 5.14 -13.01 17.46
N LEU A 3 6.16 -13.16 16.64
CA LEU A 3 7.12 -14.24 16.78
C LEU A 3 8.51 -13.70 16.45
N LYS A 4 9.53 -14.29 17.04
CA LYS A 4 10.92 -13.88 16.75
C LYS A 4 11.22 -14.04 15.26
N ARG A 5 10.47 -14.93 14.61
CA ARG A 5 10.48 -15.02 13.16
C ARG A 5 9.23 -14.30 12.63
N VAL A 6 9.39 -13.03 12.32
CA VAL A 6 8.26 -12.15 12.05
C VAL A 6 7.64 -12.41 10.67
N ASP A 7 6.32 -12.29 10.60
CA ASP A 7 5.61 -12.45 9.33
C ASP A 7 5.36 -11.10 8.70
N GLY A 8 5.50 -10.05 9.50
CA GLY A 8 5.31 -8.70 9.02
C GLY A 8 5.10 -7.73 10.17
N PRO A 9 5.60 -6.49 10.06
CA PRO A 9 5.44 -5.48 11.10
C PRO A 9 3.97 -5.16 11.36
N ARG A 10 3.62 -4.85 12.61
CA ARG A 10 2.23 -4.59 12.95
C ARG A 10 1.77 -3.25 12.38
N GLN A 11 2.71 -2.31 12.22
CA GLN A 11 2.38 -0.99 11.70
C GLN A 11 3.56 -0.34 11.01
N VAL A 12 3.27 0.40 9.95
CA VAL A 12 4.26 1.17 9.23
C VAL A 12 3.94 2.65 9.32
N THR A 13 4.95 3.48 9.12
CA THR A 13 4.77 4.92 9.22
C THR A 13 4.62 5.53 7.83
N LEU A 14 3.73 6.50 7.72
CA LEU A 14 3.53 7.22 6.46
C LEU A 14 4.39 8.48 6.45
N PRO A 15 4.86 8.90 5.26
CA PRO A 15 5.59 10.16 5.12
C PRO A 15 4.69 11.34 5.45
N ASP A 16 3.39 11.08 5.44
CA ASP A 16 2.38 12.06 5.79
C ASP A 16 2.31 12.26 7.30
N GLY A 17 2.97 11.37 8.03
CA GLY A 17 2.94 11.41 9.48
C GLY A 17 1.86 10.50 10.04
N THR A 18 1.13 9.87 9.15
CA THR A 18 0.06 8.95 9.53
C THR A 18 0.65 7.58 9.91
N VAL A 19 -0.14 6.77 10.60
CA VAL A 19 0.29 5.43 10.98
C VAL A 19 -0.63 4.38 10.37
N LEU A 20 -0.05 3.47 9.61
CA LEU A 20 -0.82 2.43 8.94
C LEU A 20 -0.50 1.07 9.53
N SER A 21 -1.44 0.50 10.26
CA SER A 21 -1.23 -0.77 10.91
C SER A 21 -2.01 -1.88 10.23
N ARG A 22 -1.67 -3.12 10.56
CA ARG A 22 -2.32 -4.29 9.98
C ARG A 22 -3.79 -4.34 10.35
N ALA A 23 -4.16 -3.62 11.41
CA ALA A 23 -5.54 -3.55 11.84
C ALA A 23 -6.20 -2.24 11.38
N ASP A 24 -5.41 -1.40 10.72
CA ASP A 24 -5.92 -0.12 10.23
C ASP A 24 -6.32 -0.22 8.77
N LEU A 25 -5.86 -1.29 8.13
CA LEU A 25 -6.24 -1.57 6.76
C LEU A 25 -7.76 -1.54 6.60
N PRO A 26 -8.25 -0.98 5.48
CA PRO A 26 -9.68 -0.83 5.22
C PRO A 26 -10.42 -2.16 5.28
N PRO A 27 -11.69 -2.14 5.72
CA PRO A 27 -12.49 -3.36 5.88
C PRO A 27 -12.79 -4.03 4.53
N LEU A 28 -12.99 -5.34 4.59
CA LEU A 28 -13.28 -6.13 3.39
C LEU A 28 -14.66 -5.79 2.84
N ASP A 29 -15.46 -5.15 3.69
CA ASP A 29 -16.82 -4.74 3.34
C ASP A 29 -16.80 -3.66 2.27
N THR A 30 -15.68 -2.95 2.17
CA THR A 30 -15.56 -1.86 1.24
C THR A 30 -15.30 -2.36 -0.16
N ARG A 31 -16.32 -2.26 -1.01
CA ARG A 31 -16.14 -2.54 -2.41
C ARG A 31 -16.13 -1.24 -3.20
N ARG A 32 -16.92 -0.27 -2.75
CA ARG A 32 -16.86 1.07 -3.31
C ARG A 32 -15.64 1.80 -2.74
N TRP A 33 -14.48 1.43 -3.25
CA TRP A 33 -13.21 1.92 -2.75
C TRP A 33 -13.05 3.41 -2.98
N VAL A 34 -12.85 4.14 -1.89
CA VAL A 34 -12.56 5.56 -1.98
C VAL A 34 -11.05 5.76 -2.04
N ALA A 35 -10.62 6.93 -2.50
CA ALA A 35 -9.21 7.22 -2.70
C ALA A 35 -8.40 6.99 -1.42
N SER A 36 -8.96 7.39 -0.29
CA SER A 36 -8.29 7.27 0.99
C SER A 36 -7.96 5.81 1.32
N ARG A 37 -8.91 4.92 1.04
CA ARG A 37 -8.77 3.52 1.41
C ARG A 37 -7.92 2.75 0.39
N LYS A 38 -7.97 3.19 -0.86
CA LYS A 38 -7.08 2.64 -1.88
C LYS A 38 -5.64 2.97 -1.54
N ALA A 39 -5.41 4.20 -1.11
CA ALA A 39 -4.09 4.66 -0.72
C ALA A 39 -3.55 3.85 0.45
N ALA A 40 -4.43 3.50 1.38
CA ALA A 40 -4.04 2.71 2.54
C ALA A 40 -3.50 1.34 2.13
N VAL A 41 -4.23 0.66 1.26
CA VAL A 41 -3.85 -0.68 0.81
C VAL A 41 -2.53 -0.64 0.06
N VAL A 42 -2.41 0.28 -0.89
CA VAL A 42 -1.20 0.35 -1.71
C VAL A 42 0.01 0.76 -0.89
N LYS A 43 -0.16 1.70 0.03
CA LYS A 43 0.95 2.16 0.87
C LYS A 43 1.36 1.07 1.86
N ALA A 44 0.44 0.18 2.17
CA ALA A 44 0.73 -0.95 3.05
C ALA A 44 1.76 -1.86 2.42
N VAL A 45 1.53 -2.23 1.17
CA VAL A 45 2.47 -3.07 0.44
C VAL A 45 3.78 -2.33 0.23
N ILE A 46 3.67 -1.06 -0.15
CA ILE A 46 4.81 -0.21 -0.42
C ILE A 46 5.74 -0.07 0.80
N HIS A 47 5.16 0.11 1.97
CA HIS A 47 5.96 0.32 3.18
C HIS A 47 6.37 -1.00 3.82
N GLY A 48 5.95 -2.10 3.24
CA GLY A 48 6.38 -3.40 3.72
C GLY A 48 5.50 -3.92 4.85
N LEU A 49 4.33 -3.32 5.01
CA LEU A 49 3.37 -3.76 6.02
C LEU A 49 2.82 -5.12 5.63
N ILE A 50 2.32 -5.21 4.41
CA ILE A 50 1.83 -6.46 3.85
C ILE A 50 2.45 -6.69 2.48
N THR A 51 2.27 -7.88 1.94
CA THR A 51 2.74 -8.19 0.61
C THR A 51 1.61 -7.98 -0.41
N GLU A 52 1.97 -7.81 -1.68
CA GLU A 52 0.99 -7.50 -2.72
C GLU A 52 0.00 -8.65 -2.90
N ARG A 53 0.53 -9.88 -2.88
CA ARG A 53 -0.29 -11.09 -2.94
C ARG A 53 -1.35 -11.06 -1.85
N GLU A 54 -0.95 -10.61 -0.67
CA GLU A 54 -1.83 -10.50 0.48
C GLU A 54 -2.98 -9.54 0.17
N ALA A 55 -2.63 -8.34 -0.30
CA ALA A 55 -3.62 -7.31 -0.59
C ALA A 55 -4.66 -7.80 -1.60
N LEU A 56 -4.17 -8.43 -2.65
CA LEU A 56 -5.03 -8.93 -3.72
C LEU A 56 -5.93 -10.04 -3.21
N ASP A 57 -5.37 -10.98 -2.47
CA ASP A 57 -6.12 -12.12 -1.98
C ASP A 57 -7.19 -11.73 -0.97
N ARG A 58 -6.81 -10.91 0.02
CA ARG A 58 -7.73 -10.55 1.10
C ARG A 58 -8.91 -9.73 0.58
N TYR A 59 -8.66 -8.82 -0.35
CA TYR A 59 -9.72 -7.95 -0.86
C TYR A 59 -10.30 -8.50 -2.15
N SER A 60 -9.79 -9.66 -2.59
CA SER A 60 -10.25 -10.31 -3.81
C SER A 60 -10.00 -9.40 -5.02
N LEU A 61 -8.92 -8.63 -4.93
CA LEU A 61 -8.55 -7.72 -6.00
C LEU A 61 -7.67 -8.46 -6.99
N SER A 62 -7.67 -8.01 -8.23
CA SER A 62 -6.82 -8.57 -9.25
C SER A 62 -5.55 -7.74 -9.36
N GLU A 63 -4.51 -8.33 -9.92
CA GLU A 63 -3.23 -7.66 -10.08
C GLU A 63 -3.38 -6.41 -10.94
N GLU A 64 -4.28 -6.48 -11.91
CA GLU A 64 -4.64 -5.34 -12.75
C GLU A 64 -5.13 -4.17 -11.90
N GLU A 65 -5.91 -4.48 -10.86
CA GLU A 65 -6.50 -3.48 -9.99
C GLU A 65 -5.40 -2.74 -9.23
N PHE A 66 -4.58 -3.51 -8.52
CA PHE A 66 -3.51 -2.95 -7.70
C PHE A 66 -2.54 -2.14 -8.55
N ALA A 67 -2.38 -2.56 -9.80
CA ALA A 67 -1.53 -1.83 -10.74
C ALA A 67 -2.06 -0.42 -10.93
N LEU A 68 -3.37 -0.30 -11.09
CA LEU A 68 -4.01 1.00 -11.25
C LEU A 68 -3.87 1.83 -9.98
N TRP A 69 -4.07 1.19 -8.83
CA TRP A 69 -3.98 1.87 -7.54
C TRP A 69 -2.62 2.53 -7.35
N ARG A 70 -1.55 1.77 -7.50
CA ARG A 70 -0.21 2.30 -7.29
C ARG A 70 0.12 3.38 -8.32
N SER A 71 -0.49 3.30 -9.50
CA SER A 71 -0.27 4.29 -10.53
C SER A 71 -1.01 5.59 -10.20
N ALA A 72 -2.18 5.47 -9.60
CA ALA A 72 -3.01 6.62 -9.28
C ALA A 72 -2.61 7.26 -7.96
N VAL A 73 -1.96 6.50 -7.08
CA VAL A 73 -1.60 7.00 -5.76
C VAL A 73 -0.12 7.37 -5.68
N ALA A 74 0.76 6.41 -5.96
CA ALA A 74 2.19 6.64 -5.84
C ALA A 74 2.67 7.63 -6.90
N ALA A 75 2.22 7.44 -8.12
CA ALA A 75 2.58 8.35 -9.20
C ALA A 75 1.61 9.52 -9.23
N HIS A 76 0.36 9.23 -9.55
CA HIS A 76 -0.74 10.21 -9.51
C HIS A 76 -0.63 11.22 -10.67
N GLY A 77 0.46 11.17 -11.41
CA GLY A 77 0.62 12.08 -12.51
C GLY A 77 2.06 12.13 -12.99
N GLU A 78 2.35 11.41 -14.05
CA GLU A 78 3.69 11.40 -14.65
C GLU A 78 3.82 12.57 -15.63
N LYS A 79 3.12 13.65 -15.31
CA LYS A 79 3.08 14.83 -16.16
C LYS A 79 4.30 15.71 -15.91
N ALA A 80 4.71 15.76 -14.65
CA ALA A 80 5.83 16.60 -14.25
C ALA A 80 6.94 15.75 -13.66
N LEU A 81 7.96 15.48 -14.45
CA LEU A 81 9.05 14.62 -14.02
C LEU A 81 10.12 15.43 -13.31
N LYS A 82 9.87 15.76 -12.05
CA LYS A 82 10.86 16.40 -11.20
C LYS A 82 11.75 15.32 -10.59
N VAL A 83 12.96 15.68 -10.19
CA VAL A 83 13.92 14.71 -9.65
C VAL A 83 13.32 13.89 -8.50
N THR A 84 12.42 14.51 -7.74
CA THR A 84 11.76 13.85 -6.63
C THR A 84 10.70 12.84 -7.12
N MET A 85 10.31 12.97 -8.37
CA MET A 85 9.27 12.13 -8.95
C MET A 85 9.82 10.79 -9.44
N ILE A 86 11.06 10.80 -9.91
CA ILE A 86 11.65 9.60 -10.52
C ILE A 86 11.70 8.44 -9.52
N GLN A 87 12.02 8.74 -8.26
CA GLN A 87 12.11 7.70 -7.25
C GLN A 87 10.74 7.05 -7.04
N LYS A 88 9.67 7.83 -7.20
CA LYS A 88 8.33 7.29 -7.08
C LYS A 88 7.97 6.43 -8.29
N TYR A 89 8.53 6.77 -9.44
CA TYR A 89 8.30 6.01 -10.66
C TYR A 89 9.05 4.67 -10.59
N ARG A 90 10.14 4.66 -9.84
CA ARG A 90 10.89 3.42 -9.61
C ARG A 90 10.11 2.51 -8.66
N GLN A 91 9.50 3.12 -7.66
CA GLN A 91 8.69 2.39 -6.70
C GLN A 91 7.34 2.01 -7.32
N LEU A 92 7.00 2.72 -8.40
CA LEU A 92 5.80 2.45 -9.18
C LEU A 92 5.93 1.14 -9.95
N HIS A 93 7.17 0.81 -10.30
CA HIS A 93 7.48 -0.33 -11.17
C HIS A 93 6.70 -1.58 -10.77
N HIS A 94 5.82 -2.00 -11.67
CA HIS A 94 5.00 -3.19 -11.46
C HIS A 94 5.05 -4.08 -12.70
N HIS A 95 6.26 -4.22 -13.25
CA HIS A 95 6.48 -5.06 -14.42
C HIS A 95 7.94 -5.48 -14.46
N MET A 1 18.86 -5.76 11.02
CA MET A 1 18.31 -7.02 10.48
C MET A 1 19.27 -8.18 10.72
N TYR A 2 19.07 -8.90 11.81
CA TYR A 2 19.89 -10.05 12.13
C TYR A 2 19.02 -11.24 12.56
N LEU A 3 18.46 -11.94 11.59
CA LEU A 3 17.67 -13.16 11.81
C LEU A 3 16.33 -12.91 12.49
N LYS A 4 16.31 -12.06 13.50
CA LYS A 4 15.08 -11.76 14.21
C LYS A 4 14.23 -10.78 13.41
N ARG A 5 13.16 -11.28 12.83
CA ARG A 5 12.27 -10.47 12.02
C ARG A 5 10.83 -10.96 12.14
N VAL A 6 9.90 -10.02 12.19
CA VAL A 6 8.49 -10.37 12.11
C VAL A 6 8.08 -10.41 10.64
N ASP A 7 7.42 -11.50 10.23
CA ASP A 7 7.00 -11.68 8.85
C ASP A 7 6.13 -10.51 8.39
N GLY A 8 5.05 -10.28 9.13
CA GLY A 8 4.17 -9.17 8.84
C GLY A 8 4.19 -8.13 9.93
N PRO A 9 4.84 -6.99 9.69
CA PRO A 9 4.90 -5.90 10.66
C PRO A 9 3.51 -5.43 11.06
N ARG A 10 3.35 -5.04 12.31
CA ARG A 10 2.04 -4.68 12.82
C ARG A 10 1.67 -3.26 12.46
N GLN A 11 2.67 -2.39 12.31
CA GLN A 11 2.43 -1.01 11.93
C GLN A 11 3.61 -0.42 11.19
N VAL A 12 3.30 0.43 10.22
CA VAL A 12 4.31 1.15 9.46
C VAL A 12 4.01 2.65 9.45
N THR A 13 4.82 3.42 8.76
CA THR A 13 4.63 4.86 8.71
C THR A 13 4.40 5.31 7.26
N LEU A 14 3.59 6.34 7.09
CA LEU A 14 3.31 6.90 5.77
C LEU A 14 4.26 8.06 5.49
N PRO A 15 4.45 8.41 4.20
CA PRO A 15 5.19 9.62 3.83
C PRO A 15 4.36 10.85 4.18
N ASP A 16 3.10 10.61 4.47
CA ASP A 16 2.17 11.64 4.89
C ASP A 16 2.44 12.03 6.33
N GLY A 17 3.21 11.20 7.02
CA GLY A 17 3.49 11.42 8.42
C GLY A 17 2.54 10.66 9.32
N THR A 18 1.65 9.90 8.70
CA THR A 18 0.63 9.14 9.42
C THR A 18 1.15 7.76 9.81
N VAL A 19 0.37 7.05 10.63
CA VAL A 19 0.70 5.68 11.00
C VAL A 19 -0.28 4.70 10.34
N LEU A 20 0.26 3.59 9.83
CA LEU A 20 -0.56 2.60 9.15
C LEU A 20 -0.34 1.23 9.76
N SER A 21 -1.27 0.81 10.59
CA SER A 21 -1.21 -0.51 11.18
C SER A 21 -1.98 -1.49 10.31
N ARG A 22 -1.81 -2.79 10.54
CA ARG A 22 -2.56 -3.79 9.81
C ARG A 22 -4.04 -3.73 10.19
N ALA A 23 -4.29 -3.17 11.37
CA ALA A 23 -5.66 -2.93 11.83
C ALA A 23 -6.19 -1.60 11.28
N ASP A 24 -5.31 -0.83 10.64
CA ASP A 24 -5.71 0.44 10.02
C ASP A 24 -6.19 0.21 8.60
N LEU A 25 -6.00 -1.01 8.12
CA LEU A 25 -6.45 -1.39 6.79
C LEU A 25 -7.98 -1.33 6.70
N PRO A 26 -8.52 -0.98 5.53
CA PRO A 26 -9.97 -0.87 5.32
C PRO A 26 -10.68 -2.22 5.46
N PRO A 27 -11.94 -2.20 5.95
CA PRO A 27 -12.73 -3.43 6.12
C PRO A 27 -12.81 -4.26 4.84
N LEU A 28 -12.80 -5.58 5.01
CA LEU A 28 -12.77 -6.50 3.88
C LEU A 28 -14.04 -6.41 3.04
N ASP A 29 -15.12 -5.98 3.67
CA ASP A 29 -16.41 -5.88 2.99
C ASP A 29 -16.49 -4.63 2.13
N THR A 30 -15.48 -3.77 2.22
CA THR A 30 -15.44 -2.56 1.42
C THR A 30 -15.25 -2.89 -0.05
N ARG A 31 -16.33 -2.82 -0.79
CA ARG A 31 -16.28 -2.94 -2.23
C ARG A 31 -16.42 -1.55 -2.83
N ARG A 32 -17.08 -0.69 -2.06
CA ARG A 32 -17.19 0.72 -2.38
C ARG A 32 -15.87 1.41 -2.03
N TRP A 33 -14.87 1.17 -2.86
CA TRP A 33 -13.53 1.68 -2.62
C TRP A 33 -13.44 3.18 -2.84
N VAL A 34 -12.97 3.87 -1.82
CA VAL A 34 -12.67 5.28 -1.94
C VAL A 34 -11.16 5.47 -1.99
N ALA A 35 -10.72 6.61 -2.51
CA ALA A 35 -9.30 6.89 -2.70
C ALA A 35 -8.49 6.71 -1.42
N SER A 36 -9.07 7.13 -0.30
CA SER A 36 -8.38 7.04 0.98
C SER A 36 -8.14 5.58 1.39
N ARG A 37 -9.10 4.71 1.08
CA ARG A 37 -8.98 3.31 1.45
C ARG A 37 -8.09 2.56 0.45
N LYS A 38 -8.08 3.04 -0.78
CA LYS A 38 -7.16 2.54 -1.78
C LYS A 38 -5.73 2.85 -1.36
N ALA A 39 -5.52 4.09 -0.96
CA ALA A 39 -4.21 4.55 -0.50
C ALA A 39 -3.72 3.71 0.66
N ALA A 40 -4.63 3.37 1.57
CA ALA A 40 -4.28 2.56 2.73
C ALA A 40 -3.73 1.21 2.31
N VAL A 41 -4.36 0.58 1.33
CA VAL A 41 -3.94 -0.73 0.86
C VAL A 41 -2.61 -0.66 0.13
N VAL A 42 -2.51 0.26 -0.83
CA VAL A 42 -1.32 0.35 -1.65
C VAL A 42 -0.10 0.78 -0.83
N LYS A 43 -0.29 1.74 0.07
CA LYS A 43 0.81 2.22 0.90
C LYS A 43 1.26 1.12 1.87
N ALA A 44 0.33 0.25 2.26
CA ALA A 44 0.64 -0.85 3.15
C ALA A 44 1.66 -1.80 2.52
N VAL A 45 1.44 -2.14 1.25
CA VAL A 45 2.35 -3.04 0.55
C VAL A 45 3.68 -2.36 0.27
N ILE A 46 3.63 -1.10 -0.14
CA ILE A 46 4.83 -0.34 -0.49
C ILE A 46 5.74 -0.16 0.73
N HIS A 47 5.16 -0.11 1.92
CA HIS A 47 5.95 0.04 3.14
C HIS A 47 6.35 -1.31 3.73
N GLY A 48 5.78 -2.38 3.18
CA GLY A 48 6.09 -3.71 3.67
C GLY A 48 5.29 -4.07 4.91
N LEU A 49 4.11 -3.47 5.03
CA LEU A 49 3.19 -3.78 6.12
C LEU A 49 2.47 -5.08 5.80
N ILE A 50 2.03 -5.19 4.56
CA ILE A 50 1.43 -6.40 4.05
C ILE A 50 2.08 -6.76 2.72
N THR A 51 1.89 -7.98 2.28
CA THR A 51 2.42 -8.37 0.98
C THR A 51 1.40 -8.13 -0.11
N GLU A 52 1.87 -7.89 -1.31
CA GLU A 52 1.04 -7.56 -2.44
C GLU A 52 0.08 -8.71 -2.75
N ARG A 53 0.57 -9.92 -2.56
CA ARG A 53 -0.22 -11.13 -2.79
C ARG A 53 -1.37 -11.21 -1.77
N GLU A 54 -1.10 -10.72 -0.56
CA GLU A 54 -2.09 -10.71 0.49
C GLU A 54 -3.20 -9.72 0.17
N ALA A 55 -2.82 -8.55 -0.29
CA ALA A 55 -3.77 -7.49 -0.60
C ALA A 55 -4.77 -7.95 -1.66
N LEU A 56 -4.24 -8.59 -2.70
CA LEU A 56 -5.07 -9.08 -3.80
C LEU A 56 -5.99 -10.18 -3.33
N ASP A 57 -5.54 -10.98 -2.37
CA ASP A 57 -6.31 -12.11 -1.89
C ASP A 57 -7.40 -11.66 -0.92
N ARG A 58 -7.00 -10.93 0.11
CA ARG A 58 -7.93 -10.53 1.18
C ARG A 58 -9.00 -9.56 0.69
N TYR A 59 -8.68 -8.75 -0.31
CA TYR A 59 -9.64 -7.77 -0.82
C TYR A 59 -10.24 -8.24 -2.14
N SER A 60 -9.83 -9.42 -2.59
CA SER A 60 -10.34 -10.00 -3.83
C SER A 60 -10.11 -9.04 -5.00
N LEU A 61 -8.85 -8.70 -5.22
CA LEU A 61 -8.46 -7.78 -6.26
C LEU A 61 -7.57 -8.48 -7.28
N SER A 62 -7.08 -7.72 -8.24
CA SER A 62 -6.21 -8.25 -9.28
C SER A 62 -5.04 -7.29 -9.49
N GLU A 63 -3.99 -7.79 -10.14
CA GLU A 63 -2.82 -6.96 -10.47
C GLU A 63 -3.23 -5.68 -11.18
N GLU A 64 -4.09 -5.82 -12.19
CA GLU A 64 -4.56 -4.69 -12.98
C GLU A 64 -5.14 -3.60 -12.09
N GLU A 65 -5.83 -3.99 -11.04
CA GLU A 65 -6.45 -3.06 -10.11
C GLU A 65 -5.37 -2.36 -9.28
N PHE A 66 -4.58 -3.15 -8.56
CA PHE A 66 -3.56 -2.62 -7.67
C PHE A 66 -2.51 -1.81 -8.45
N ALA A 67 -2.24 -2.23 -9.68
CA ALA A 67 -1.29 -1.54 -10.53
C ALA A 67 -1.76 -0.11 -10.82
N LEU A 68 -3.06 0.06 -10.94
CA LEU A 68 -3.63 1.39 -11.15
C LEU A 68 -3.55 2.19 -9.87
N TRP A 69 -3.87 1.54 -8.75
CA TRP A 69 -3.81 2.18 -7.44
C TRP A 69 -2.41 2.75 -7.18
N ARG A 70 -1.39 1.92 -7.39
CA ARG A 70 -0.01 2.33 -7.12
C ARG A 70 0.42 3.43 -8.09
N SER A 71 -0.13 3.40 -9.30
CA SER A 71 0.24 4.37 -10.32
C SER A 71 -0.42 5.73 -10.03
N ALA A 72 -1.58 5.70 -9.41
CA ALA A 72 -2.31 6.92 -9.12
C ALA A 72 -1.90 7.51 -7.78
N VAL A 73 -1.75 6.66 -6.77
CA VAL A 73 -1.45 7.13 -5.42
C VAL A 73 0.03 7.45 -5.23
N ALA A 74 0.89 6.48 -5.51
CA ALA A 74 2.32 6.64 -5.27
C ALA A 74 2.96 7.58 -6.27
N ALA A 75 2.53 7.50 -7.53
CA ALA A 75 3.06 8.35 -8.58
C ALA A 75 2.27 9.65 -8.68
N HIS A 76 1.61 10.02 -7.60
CA HIS A 76 0.84 11.26 -7.55
C HIS A 76 1.76 12.46 -7.34
N GLY A 77 2.99 12.18 -6.89
CA GLY A 77 4.00 13.23 -6.77
C GLY A 77 4.60 13.56 -8.11
N GLU A 78 3.74 13.84 -9.07
CA GLU A 78 4.12 14.02 -10.46
C GLU A 78 4.46 15.48 -10.77
N LYS A 79 4.12 16.37 -9.85
CA LYS A 79 4.27 17.79 -10.08
C LYS A 79 5.65 18.26 -9.63
N ALA A 80 6.29 17.47 -8.79
CA ALA A 80 7.63 17.75 -8.32
C ALA A 80 8.30 16.45 -7.86
N LEU A 81 9.24 15.98 -8.67
CA LEU A 81 9.98 14.78 -8.32
C LEU A 81 11.06 15.09 -7.29
N LYS A 82 10.65 15.15 -6.03
CA LYS A 82 11.58 15.29 -4.93
C LYS A 82 12.36 13.99 -4.78
N VAL A 83 13.57 14.05 -4.24
CA VAL A 83 14.42 12.86 -4.09
C VAL A 83 13.65 11.70 -3.43
N THR A 84 12.77 12.04 -2.50
CA THR A 84 11.94 11.06 -1.83
C THR A 84 11.00 10.38 -2.82
N MET A 85 10.51 11.14 -3.79
CA MET A 85 9.57 10.63 -4.77
C MET A 85 10.24 9.61 -5.68
N ILE A 86 11.51 9.83 -6.00
CA ILE A 86 12.26 8.88 -6.81
C ILE A 86 12.39 7.56 -6.07
N GLN A 87 12.65 7.65 -4.78
CA GLN A 87 12.73 6.47 -3.94
C GLN A 87 11.39 5.73 -3.96
N LYS A 88 10.30 6.49 -3.90
CA LYS A 88 8.96 5.92 -3.95
C LYS A 88 8.71 5.25 -5.29
N TYR A 89 9.20 5.87 -6.36
CA TYR A 89 9.06 5.31 -7.70
C TYR A 89 9.80 3.97 -7.82
N ARG A 90 10.93 3.86 -7.13
CA ARG A 90 11.74 2.65 -7.19
C ARG A 90 11.09 1.52 -6.39
N GLN A 91 10.56 1.86 -5.22
CA GLN A 91 9.94 0.86 -4.35
C GLN A 91 8.48 0.62 -4.76
N LEU A 92 8.01 1.44 -5.69
CA LEU A 92 6.72 1.23 -6.32
C LEU A 92 6.79 0.00 -7.22
N HIS A 93 7.96 -0.20 -7.79
CA HIS A 93 8.18 -1.32 -8.69
C HIS A 93 8.48 -2.60 -7.91
N HIS A 94 7.75 -3.65 -8.22
CA HIS A 94 7.97 -4.94 -7.59
C HIS A 94 8.19 -6.02 -8.64
N HIS A 95 8.40 -7.24 -8.18
CA HIS A 95 8.61 -8.39 -9.06
C HIS A 95 8.55 -9.67 -8.24
N MET A 1 8.51 -17.12 4.88
CA MET A 1 8.34 -18.41 5.57
C MET A 1 7.63 -19.40 4.65
N TYR A 2 7.63 -20.68 5.01
CA TYR A 2 6.94 -21.69 4.24
C TYR A 2 5.44 -21.37 4.18
N LEU A 3 4.89 -21.42 2.96
CA LEU A 3 3.49 -21.06 2.71
C LEU A 3 3.28 -19.57 2.95
N LYS A 4 4.31 -18.79 2.62
CA LYS A 4 4.33 -17.34 2.86
C LYS A 4 4.40 -17.06 4.35
N ARG A 5 3.24 -17.07 5.01
CA ARG A 5 3.12 -16.81 6.45
C ARG A 5 3.54 -15.37 6.78
N VAL A 6 2.64 -14.65 7.43
CA VAL A 6 2.87 -13.23 7.70
C VAL A 6 3.65 -13.02 9.00
N ASP A 7 4.88 -12.56 8.84
CA ASP A 7 5.69 -12.13 9.98
C ASP A 7 6.40 -10.83 9.63
N GLY A 8 6.12 -9.79 10.38
CA GLY A 8 6.73 -8.52 10.12
C GLY A 8 6.14 -7.42 10.98
N PRO A 9 6.08 -6.19 10.47
CA PRO A 9 5.53 -5.05 11.20
C PRO A 9 4.00 -5.10 11.26
N ARG A 10 3.46 -4.74 12.41
CA ARG A 10 2.01 -4.64 12.55
C ARG A 10 1.55 -3.22 12.25
N GLN A 11 2.51 -2.31 12.13
CA GLN A 11 2.23 -0.95 11.74
C GLN A 11 3.45 -0.32 11.08
N VAL A 12 3.20 0.39 9.99
CA VAL A 12 4.26 1.06 9.25
C VAL A 12 4.04 2.57 9.24
N THR A 13 5.08 3.31 8.93
CA THR A 13 5.01 4.76 8.93
C THR A 13 4.77 5.28 7.53
N LEU A 14 3.93 6.31 7.42
CA LEU A 14 3.66 6.96 6.14
C LEU A 14 4.56 8.17 5.97
N PRO A 15 4.87 8.56 4.73
CA PRO A 15 5.61 9.79 4.45
C PRO A 15 4.77 11.02 4.76
N ASP A 16 3.49 10.76 5.02
CA ASP A 16 2.54 11.78 5.39
C ASP A 16 2.62 12.04 6.90
N GLY A 17 3.42 11.22 7.58
CA GLY A 17 3.56 11.34 9.02
C GLY A 17 2.47 10.59 9.76
N THR A 18 1.80 9.69 9.07
CA THR A 18 0.74 8.90 9.64
C THR A 18 1.24 7.50 10.00
N VAL A 19 0.46 6.74 10.74
CA VAL A 19 0.80 5.36 11.06
C VAL A 19 -0.26 4.43 10.48
N LEU A 20 0.17 3.44 9.73
CA LEU A 20 -0.74 2.49 9.10
C LEU A 20 -0.52 1.10 9.66
N SER A 21 -1.44 0.64 10.46
CA SER A 21 -1.35 -0.70 11.02
C SER A 21 -2.12 -1.68 10.14
N ARG A 22 -1.94 -2.96 10.37
CA ARG A 22 -2.65 -3.98 9.60
C ARG A 22 -4.12 -3.99 10.00
N ALA A 23 -4.45 -3.27 11.08
CA ALA A 23 -5.83 -3.11 11.51
C ALA A 23 -6.39 -1.77 11.02
N ASP A 24 -5.51 -0.91 10.53
CA ASP A 24 -5.94 0.36 9.94
C ASP A 24 -6.30 0.16 8.47
N LEU A 25 -6.02 -1.02 7.97
CA LEU A 25 -6.40 -1.40 6.63
C LEU A 25 -7.93 -1.43 6.51
N PRO A 26 -8.46 -0.96 5.37
CA PRO A 26 -9.90 -0.95 5.12
C PRO A 26 -10.55 -2.32 5.31
N PRO A 27 -11.76 -2.36 5.86
CA PRO A 27 -12.45 -3.61 6.17
C PRO A 27 -12.74 -4.45 4.93
N LEU A 28 -12.91 -5.74 5.12
CA LEU A 28 -13.21 -6.66 4.02
C LEU A 28 -14.59 -6.38 3.46
N ASP A 29 -15.42 -5.74 4.28
CA ASP A 29 -16.77 -5.33 3.89
C ASP A 29 -16.74 -4.27 2.79
N THR A 30 -15.61 -3.59 2.68
CA THR A 30 -15.46 -2.52 1.71
C THR A 30 -15.49 -3.02 0.28
N ARG A 31 -16.51 -2.62 -0.45
CA ARG A 31 -16.53 -2.81 -1.89
C ARG A 31 -16.33 -1.47 -2.60
N ARG A 32 -16.96 -0.43 -2.06
CA ARG A 32 -16.78 0.91 -2.58
C ARG A 32 -15.37 1.41 -2.26
N TRP A 33 -14.46 1.09 -3.15
CA TRP A 33 -13.08 1.54 -3.02
C TRP A 33 -12.92 3.01 -3.42
N VAL A 34 -12.87 3.87 -2.42
CA VAL A 34 -12.59 5.28 -2.64
C VAL A 34 -11.08 5.51 -2.61
N ALA A 35 -10.67 6.71 -2.96
CA ALA A 35 -9.24 7.05 -3.02
C ALA A 35 -8.56 6.82 -1.67
N SER A 36 -9.24 7.20 -0.60
CA SER A 36 -8.71 7.06 0.74
C SER A 36 -8.39 5.60 1.06
N ARG A 37 -9.36 4.72 0.82
CA ARG A 37 -9.23 3.31 1.13
C ARG A 37 -8.22 2.62 0.22
N LYS A 38 -8.22 3.01 -1.05
CA LYS A 38 -7.25 2.47 -2.01
C LYS A 38 -5.82 2.82 -1.58
N ALA A 39 -5.64 4.07 -1.14
CA ALA A 39 -4.33 4.55 -0.72
C ALA A 39 -3.80 3.76 0.47
N ALA A 40 -4.67 3.48 1.43
CA ALA A 40 -4.29 2.72 2.62
C ALA A 40 -3.75 1.35 2.23
N VAL A 41 -4.42 0.69 1.28
CA VAL A 41 -4.02 -0.64 0.84
C VAL A 41 -2.67 -0.61 0.13
N VAL A 42 -2.52 0.30 -0.82
CA VAL A 42 -1.31 0.37 -1.62
C VAL A 42 -0.11 0.78 -0.76
N LYS A 43 -0.32 1.72 0.15
CA LYS A 43 0.76 2.18 1.04
C LYS A 43 1.19 1.06 1.98
N ALA A 44 0.27 0.15 2.29
CA ALA A 44 0.55 -0.97 3.17
C ALA A 44 1.58 -1.91 2.55
N VAL A 45 1.34 -2.31 1.31
CA VAL A 45 2.28 -3.16 0.60
C VAL A 45 3.56 -2.41 0.32
N ILE A 46 3.40 -1.14 -0.05
CA ILE A 46 4.51 -0.27 -0.39
C ILE A 46 5.51 -0.14 0.76
N HIS A 47 5.04 -0.10 2.01
CA HIS A 47 5.93 0.02 3.16
C HIS A 47 6.27 -1.33 3.75
N GLY A 48 5.81 -2.40 3.12
CA GLY A 48 6.15 -3.73 3.58
C GLY A 48 5.34 -4.19 4.76
N LEU A 49 4.24 -3.49 5.02
CA LEU A 49 3.32 -3.85 6.10
C LEU A 49 2.68 -5.19 5.78
N ILE A 50 2.13 -5.27 4.58
CA ILE A 50 1.55 -6.50 4.08
C ILE A 50 2.20 -6.84 2.75
N THR A 51 1.98 -8.04 2.26
CA THR A 51 2.51 -8.42 0.97
C THR A 51 1.52 -8.08 -0.15
N GLU A 52 2.07 -7.85 -1.33
CA GLU A 52 1.28 -7.46 -2.49
C GLU A 52 0.23 -8.51 -2.80
N ARG A 53 0.61 -9.77 -2.62
CA ARG A 53 -0.29 -10.88 -2.88
C ARG A 53 -1.34 -11.02 -1.78
N GLU A 54 -1.05 -10.45 -0.61
CA GLU A 54 -2.02 -10.45 0.48
C GLU A 54 -3.14 -9.50 0.14
N ALA A 55 -2.79 -8.32 -0.34
CA ALA A 55 -3.78 -7.30 -0.67
C ALA A 55 -4.74 -7.81 -1.73
N LEU A 56 -4.20 -8.47 -2.74
CA LEU A 56 -4.99 -9.01 -3.84
C LEU A 56 -5.87 -10.16 -3.34
N ASP A 57 -5.45 -10.84 -2.29
CA ASP A 57 -6.21 -11.95 -1.75
C ASP A 57 -7.29 -11.48 -0.78
N ARG A 58 -6.88 -10.74 0.25
CA ARG A 58 -7.78 -10.33 1.32
C ARG A 58 -8.88 -9.38 0.81
N TYR A 59 -8.63 -8.68 -0.28
CA TYR A 59 -9.62 -7.76 -0.83
C TYR A 59 -10.12 -8.23 -2.19
N SER A 60 -9.66 -9.42 -2.60
CA SER A 60 -9.97 -9.97 -3.91
C SER A 60 -9.76 -8.93 -5.01
N LEU A 61 -8.51 -8.50 -5.14
CA LEU A 61 -8.13 -7.49 -6.10
C LEU A 61 -7.33 -8.14 -7.22
N SER A 62 -7.46 -7.60 -8.42
CA SER A 62 -6.71 -8.09 -9.55
C SER A 62 -5.39 -7.34 -9.65
N GLU A 63 -4.44 -7.97 -10.31
CA GLU A 63 -3.11 -7.42 -10.48
C GLU A 63 -3.18 -6.06 -11.17
N GLU A 64 -4.04 -5.97 -12.18
CA GLU A 64 -4.22 -4.74 -12.93
C GLU A 64 -4.90 -3.67 -12.07
N GLU A 65 -5.76 -4.11 -11.16
CA GLU A 65 -6.44 -3.22 -10.23
C GLU A 65 -5.41 -2.53 -9.33
N PHE A 66 -4.61 -3.34 -8.63
CA PHE A 66 -3.60 -2.83 -7.71
C PHE A 66 -2.55 -1.99 -8.48
N ALA A 67 -2.28 -2.38 -9.71
CA ALA A 67 -1.36 -1.64 -10.57
C ALA A 67 -1.85 -0.21 -10.76
N LEU A 68 -3.16 -0.06 -10.95
CA LEU A 68 -3.76 1.26 -11.10
C LEU A 68 -3.63 2.05 -9.82
N TRP A 69 -3.96 1.41 -8.69
CA TRP A 69 -3.92 2.07 -7.38
C TRP A 69 -2.56 2.73 -7.14
N ARG A 70 -1.49 1.98 -7.37
CA ARG A 70 -0.15 2.48 -7.10
C ARG A 70 0.24 3.54 -8.14
N SER A 71 -0.28 3.42 -9.35
CA SER A 71 0.03 4.39 -10.40
C SER A 71 -0.76 5.68 -10.18
N ALA A 72 -1.81 5.60 -9.38
CA ALA A 72 -2.60 6.78 -9.06
C ALA A 72 -2.13 7.42 -7.75
N VAL A 73 -1.85 6.60 -6.75
CA VAL A 73 -1.50 7.09 -5.42
C VAL A 73 0.00 7.31 -5.27
N ALA A 74 0.79 6.28 -5.58
CA ALA A 74 2.23 6.34 -5.37
C ALA A 74 2.91 7.19 -6.44
N ALA A 75 2.31 7.23 -7.62
CA ALA A 75 2.82 8.04 -8.72
C ALA A 75 2.20 9.44 -8.68
N HIS A 76 1.46 9.72 -7.62
CA HIS A 76 0.88 11.05 -7.44
C HIS A 76 1.99 12.00 -7.02
N GLY A 77 2.30 12.97 -7.87
CA GLY A 77 3.40 13.85 -7.62
C GLY A 77 4.53 13.64 -8.59
N GLU A 78 4.23 13.01 -9.72
CA GLU A 78 5.22 12.75 -10.76
C GLU A 78 5.63 14.06 -11.45
N LYS A 79 4.98 15.13 -11.07
CA LYS A 79 5.28 16.45 -11.62
C LYS A 79 6.30 17.17 -10.76
N ALA A 80 6.69 16.51 -9.67
CA ALA A 80 7.70 17.05 -8.77
C ALA A 80 8.38 15.92 -8.01
N LEU A 81 9.47 15.41 -8.58
CA LEU A 81 10.16 14.27 -8.00
C LEU A 81 10.94 14.66 -6.75
N LYS A 82 10.25 14.69 -5.63
CA LYS A 82 10.90 14.78 -4.33
C LYS A 82 11.55 13.43 -4.02
N VAL A 83 12.55 13.41 -3.16
CA VAL A 83 13.23 12.15 -2.81
C VAL A 83 12.21 11.08 -2.39
N THR A 84 11.14 11.53 -1.75
CA THR A 84 10.07 10.66 -1.30
C THR A 84 9.30 10.06 -2.48
N MET A 85 9.40 10.70 -3.63
CA MET A 85 8.74 10.21 -4.83
C MET A 85 9.54 9.07 -5.44
N ILE A 86 10.85 9.21 -5.44
CA ILE A 86 11.73 8.22 -6.05
C ILE A 86 11.63 6.91 -5.29
N GLN A 87 11.58 7.00 -3.96
CA GLN A 87 11.38 5.83 -3.13
C GLN A 87 10.09 5.12 -3.56
N LYS A 88 9.01 5.90 -3.67
CA LYS A 88 7.71 5.35 -4.06
C LYS A 88 7.77 4.69 -5.42
N TYR A 89 8.56 5.25 -6.33
CA TYR A 89 8.67 4.71 -7.69
C TYR A 89 9.43 3.38 -7.69
N ARG A 90 10.34 3.21 -6.73
CA ARG A 90 11.10 1.97 -6.63
C ARG A 90 10.25 0.88 -6.00
N GLN A 91 9.28 1.29 -5.20
CA GLN A 91 8.35 0.36 -4.56
C GLN A 91 7.03 0.35 -5.33
N LEU A 92 7.10 0.91 -6.53
CA LEU A 92 5.97 0.96 -7.44
C LEU A 92 6.29 0.11 -8.66
N HIS A 93 5.51 -0.94 -8.87
CA HIS A 93 5.70 -1.80 -10.03
C HIS A 93 4.77 -1.36 -11.14
N HIS A 94 5.36 -0.87 -12.23
CA HIS A 94 4.59 -0.36 -13.36
C HIS A 94 5.22 -0.80 -14.67
N HIS A 95 4.55 -0.49 -15.77
CA HIS A 95 5.12 -0.72 -17.08
C HIS A 95 5.17 0.60 -17.85
N MET A 1 12.18 -12.35 19.48
CA MET A 1 13.47 -12.76 18.84
C MET A 1 13.23 -13.53 17.55
N TYR A 2 12.13 -14.29 17.49
CA TYR A 2 11.91 -15.20 16.37
C TYR A 2 10.47 -15.14 15.88
N LEU A 3 10.29 -14.62 14.69
CA LEU A 3 8.99 -14.60 14.05
C LEU A 3 8.80 -15.83 13.18
N LYS A 4 8.03 -16.77 13.68
CA LYS A 4 7.74 -18.00 12.95
C LYS A 4 6.74 -17.70 11.84
N ARG A 5 5.87 -16.73 12.09
CA ARG A 5 4.96 -16.23 11.08
C ARG A 5 4.97 -14.71 11.11
N VAL A 6 5.70 -14.12 10.17
CA VAL A 6 5.82 -12.68 10.11
C VAL A 6 4.51 -12.03 9.67
N ASP A 7 3.71 -11.65 10.65
CA ASP A 7 2.44 -10.97 10.38
C ASP A 7 2.68 -9.47 10.27
N GLY A 8 3.59 -9.12 9.36
CA GLY A 8 3.95 -7.74 9.15
C GLY A 8 4.66 -7.14 10.35
N PRO A 9 5.08 -5.87 10.26
CA PRO A 9 5.69 -5.15 11.37
C PRO A 9 4.64 -4.53 12.29
N ARG A 10 3.42 -5.07 12.21
CA ARG A 10 2.25 -4.57 12.95
C ARG A 10 1.76 -3.24 12.39
N GLN A 11 2.66 -2.26 12.32
CA GLN A 11 2.33 -0.94 11.80
C GLN A 11 3.52 -0.31 11.09
N VAL A 12 3.24 0.54 10.12
CA VAL A 12 4.27 1.23 9.36
C VAL A 12 3.98 2.73 9.31
N THR A 13 4.98 3.51 8.92
CA THR A 13 4.82 4.95 8.84
C THR A 13 4.62 5.40 7.39
N LEU A 14 3.76 6.39 7.19
CA LEU A 14 3.55 6.96 5.87
C LEU A 14 4.41 8.21 5.69
N PRO A 15 4.81 8.52 4.45
CA PRO A 15 5.48 9.78 4.15
C PRO A 15 4.51 10.95 4.30
N ASP A 16 3.24 10.58 4.39
CA ASP A 16 2.16 11.52 4.64
C ASP A 16 2.16 11.91 6.12
N GLY A 17 3.00 11.24 6.90
CA GLY A 17 3.09 11.51 8.32
C GLY A 17 2.05 10.75 9.12
N THR A 18 1.44 9.77 8.47
CA THR A 18 0.37 8.98 9.08
C THR A 18 0.92 7.65 9.62
N VAL A 19 0.11 6.95 10.41
CA VAL A 19 0.45 5.62 10.89
C VAL A 19 -0.52 4.61 10.31
N LEU A 20 0.01 3.61 9.61
CA LEU A 20 -0.80 2.59 8.98
C LEU A 20 -0.53 1.23 9.61
N SER A 21 -1.54 0.67 10.25
CA SER A 21 -1.40 -0.61 10.91
C SER A 21 -2.16 -1.69 10.12
N ARG A 22 -1.84 -2.95 10.36
CA ARG A 22 -2.48 -4.06 9.64
C ARG A 22 -3.97 -4.16 9.98
N ALA A 23 -4.34 -3.67 11.16
CA ALA A 23 -5.74 -3.62 11.55
C ALA A 23 -6.36 -2.29 11.18
N ASP A 24 -5.54 -1.37 10.69
CA ASP A 24 -6.02 -0.05 10.27
C ASP A 24 -6.45 -0.10 8.81
N LEU A 25 -6.02 -1.15 8.12
CA LEU A 25 -6.43 -1.40 6.75
C LEU A 25 -7.95 -1.47 6.65
N PRO A 26 -8.51 -1.04 5.51
CA PRO A 26 -9.96 -1.00 5.30
C PRO A 26 -10.62 -2.37 5.48
N PRO A 27 -11.88 -2.39 5.94
CA PRO A 27 -12.63 -3.63 6.10
C PRO A 27 -12.80 -4.36 4.78
N LEU A 28 -13.03 -5.66 4.84
CA LEU A 28 -13.13 -6.49 3.64
C LEU A 28 -14.45 -6.25 2.91
N ASP A 29 -15.32 -5.47 3.54
CA ASP A 29 -16.67 -5.21 3.03
C ASP A 29 -16.67 -4.08 2.00
N THR A 30 -15.58 -3.34 1.92
CA THR A 30 -15.54 -2.14 1.11
C THR A 30 -15.53 -2.45 -0.39
N ARG A 31 -16.63 -2.12 -1.06
CA ARG A 31 -16.69 -2.12 -2.51
C ARG A 31 -16.63 -0.69 -3.02
N ARG A 32 -17.16 0.23 -2.21
CA ARG A 32 -17.07 1.65 -2.50
C ARG A 32 -15.69 2.17 -2.11
N TRP A 33 -14.71 1.76 -2.90
CA TRP A 33 -13.31 2.10 -2.62
C TRP A 33 -13.04 3.59 -2.76
N VAL A 34 -12.94 4.27 -1.64
CA VAL A 34 -12.53 5.66 -1.62
C VAL A 34 -11.02 5.76 -1.69
N ALA A 35 -10.51 6.94 -2.02
CA ALA A 35 -9.06 7.12 -2.19
C ALA A 35 -8.31 6.78 -0.90
N SER A 36 -8.90 7.17 0.23
CA SER A 36 -8.30 6.91 1.53
C SER A 36 -8.07 5.41 1.76
N ARG A 37 -8.99 4.58 1.29
CA ARG A 37 -8.88 3.15 1.49
C ARG A 37 -7.92 2.53 0.49
N LYS A 38 -7.98 2.97 -0.76
CA LYS A 38 -7.06 2.48 -1.79
C LYS A 38 -5.63 2.81 -1.43
N ALA A 39 -5.41 4.05 -1.00
CA ALA A 39 -4.08 4.51 -0.60
C ALA A 39 -3.54 3.67 0.55
N ALA A 40 -4.39 3.35 1.52
CA ALA A 40 -3.97 2.56 2.66
C ALA A 40 -3.43 1.20 2.22
N VAL A 41 -4.18 0.53 1.36
CA VAL A 41 -3.80 -0.80 0.88
C VAL A 41 -2.48 -0.77 0.12
N VAL A 42 -2.37 0.15 -0.83
CA VAL A 42 -1.19 0.22 -1.68
C VAL A 42 0.03 0.67 -0.87
N LYS A 43 -0.15 1.66 0.01
CA LYS A 43 0.95 2.15 0.85
C LYS A 43 1.42 1.06 1.81
N ALA A 44 0.49 0.18 2.20
CA ALA A 44 0.81 -0.92 3.10
C ALA A 44 1.83 -1.86 2.47
N VAL A 45 1.61 -2.19 1.20
CA VAL A 45 2.53 -3.06 0.47
C VAL A 45 3.87 -2.37 0.21
N ILE A 46 3.80 -1.09 -0.11
CA ILE A 46 4.99 -0.31 -0.44
C ILE A 46 5.88 -0.13 0.80
N HIS A 47 5.29 -0.22 1.98
CA HIS A 47 6.05 -0.05 3.22
C HIS A 47 6.41 -1.39 3.85
N GLY A 48 5.87 -2.46 3.29
CA GLY A 48 6.18 -3.79 3.82
C GLY A 48 5.29 -4.18 4.98
N LEU A 49 4.16 -3.48 5.12
CA LEU A 49 3.20 -3.79 6.16
C LEU A 49 2.47 -5.07 5.81
N ILE A 50 2.12 -5.17 4.54
CA ILE A 50 1.50 -6.37 4.00
C ILE A 50 2.19 -6.71 2.69
N THR A 51 1.98 -7.91 2.20
CA THR A 51 2.52 -8.28 0.90
C THR A 51 1.49 -8.01 -0.19
N GLU A 52 1.98 -7.80 -1.40
CA GLU A 52 1.14 -7.46 -2.55
C GLU A 52 0.07 -8.53 -2.76
N ARG A 53 0.48 -9.78 -2.65
CA ARG A 53 -0.43 -10.90 -2.83
C ARG A 53 -1.48 -10.95 -1.73
N GLU A 54 -1.09 -10.52 -0.53
CA GLU A 54 -2.02 -10.49 0.60
C GLU A 54 -3.13 -9.50 0.32
N ALA A 55 -2.77 -8.34 -0.22
CA ALA A 55 -3.74 -7.32 -0.56
C ALA A 55 -4.72 -7.84 -1.60
N LEU A 56 -4.17 -8.54 -2.60
CA LEU A 56 -4.98 -9.08 -3.69
C LEU A 56 -5.87 -10.22 -3.20
N ASP A 57 -5.45 -10.93 -2.17
CA ASP A 57 -6.20 -12.09 -1.71
C ASP A 57 -7.17 -11.76 -0.57
N ARG A 58 -6.91 -10.70 0.18
CA ARG A 58 -7.82 -10.32 1.26
C ARG A 58 -8.96 -9.46 0.72
N TYR A 59 -8.77 -8.89 -0.47
CA TYR A 59 -9.81 -8.08 -1.09
C TYR A 59 -10.29 -8.70 -2.41
N SER A 60 -9.70 -9.85 -2.76
CA SER A 60 -10.05 -10.57 -3.99
C SER A 60 -9.83 -9.70 -5.23
N LEU A 61 -8.75 -8.93 -5.20
CA LEU A 61 -8.44 -8.00 -6.28
C LEU A 61 -7.54 -8.65 -7.32
N SER A 62 -7.41 -7.99 -8.47
CA SER A 62 -6.51 -8.43 -9.52
C SER A 62 -5.28 -7.54 -9.57
N GLU A 63 -4.24 -7.99 -10.24
CA GLU A 63 -2.99 -7.26 -10.30
C GLU A 63 -3.17 -5.95 -11.06
N GLU A 64 -3.98 -5.99 -12.12
CA GLU A 64 -4.26 -4.80 -12.91
C GLU A 64 -4.98 -3.73 -12.08
N GLU A 65 -5.74 -4.19 -11.08
CA GLU A 65 -6.42 -3.30 -10.16
C GLU A 65 -5.39 -2.56 -9.32
N PHE A 66 -4.56 -3.34 -8.63
CA PHE A 66 -3.52 -2.81 -7.76
C PHE A 66 -2.55 -1.94 -8.56
N ALA A 67 -2.35 -2.29 -9.82
CA ALA A 67 -1.50 -1.52 -10.72
C ALA A 67 -2.05 -0.10 -10.90
N LEU A 68 -3.35 0.00 -11.04
CA LEU A 68 -4.00 1.30 -11.16
C LEU A 68 -3.87 2.08 -9.86
N TRP A 69 -4.06 1.40 -8.75
CA TRP A 69 -3.96 2.01 -7.43
C TRP A 69 -2.58 2.62 -7.22
N ARG A 70 -1.54 1.81 -7.39
CA ARG A 70 -0.17 2.25 -7.16
C ARG A 70 0.23 3.36 -8.14
N SER A 71 -0.40 3.35 -9.30
CA SER A 71 -0.13 4.37 -10.31
C SER A 71 -0.75 5.71 -9.88
N ALA A 72 -1.98 5.65 -9.38
CA ALA A 72 -2.70 6.87 -9.03
C ALA A 72 -2.24 7.44 -7.70
N VAL A 73 -1.97 6.57 -6.74
CA VAL A 73 -1.63 7.02 -5.38
C VAL A 73 -0.18 7.48 -5.27
N ALA A 74 0.73 6.73 -5.87
CA ALA A 74 2.15 7.03 -5.73
C ALA A 74 2.56 8.18 -6.65
N ALA A 75 2.07 8.18 -7.87
CA ALA A 75 2.46 9.19 -8.86
C ALA A 75 1.61 10.47 -8.69
N HIS A 76 0.95 10.59 -7.55
CA HIS A 76 0.15 11.77 -7.26
C HIS A 76 0.92 12.68 -6.31
N GLY A 77 2.16 12.33 -6.03
CA GLY A 77 3.00 13.17 -5.20
C GLY A 77 3.88 14.07 -6.03
N GLU A 78 3.29 15.14 -6.53
CA GLU A 78 4.00 16.04 -7.43
C GLU A 78 4.56 17.25 -6.66
N LYS A 79 4.09 17.42 -5.44
CA LYS A 79 4.41 18.60 -4.65
C LYS A 79 5.80 18.50 -4.03
N ALA A 80 6.08 17.39 -3.37
CA ALA A 80 7.34 17.24 -2.67
C ALA A 80 8.00 15.91 -3.01
N LEU A 81 9.24 15.98 -3.46
CA LEU A 81 10.02 14.80 -3.78
C LEU A 81 11.34 14.82 -3.02
N LYS A 82 11.33 14.24 -1.83
CA LYS A 82 12.56 14.08 -1.06
C LYS A 82 13.41 12.99 -1.73
N VAL A 83 14.72 13.04 -1.54
CA VAL A 83 15.62 12.06 -2.17
C VAL A 83 15.20 10.63 -1.83
N THR A 84 14.60 10.46 -0.67
CA THR A 84 14.11 9.16 -0.23
C THR A 84 12.81 8.77 -0.96
N MET A 85 12.11 9.78 -1.45
CA MET A 85 10.81 9.59 -2.08
C MET A 85 10.95 9.04 -3.49
N ILE A 86 12.03 9.41 -4.17
CA ILE A 86 12.28 8.91 -5.52
C ILE A 86 12.36 7.39 -5.53
N GLN A 87 12.96 6.84 -4.48
CA GLN A 87 13.04 5.39 -4.29
C GLN A 87 11.65 4.76 -4.42
N LYS A 88 10.70 5.33 -3.69
CA LYS A 88 9.32 4.84 -3.68
C LYS A 88 8.69 4.97 -5.07
N TYR A 89 9.10 5.99 -5.80
CA TYR A 89 8.57 6.24 -7.13
C TYR A 89 9.25 5.37 -8.18
N ARG A 90 10.42 4.84 -7.85
CA ARG A 90 11.14 3.95 -8.76
C ARG A 90 10.62 2.52 -8.64
N GLN A 91 10.02 2.21 -7.50
CA GLN A 91 9.40 0.91 -7.30
C GLN A 91 7.89 1.02 -7.49
N LEU A 92 7.49 2.13 -8.08
CA LEU A 92 6.08 2.44 -8.34
C LEU A 92 5.45 1.38 -9.23
N HIS A 93 6.11 1.04 -10.33
CA HIS A 93 5.60 0.04 -11.26
C HIS A 93 6.40 -1.24 -11.15
N HIS A 94 7.71 -1.12 -11.21
CA HIS A 94 8.59 -2.27 -11.06
C HIS A 94 9.89 -1.87 -10.37
N HIS A 95 10.89 -1.50 -11.17
CA HIS A 95 12.23 -1.18 -10.68
C HIS A 95 13.07 -0.69 -11.84
N MET A 1 0.75 -18.41 7.26
CA MET A 1 0.34 -19.43 8.24
C MET A 1 0.85 -19.03 9.62
N TYR A 2 0.82 -19.94 10.58
CA TYR A 2 1.22 -19.63 11.95
C TYR A 2 2.74 -19.57 12.08
N LEU A 3 3.39 -20.71 11.91
CA LEU A 3 4.86 -20.76 11.94
C LEU A 3 5.41 -20.30 10.61
N LYS A 4 4.76 -20.75 9.54
CA LYS A 4 5.13 -20.35 8.19
C LYS A 4 4.41 -19.05 7.84
N ARG A 5 4.92 -17.94 8.36
CA ARG A 5 4.29 -16.66 8.13
C ARG A 5 5.26 -15.69 7.50
N VAL A 6 4.76 -14.84 6.61
CA VAL A 6 5.59 -13.82 5.99
C VAL A 6 5.95 -12.75 7.01
N ASP A 7 7.24 -12.44 7.11
CA ASP A 7 7.70 -11.44 8.08
C ASP A 7 7.26 -10.04 7.67
N GLY A 8 6.31 -9.52 8.42
CA GLY A 8 5.84 -8.17 8.19
C GLY A 8 5.58 -7.45 9.49
N PRO A 9 5.75 -6.12 9.53
CA PRO A 9 5.51 -5.32 10.72
C PRO A 9 4.03 -5.23 11.06
N ARG A 10 3.76 -4.89 12.31
CA ARG A 10 2.39 -4.69 12.77
C ARG A 10 1.91 -3.29 12.39
N GLN A 11 2.87 -2.40 12.21
CA GLN A 11 2.56 -1.02 11.83
C GLN A 11 3.74 -0.39 11.09
N VAL A 12 3.43 0.42 10.09
CA VAL A 12 4.44 1.13 9.33
C VAL A 12 4.20 2.64 9.40
N THR A 13 5.22 3.43 9.09
CA THR A 13 5.09 4.87 9.13
C THR A 13 4.79 5.42 7.73
N LEU A 14 3.93 6.44 7.69
CA LEU A 14 3.65 7.14 6.44
C LEU A 14 4.58 8.32 6.30
N PRO A 15 5.03 8.61 5.07
CA PRO A 15 5.80 9.81 4.76
C PRO A 15 4.96 11.07 5.01
N ASP A 16 3.68 10.85 5.25
CA ASP A 16 2.74 11.91 5.56
C ASP A 16 2.79 12.23 7.06
N GLY A 17 3.59 11.47 7.79
CA GLY A 17 3.67 11.62 9.23
C GLY A 17 2.48 11.01 9.92
N THR A 18 2.29 9.72 9.71
CA THR A 18 1.15 9.01 10.27
C THR A 18 1.53 7.54 10.51
N VAL A 19 0.71 6.81 11.27
CA VAL A 19 0.98 5.41 11.54
C VAL A 19 -0.06 4.52 10.85
N LEU A 20 0.42 3.50 10.15
CA LEU A 20 -0.45 2.57 9.43
C LEU A 20 -0.24 1.16 9.97
N SER A 21 -1.13 0.72 10.84
CA SER A 21 -1.06 -0.63 11.36
C SER A 21 -1.87 -1.55 10.45
N ARG A 22 -1.79 -2.86 10.69
CA ARG A 22 -2.53 -3.81 9.88
C ARG A 22 -4.03 -3.70 10.19
N ALA A 23 -4.35 -2.99 11.27
CA ALA A 23 -5.73 -2.76 11.66
C ALA A 23 -6.24 -1.45 11.05
N ASP A 24 -5.33 -0.69 10.42
CA ASP A 24 -5.71 0.54 9.75
C ASP A 24 -6.13 0.27 8.32
N LEU A 25 -6.00 -0.98 7.91
CA LEU A 25 -6.45 -1.40 6.60
C LEU A 25 -7.96 -1.38 6.51
N PRO A 26 -8.51 -1.09 5.33
CA PRO A 26 -9.96 -1.08 5.10
C PRO A 26 -10.57 -2.47 5.29
N PRO A 27 -11.83 -2.54 5.72
CA PRO A 27 -12.52 -3.80 5.99
C PRO A 27 -12.80 -4.62 4.73
N LEU A 28 -13.14 -5.89 4.91
CA LEU A 28 -13.39 -6.80 3.80
C LEU A 28 -14.76 -6.56 3.19
N ASP A 29 -15.59 -5.81 3.90
CA ASP A 29 -16.93 -5.47 3.41
C ASP A 29 -16.87 -4.31 2.44
N THR A 30 -15.67 -3.83 2.21
CA THR A 30 -15.45 -2.70 1.32
C THR A 30 -15.39 -3.13 -0.13
N ARG A 31 -16.31 -2.60 -0.91
CA ARG A 31 -16.31 -2.82 -2.35
C ARG A 31 -16.41 -1.46 -3.03
N ARG A 32 -17.08 -0.52 -2.38
CA ARG A 32 -17.09 0.85 -2.84
C ARG A 32 -15.77 1.49 -2.42
N TRP A 33 -14.74 1.21 -3.20
CA TRP A 33 -13.40 1.68 -2.89
C TRP A 33 -13.23 3.17 -3.20
N VAL A 34 -13.09 3.95 -2.14
CA VAL A 34 -12.76 5.37 -2.29
C VAL A 34 -11.24 5.55 -2.27
N ALA A 35 -10.79 6.76 -2.59
CA ALA A 35 -9.37 7.04 -2.72
C ALA A 35 -8.61 6.74 -1.43
N SER A 36 -9.16 7.17 -0.30
CA SER A 36 -8.52 6.99 1.00
C SER A 36 -8.33 5.50 1.32
N ARG A 37 -9.34 4.70 1.00
CA ARG A 37 -9.27 3.27 1.27
C ARG A 37 -8.28 2.58 0.34
N LYS A 38 -8.26 3.00 -0.92
CA LYS A 38 -7.31 2.46 -1.89
C LYS A 38 -5.87 2.81 -1.48
N ALA A 39 -5.69 4.06 -1.05
CA ALA A 39 -4.36 4.53 -0.64
C ALA A 39 -3.82 3.75 0.54
N ALA A 40 -4.69 3.46 1.51
CA ALA A 40 -4.28 2.70 2.69
C ALA A 40 -3.76 1.32 2.30
N VAL A 41 -4.44 0.68 1.35
CA VAL A 41 -4.05 -0.65 0.88
C VAL A 41 -2.69 -0.60 0.19
N VAL A 42 -2.56 0.29 -0.80
CA VAL A 42 -1.35 0.36 -1.60
C VAL A 42 -0.15 0.81 -0.75
N LYS A 43 -0.36 1.78 0.15
CA LYS A 43 0.72 2.27 1.00
C LYS A 43 1.19 1.17 1.94
N ALA A 44 0.28 0.29 2.33
CA ALA A 44 0.62 -0.82 3.20
C ALA A 44 1.63 -1.73 2.52
N VAL A 45 1.39 -2.04 1.24
CA VAL A 45 2.30 -2.87 0.46
C VAL A 45 3.63 -2.16 0.23
N ILE A 46 3.55 -0.89 -0.15
CA ILE A 46 4.74 -0.09 -0.48
C ILE A 46 5.65 0.07 0.74
N HIS A 47 5.08 0.07 1.93
CA HIS A 47 5.88 0.21 3.15
C HIS A 47 6.27 -1.15 3.73
N GLY A 48 5.63 -2.20 3.25
CA GLY A 48 5.97 -3.54 3.71
C GLY A 48 5.09 -4.03 4.85
N LEU A 49 4.03 -3.28 5.15
CA LEU A 49 3.07 -3.67 6.19
C LEU A 49 2.41 -4.99 5.81
N ILE A 50 2.05 -5.09 4.55
CA ILE A 50 1.50 -6.31 3.99
C ILE A 50 2.19 -6.61 2.67
N THR A 51 1.85 -7.72 2.05
CA THR A 51 2.39 -8.03 0.75
C THR A 51 1.30 -7.83 -0.31
N GLU A 52 1.73 -7.63 -1.55
CA GLU A 52 0.81 -7.42 -2.66
C GLU A 52 -0.16 -8.60 -2.78
N ARG A 53 0.37 -9.80 -2.60
CA ARG A 53 -0.43 -11.02 -2.68
C ARG A 53 -1.44 -11.06 -1.53
N GLU A 54 -1.09 -10.41 -0.44
CA GLU A 54 -1.95 -10.29 0.73
C GLU A 54 -3.18 -9.47 0.38
N ALA A 55 -2.94 -8.29 -0.19
CA ALA A 55 -4.00 -7.35 -0.52
C ALA A 55 -4.93 -7.93 -1.59
N LEU A 56 -4.31 -8.47 -2.64
CA LEU A 56 -5.06 -9.01 -3.77
C LEU A 56 -5.97 -10.16 -3.33
N ASP A 57 -5.53 -10.94 -2.37
CA ASP A 57 -6.28 -12.11 -1.94
C ASP A 57 -7.41 -11.74 -1.01
N ARG A 58 -7.10 -10.93 0.00
CA ARG A 58 -8.06 -10.61 1.06
C ARG A 58 -9.18 -9.71 0.55
N TYR A 59 -8.86 -8.79 -0.35
CA TYR A 59 -9.84 -7.84 -0.85
C TYR A 59 -10.43 -8.31 -2.18
N SER A 60 -9.90 -9.41 -2.70
CA SER A 60 -10.31 -9.95 -3.99
C SER A 60 -10.02 -8.93 -5.09
N LEU A 61 -8.75 -8.78 -5.41
CA LEU A 61 -8.31 -7.82 -6.41
C LEU A 61 -7.36 -8.47 -7.39
N SER A 62 -7.26 -7.89 -8.57
CA SER A 62 -6.33 -8.38 -9.58
C SER A 62 -5.12 -7.47 -9.64
N GLU A 63 -4.02 -7.98 -10.18
CA GLU A 63 -2.80 -7.20 -10.28
C GLU A 63 -3.01 -5.96 -11.13
N GLU A 64 -3.80 -6.08 -12.19
CA GLU A 64 -4.12 -4.95 -13.05
C GLU A 64 -4.85 -3.86 -12.26
N GLU A 65 -5.71 -4.29 -11.34
CA GLU A 65 -6.44 -3.37 -10.47
C GLU A 65 -5.45 -2.66 -9.55
N PHE A 66 -4.64 -3.45 -8.85
CA PHE A 66 -3.65 -2.92 -7.92
C PHE A 66 -2.66 -2.02 -8.66
N ALA A 67 -2.36 -2.38 -9.90
CA ALA A 67 -1.47 -1.59 -10.75
C ALA A 67 -2.03 -0.18 -10.93
N LEU A 68 -3.34 -0.09 -11.17
CA LEU A 68 -4.00 1.20 -11.28
C LEU A 68 -3.88 1.97 -9.98
N TRP A 69 -4.10 1.28 -8.87
CA TRP A 69 -4.00 1.88 -7.54
C TRP A 69 -2.62 2.47 -7.30
N ARG A 70 -1.59 1.64 -7.45
CA ARG A 70 -0.21 2.06 -7.19
C ARG A 70 0.25 3.11 -8.19
N SER A 71 -0.24 3.03 -9.42
CA SER A 71 0.11 4.01 -10.44
C SER A 71 -0.57 5.35 -10.15
N ALA A 72 -1.79 5.28 -9.63
CA ALA A 72 -2.55 6.47 -9.30
C ALA A 72 -1.93 7.22 -8.13
N VAL A 73 -1.74 6.50 -7.04
CA VAL A 73 -1.21 7.10 -5.81
C VAL A 73 0.21 7.61 -6.00
N ALA A 74 1.04 6.84 -6.70
CA ALA A 74 2.42 7.24 -6.96
C ALA A 74 2.48 8.52 -7.79
N ALA A 75 1.72 8.55 -8.87
CA ALA A 75 1.72 9.69 -9.80
C ALA A 75 0.94 10.87 -9.22
N HIS A 76 0.17 10.61 -8.17
CA HIS A 76 -0.53 11.67 -7.48
C HIS A 76 0.48 12.52 -6.73
N GLY A 77 0.80 13.67 -7.30
CA GLY A 77 1.87 14.49 -6.78
C GLY A 77 3.22 13.90 -7.16
N GLU A 78 3.38 13.60 -8.44
CA GLU A 78 4.59 12.95 -8.93
C GLU A 78 5.69 13.98 -9.22
N LYS A 79 5.31 15.25 -9.27
CA LYS A 79 6.26 16.30 -9.57
C LYS A 79 7.00 16.74 -8.31
N ALA A 80 6.45 16.36 -7.16
CA ALA A 80 7.08 16.66 -5.88
C ALA A 80 7.96 15.51 -5.44
N LEU A 81 9.17 15.46 -5.97
CA LEU A 81 10.11 14.40 -5.60
C LEU A 81 10.87 14.78 -4.34
N LYS A 82 10.19 14.64 -3.21
CA LYS A 82 10.82 14.83 -1.92
C LYS A 82 11.75 13.65 -1.65
N VAL A 83 12.74 13.83 -0.79
CA VAL A 83 13.71 12.78 -0.47
C VAL A 83 13.03 11.56 0.15
N THR A 84 11.78 11.71 0.55
CA THR A 84 11.00 10.62 1.11
C THR A 84 9.86 10.23 0.17
N MET A 85 9.95 10.66 -1.09
CA MET A 85 8.91 10.38 -2.07
C MET A 85 9.42 9.48 -3.19
N ILE A 86 10.71 9.15 -3.17
CA ILE A 86 11.27 8.30 -4.21
C ILE A 86 10.78 6.86 -4.03
N GLN A 87 10.46 6.50 -2.79
CA GLN A 87 10.00 5.16 -2.46
C GLN A 87 8.74 4.79 -3.27
N LYS A 88 7.84 5.75 -3.46
CA LYS A 88 6.62 5.49 -4.22
C LYS A 88 6.93 5.33 -5.70
N TYR A 89 8.16 5.69 -6.08
CA TYR A 89 8.63 5.49 -7.45
C TYR A 89 9.49 4.24 -7.52
N ARG A 90 9.81 3.67 -6.36
CA ARG A 90 10.60 2.45 -6.29
C ARG A 90 9.69 1.24 -6.45
N GLN A 91 8.47 1.36 -5.95
CA GLN A 91 7.48 0.28 -6.05
C GLN A 91 7.01 0.13 -7.49
N LEU A 92 7.39 1.11 -8.31
CA LEU A 92 7.05 1.11 -9.72
C LEU A 92 7.63 -0.12 -10.43
N HIS A 93 8.79 -0.58 -9.97
CA HIS A 93 9.39 -1.80 -10.52
C HIS A 93 9.10 -2.99 -9.60
N HIS A 94 7.99 -2.86 -8.86
CA HIS A 94 7.50 -3.92 -7.96
C HIS A 94 8.32 -3.98 -6.67
N HIS A 95 9.50 -4.55 -6.76
CA HIS A 95 10.34 -4.74 -5.58
C HIS A 95 11.78 -4.38 -5.91
N MET A 1 3.42 -10.43 13.56
CA MET A 1 4.63 -10.72 14.35
C MET A 1 5.67 -11.42 13.49
N TYR A 2 6.92 -11.43 13.94
CA TYR A 2 7.99 -12.10 13.21
C TYR A 2 8.12 -13.55 13.66
N LEU A 3 8.85 -13.75 14.77
CA LEU A 3 9.09 -15.08 15.32
C LEU A 3 9.92 -15.95 14.37
N LYS A 4 9.24 -16.60 13.43
CA LYS A 4 9.90 -17.50 12.51
C LYS A 4 9.54 -17.14 11.07
N ARG A 5 8.78 -16.07 10.92
CA ARG A 5 8.27 -15.64 9.63
C ARG A 5 8.50 -14.14 9.44
N VAL A 6 9.10 -13.77 8.32
CA VAL A 6 9.31 -12.37 8.00
C VAL A 6 7.99 -11.77 7.51
N ASP A 7 7.11 -11.51 8.46
CA ASP A 7 5.77 -11.04 8.17
C ASP A 7 5.74 -9.51 8.09
N GLY A 8 6.69 -8.88 8.75
CA GLY A 8 6.77 -7.43 8.73
C GLY A 8 6.27 -6.81 10.02
N PRO A 9 6.24 -5.48 10.10
CA PRO A 9 5.78 -4.77 11.29
C PRO A 9 4.26 -4.74 11.39
N ARG A 10 3.76 -4.47 12.59
CA ARG A 10 2.33 -4.35 12.81
C ARG A 10 1.84 -3.01 12.29
N GLN A 11 2.76 -2.06 12.20
CA GLN A 11 2.46 -0.72 11.75
C GLN A 11 3.66 -0.11 11.03
N VAL A 12 3.38 0.58 9.93
CA VAL A 12 4.41 1.22 9.15
C VAL A 12 4.19 2.72 9.12
N THR A 13 5.27 3.48 9.02
CA THR A 13 5.19 4.92 9.01
C THR A 13 4.94 5.45 7.58
N LEU A 14 4.03 6.41 7.46
CA LEU A 14 3.81 7.11 6.21
C LEU A 14 4.90 8.15 6.02
N PRO A 15 5.13 8.61 4.78
CA PRO A 15 6.14 9.65 4.50
C PRO A 15 5.85 10.94 5.25
N ASP A 16 4.60 11.09 5.65
CA ASP A 16 4.15 12.26 6.41
C ASP A 16 4.57 12.16 7.87
N GLY A 17 4.81 10.94 8.33
CA GLY A 17 5.10 10.71 9.73
C GLY A 17 3.93 10.07 10.44
N THR A 18 2.86 9.86 9.70
CA THR A 18 1.67 9.23 10.23
C THR A 18 1.87 7.73 10.38
N VAL A 19 0.97 7.07 11.11
CA VAL A 19 1.08 5.65 11.34
C VAL A 19 0.03 4.87 10.54
N LEU A 20 0.48 3.83 9.86
CA LEU A 20 -0.40 2.93 9.13
C LEU A 20 -0.25 1.52 9.67
N SER A 21 -1.17 1.12 10.53
CA SER A 21 -1.12 -0.20 11.12
C SER A 21 -2.01 -1.15 10.33
N ARG A 22 -1.96 -2.42 10.67
CA ARG A 22 -2.79 -3.42 10.01
C ARG A 22 -4.25 -3.28 10.43
N ALA A 23 -4.48 -2.50 11.48
CA ALA A 23 -5.83 -2.17 11.91
C ALA A 23 -6.37 -0.96 11.13
N ASP A 24 -5.48 -0.33 10.37
CA ASP A 24 -5.86 0.80 9.53
C ASP A 24 -6.37 0.30 8.18
N LEU A 25 -6.06 -0.95 7.86
CA LEU A 25 -6.53 -1.59 6.64
C LEU A 25 -8.06 -1.59 6.58
N PRO A 26 -8.63 -1.27 5.40
CA PRO A 26 -10.08 -1.26 5.20
C PRO A 26 -10.70 -2.65 5.38
N PRO A 27 -12.00 -2.71 5.71
CA PRO A 27 -12.71 -3.98 5.93
C PRO A 27 -12.92 -4.75 4.64
N LEU A 28 -13.09 -6.06 4.76
CA LEU A 28 -13.32 -6.94 3.61
C LEU A 28 -14.73 -6.74 3.08
N ASP A 29 -15.56 -6.09 3.90
CA ASP A 29 -16.94 -5.78 3.53
C ASP A 29 -16.98 -4.63 2.53
N THR A 30 -15.82 -4.07 2.24
CA THR A 30 -15.70 -2.95 1.33
C THR A 30 -15.80 -3.39 -0.11
N ARG A 31 -16.89 -3.01 -0.75
CA ARG A 31 -17.04 -3.17 -2.18
C ARG A 31 -16.91 -1.81 -2.83
N ARG A 32 -17.47 -0.80 -2.18
CA ARG A 32 -17.34 0.56 -2.65
C ARG A 32 -15.94 1.08 -2.35
N TRP A 33 -15.01 0.78 -3.24
CA TRP A 33 -13.63 1.20 -3.09
C TRP A 33 -13.46 2.68 -3.39
N VAL A 34 -13.21 3.44 -2.34
CA VAL A 34 -12.88 4.85 -2.47
C VAL A 34 -11.39 5.05 -2.34
N ALA A 35 -10.90 6.19 -2.80
CA ALA A 35 -9.46 6.47 -2.84
C ALA A 35 -8.82 6.35 -1.45
N SER A 36 -9.55 6.77 -0.41
CA SER A 36 -9.08 6.69 0.96
C SER A 36 -8.65 5.26 1.31
N ARG A 37 -9.51 4.31 0.98
CA ARG A 37 -9.28 2.93 1.32
C ARG A 37 -8.25 2.30 0.39
N LYS A 38 -8.25 2.74 -0.86
CA LYS A 38 -7.28 2.26 -1.84
C LYS A 38 -5.86 2.65 -1.44
N ALA A 39 -5.70 3.92 -1.07
CA ALA A 39 -4.40 4.44 -0.67
C ALA A 39 -3.84 3.68 0.52
N ALA A 40 -4.69 3.42 1.51
CA ALA A 40 -4.28 2.70 2.71
C ALA A 40 -3.76 1.31 2.37
N VAL A 41 -4.42 0.64 1.43
CA VAL A 41 -4.03 -0.70 1.01
C VAL A 41 -2.67 -0.68 0.33
N VAL A 42 -2.53 0.19 -0.67
CA VAL A 42 -1.32 0.22 -1.47
C VAL A 42 -0.13 0.72 -0.66
N LYS A 43 -0.35 1.71 0.21
CA LYS A 43 0.71 2.25 1.05
C LYS A 43 1.20 1.19 2.03
N ALA A 44 0.29 0.28 2.40
CA ALA A 44 0.63 -0.82 3.28
C ALA A 44 1.61 -1.77 2.60
N VAL A 45 1.30 -2.13 1.36
CA VAL A 45 2.16 -3.02 0.59
C VAL A 45 3.51 -2.35 0.31
N ILE A 46 3.46 -1.08 -0.04
CA ILE A 46 4.66 -0.31 -0.34
C ILE A 46 5.59 -0.24 0.87
N HIS A 47 5.05 0.12 2.03
CA HIS A 47 5.85 0.28 3.24
C HIS A 47 6.25 -1.05 3.85
N GLY A 48 5.74 -2.14 3.29
CA GLY A 48 6.11 -3.46 3.79
C GLY A 48 5.28 -3.89 4.98
N LEU A 49 4.10 -3.32 5.10
CA LEU A 49 3.17 -3.67 6.16
C LEU A 49 2.51 -5.00 5.83
N ILE A 50 2.07 -5.12 4.59
CA ILE A 50 1.52 -6.36 4.08
C ILE A 50 2.14 -6.66 2.71
N THR A 51 1.85 -7.83 2.17
CA THR A 51 2.34 -8.18 0.86
C THR A 51 1.27 -7.94 -0.20
N GLU A 52 1.70 -7.77 -1.45
CA GLU A 52 0.80 -7.45 -2.55
C GLU A 52 -0.27 -8.53 -2.71
N ARG A 53 0.17 -9.78 -2.67
CA ARG A 53 -0.74 -10.92 -2.80
C ARG A 53 -1.73 -10.97 -1.64
N GLU A 54 -1.29 -10.51 -0.47
CA GLU A 54 -2.17 -10.41 0.69
C GLU A 54 -3.35 -9.51 0.36
N ALA A 55 -3.04 -8.35 -0.20
CA ALA A 55 -4.05 -7.38 -0.56
C ALA A 55 -4.94 -7.93 -1.67
N LEU A 56 -4.31 -8.47 -2.70
CA LEU A 56 -5.03 -9.02 -3.85
C LEU A 56 -6.01 -10.11 -3.43
N ASP A 57 -5.55 -10.99 -2.57
CA ASP A 57 -6.38 -12.11 -2.10
C ASP A 57 -7.53 -11.62 -1.22
N ARG A 58 -7.23 -10.87 -0.17
CA ARG A 58 -8.24 -10.50 0.82
C ARG A 58 -9.21 -9.46 0.30
N TYR A 59 -8.81 -8.70 -0.72
CA TYR A 59 -9.68 -7.64 -1.26
C TYR A 59 -10.22 -8.00 -2.64
N SER A 60 -9.91 -9.20 -3.12
CA SER A 60 -10.40 -9.67 -4.42
C SER A 60 -9.89 -8.77 -5.54
N LEU A 61 -8.66 -8.31 -5.40
CA LEU A 61 -8.07 -7.41 -6.37
C LEU A 61 -7.22 -8.18 -7.37
N SER A 62 -7.23 -7.71 -8.61
CA SER A 62 -6.42 -8.30 -9.66
C SER A 62 -5.16 -7.47 -9.86
N GLU A 63 -4.20 -8.04 -10.55
CA GLU A 63 -2.92 -7.41 -10.81
C GLU A 63 -3.12 -6.03 -11.46
N GLU A 64 -3.94 -5.99 -12.50
CA GLU A 64 -4.19 -4.75 -13.25
C GLU A 64 -4.91 -3.73 -12.38
N GLU A 65 -5.66 -4.21 -11.40
CA GLU A 65 -6.36 -3.34 -10.45
C GLU A 65 -5.34 -2.65 -9.55
N PHE A 66 -4.52 -3.45 -8.87
CA PHE A 66 -3.51 -2.93 -7.96
C PHE A 66 -2.51 -2.05 -8.70
N ALA A 67 -2.27 -2.38 -9.97
CA ALA A 67 -1.40 -1.58 -10.82
C ALA A 67 -1.93 -0.16 -10.93
N LEU A 68 -3.24 -0.03 -11.09
CA LEU A 68 -3.88 1.28 -11.15
C LEU A 68 -3.74 2.01 -9.83
N TRP A 69 -4.03 1.30 -8.74
CA TRP A 69 -3.95 1.87 -7.39
C TRP A 69 -2.59 2.49 -7.11
N ARG A 70 -1.53 1.72 -7.30
CA ARG A 70 -0.18 2.19 -6.98
C ARG A 70 0.26 3.30 -7.92
N SER A 71 -0.30 3.32 -9.12
CA SER A 71 0.02 4.38 -10.09
C SER A 71 -0.65 5.69 -9.69
N ALA A 72 -1.87 5.59 -9.18
CA ALA A 72 -2.64 6.78 -8.81
C ALA A 72 -2.16 7.38 -7.50
N VAL A 73 -1.45 6.59 -6.70
CA VAL A 73 -0.97 7.04 -5.41
C VAL A 73 0.51 7.45 -5.46
N ALA A 74 1.36 6.54 -5.96
CA ALA A 74 2.79 6.78 -5.96
C ALA A 74 3.18 7.77 -7.05
N ALA A 75 2.57 7.63 -8.23
CA ALA A 75 2.87 8.51 -9.35
C ALA A 75 1.94 9.70 -9.35
N HIS A 76 1.30 9.95 -8.21
CA HIS A 76 0.39 11.08 -8.06
C HIS A 76 1.19 12.39 -8.05
N GLY A 77 2.43 12.30 -7.59
CA GLY A 77 3.32 13.44 -7.61
C GLY A 77 4.33 13.31 -8.73
N GLU A 78 3.91 13.66 -9.93
CA GLU A 78 4.72 13.48 -11.12
C GLU A 78 5.34 14.80 -11.57
N LYS A 79 4.70 15.89 -11.21
CA LYS A 79 5.08 17.21 -11.70
C LYS A 79 6.40 17.67 -11.08
N ALA A 80 6.55 17.45 -9.79
CA ALA A 80 7.75 17.85 -9.09
C ALA A 80 8.46 16.66 -8.47
N LEU A 81 9.72 16.47 -8.82
CA LEU A 81 10.51 15.38 -8.27
C LEU A 81 11.07 15.78 -6.91
N LYS A 82 10.17 16.01 -5.97
CA LYS A 82 10.52 16.27 -4.59
C LYS A 82 11.20 15.03 -4.01
N VAL A 83 12.11 15.23 -3.06
CA VAL A 83 12.90 14.12 -2.49
C VAL A 83 11.99 12.97 -2.02
N THR A 84 10.79 13.31 -1.59
CA THR A 84 9.84 12.34 -1.08
C THR A 84 9.12 11.62 -2.23
N MET A 85 9.27 12.14 -3.44
CA MET A 85 8.62 11.57 -4.61
C MET A 85 9.47 10.49 -5.25
N ILE A 86 10.79 10.57 -5.06
CA ILE A 86 11.68 9.55 -5.59
C ILE A 86 11.43 8.23 -4.88
N GLN A 87 11.16 8.32 -3.57
CA GLN A 87 10.70 7.19 -2.79
C GLN A 87 9.51 6.52 -3.47
N LYS A 88 8.58 7.35 -3.94
CA LYS A 88 7.37 6.89 -4.60
C LYS A 88 7.72 6.19 -5.91
N TYR A 89 8.59 6.80 -6.70
CA TYR A 89 8.98 6.25 -7.99
C TYR A 89 9.70 4.92 -7.82
N ARG A 90 10.57 4.84 -6.80
CA ARG A 90 11.38 3.64 -6.55
C ARG A 90 10.50 2.47 -6.16
N GLN A 91 9.44 2.72 -5.42
CA GLN A 91 8.53 1.66 -5.02
C GLN A 91 7.29 1.65 -5.91
N LEU A 92 7.37 2.37 -7.01
CA LEU A 92 6.35 2.36 -8.05
C LEU A 92 6.70 1.31 -9.10
N HIS A 93 7.94 1.39 -9.57
CA HIS A 93 8.44 0.55 -10.64
C HIS A 93 8.47 -0.92 -10.23
N HIS A 94 7.58 -1.70 -10.84
CA HIS A 94 7.55 -3.14 -10.61
C HIS A 94 8.74 -3.80 -11.29
N HIS A 95 9.00 -5.05 -10.95
CA HIS A 95 10.03 -5.83 -11.63
C HIS A 95 9.52 -6.24 -13.00
N MET A 1 8.17 -21.73 0.78
CA MET A 1 8.35 -22.02 2.21
C MET A 1 7.08 -22.59 2.82
N TYR A 2 6.08 -21.73 2.98
CA TYR A 2 4.83 -22.12 3.61
C TYR A 2 3.71 -21.20 3.13
N LEU A 3 2.49 -21.71 3.12
CA LEU A 3 1.33 -20.96 2.67
C LEU A 3 1.14 -19.68 3.49
N LYS A 4 0.83 -19.85 4.77
CA LYS A 4 0.56 -18.72 5.62
C LYS A 4 1.83 -18.20 6.29
N ARG A 5 2.30 -17.06 5.83
CA ARG A 5 3.45 -16.41 6.40
C ARG A 5 3.19 -14.91 6.46
N VAL A 6 3.29 -14.34 7.65
CA VAL A 6 3.04 -12.92 7.83
C VAL A 6 4.12 -12.09 7.16
N ASP A 7 3.77 -11.51 6.02
CA ASP A 7 4.70 -10.68 5.28
C ASP A 7 4.55 -9.23 5.69
N GLY A 8 5.55 -8.72 6.40
CA GLY A 8 5.52 -7.34 6.84
C GLY A 8 5.35 -7.21 8.34
N PRO A 9 5.68 -6.04 8.92
CA PRO A 9 5.49 -5.78 10.34
C PRO A 9 4.04 -5.52 10.69
N ARG A 10 3.77 -5.29 11.97
CA ARG A 10 2.41 -5.01 12.42
C ARG A 10 2.00 -3.57 12.14
N GLN A 11 2.98 -2.67 12.02
CA GLN A 11 2.68 -1.28 11.74
C GLN A 11 3.83 -0.63 10.96
N VAL A 12 3.48 0.33 10.12
CA VAL A 12 4.48 1.13 9.40
C VAL A 12 4.17 2.60 9.56
N THR A 13 5.17 3.44 9.35
CA THR A 13 5.00 4.88 9.49
C THR A 13 4.88 5.54 8.13
N LEU A 14 3.97 6.50 8.01
CA LEU A 14 3.80 7.26 6.78
C LEU A 14 4.78 8.42 6.76
N PRO A 15 5.19 8.87 5.55
CA PRO A 15 6.03 10.06 5.41
C PRO A 15 5.27 11.32 5.81
N ASP A 16 3.95 11.18 5.86
CA ASP A 16 3.04 12.24 6.27
C ASP A 16 3.04 12.42 7.78
N GLY A 17 3.43 11.37 8.49
CA GLY A 17 3.42 11.41 9.94
C GLY A 17 2.32 10.55 10.51
N THR A 18 1.55 9.93 9.63
CA THR A 18 0.46 9.06 10.04
C THR A 18 0.97 7.66 10.37
N VAL A 19 0.14 6.87 11.04
CA VAL A 19 0.50 5.50 11.39
C VAL A 19 -0.43 4.52 10.67
N LEU A 20 0.16 3.53 10.03
CA LEU A 20 -0.60 2.53 9.29
C LEU A 20 -0.27 1.14 9.81
N SER A 21 -1.18 0.57 10.58
CA SER A 21 -1.00 -0.77 11.09
C SER A 21 -1.78 -1.75 10.23
N ARG A 22 -1.57 -3.05 10.46
CA ARG A 22 -2.30 -4.08 9.72
C ARG A 22 -3.77 -4.10 10.13
N ALA A 23 -4.12 -3.28 11.11
CA ALA A 23 -5.50 -3.14 11.55
C ALA A 23 -6.12 -1.85 11.00
N ASP A 24 -5.30 -1.08 10.28
CA ASP A 24 -5.78 0.16 9.66
C ASP A 24 -6.29 -0.12 8.27
N LEU A 25 -6.00 -1.31 7.76
CA LEU A 25 -6.47 -1.72 6.45
C LEU A 25 -8.00 -1.66 6.39
N PRO A 26 -8.54 -1.05 5.33
CA PRO A 26 -9.98 -0.87 5.12
C PRO A 26 -10.75 -2.18 5.16
N PRO A 27 -12.09 -2.12 5.37
CA PRO A 27 -12.95 -3.30 5.44
C PRO A 27 -12.80 -4.20 4.23
N LEU A 28 -12.67 -5.50 4.49
CA LEU A 28 -12.45 -6.48 3.43
C LEU A 28 -13.59 -6.50 2.43
N ASP A 29 -14.81 -6.26 2.90
CA ASP A 29 -16.00 -6.34 2.07
C ASP A 29 -16.47 -4.95 1.65
N THR A 30 -15.54 -4.03 1.48
CA THR A 30 -15.89 -2.67 1.09
C THR A 30 -16.45 -2.61 -0.33
N ARG A 31 -15.80 -3.33 -1.26
CA ARG A 31 -16.21 -3.37 -2.68
C ARG A 31 -16.05 -2.01 -3.37
N ARG A 32 -16.88 -1.05 -2.99
CA ARG A 32 -16.82 0.27 -3.59
C ARG A 32 -15.66 1.06 -2.99
N TRP A 33 -14.48 0.80 -3.54
CA TRP A 33 -13.25 1.44 -3.10
C TRP A 33 -13.23 2.93 -3.35
N VAL A 34 -12.90 3.70 -2.32
CA VAL A 34 -12.68 5.14 -2.48
C VAL A 34 -11.19 5.43 -2.46
N ALA A 35 -10.81 6.63 -2.90
CA ALA A 35 -9.42 7.00 -3.06
C ALA A 35 -8.61 6.83 -1.77
N SER A 36 -9.21 7.21 -0.65
CA SER A 36 -8.53 7.16 0.63
C SER A 36 -8.20 5.71 1.03
N ARG A 37 -9.16 4.81 0.86
CA ARG A 37 -8.98 3.42 1.26
C ARG A 37 -7.99 2.72 0.33
N LYS A 38 -8.02 3.09 -0.95
CA LYS A 38 -7.04 2.59 -1.91
C LYS A 38 -5.63 3.00 -1.49
N ALA A 39 -5.49 4.27 -1.10
CA ALA A 39 -4.21 4.82 -0.70
C ALA A 39 -3.63 4.06 0.48
N ALA A 40 -4.46 3.79 1.48
CA ALA A 40 -4.03 3.06 2.66
C ALA A 40 -3.47 1.68 2.29
N VAL A 41 -4.16 0.99 1.39
CA VAL A 41 -3.75 -0.36 0.99
C VAL A 41 -2.44 -0.32 0.21
N VAL A 42 -2.35 0.56 -0.77
CA VAL A 42 -1.15 0.63 -1.60
C VAL A 42 0.05 1.11 -0.79
N LYS A 43 -0.17 2.03 0.14
CA LYS A 43 0.90 2.51 1.02
C LYS A 43 1.39 1.38 1.91
N ALA A 44 0.47 0.50 2.29
CA ALA A 44 0.80 -0.66 3.12
C ALA A 44 1.79 -1.57 2.39
N VAL A 45 1.52 -1.85 1.13
CA VAL A 45 2.38 -2.72 0.35
C VAL A 45 3.68 -2.01 -0.04
N ILE A 46 3.60 -0.71 -0.29
CA ILE A 46 4.78 0.07 -0.65
C ILE A 46 5.76 0.18 0.52
N HIS A 47 5.23 0.42 1.72
CA HIS A 47 6.09 0.57 2.90
C HIS A 47 6.51 -0.79 3.44
N GLY A 48 5.89 -1.85 2.94
CA GLY A 48 6.28 -3.19 3.33
C GLY A 48 5.50 -3.72 4.51
N LEU A 49 4.33 -3.13 4.77
CA LEU A 49 3.47 -3.56 5.86
C LEU A 49 2.84 -4.89 5.53
N ILE A 50 2.40 -5.03 4.29
CA ILE A 50 1.81 -6.26 3.80
C ILE A 50 2.32 -6.57 2.39
N THR A 51 2.10 -7.78 1.94
CA THR A 51 2.43 -8.13 0.57
C THR A 51 1.22 -7.89 -0.35
N GLU A 52 1.50 -7.76 -1.63
CA GLU A 52 0.47 -7.48 -2.62
C GLU A 52 -0.59 -8.58 -2.61
N ARG A 53 -0.14 -9.82 -2.53
CA ARG A 53 -1.05 -10.96 -2.52
C ARG A 53 -1.88 -10.97 -1.22
N GLU A 54 -1.31 -10.44 -0.16
CA GLU A 54 -2.01 -10.29 1.11
C GLU A 54 -3.25 -9.43 0.90
N ALA A 55 -3.05 -8.30 0.22
CA ALA A 55 -4.15 -7.39 -0.08
C ALA A 55 -5.11 -8.01 -1.09
N LEU A 56 -4.57 -8.54 -2.18
CA LEU A 56 -5.38 -9.12 -3.26
C LEU A 56 -6.29 -10.22 -2.76
N ASP A 57 -5.79 -11.06 -1.85
CA ASP A 57 -6.57 -12.16 -1.32
C ASP A 57 -7.73 -11.67 -0.47
N ARG A 58 -7.43 -10.88 0.55
CA ARG A 58 -8.42 -10.46 1.52
C ARG A 58 -9.50 -9.57 0.91
N TYR A 59 -9.14 -8.83 -0.14
CA TYR A 59 -10.10 -7.93 -0.77
C TYR A 59 -10.64 -8.53 -2.07
N SER A 60 -10.16 -9.72 -2.42
CA SER A 60 -10.59 -10.40 -3.64
C SER A 60 -10.30 -9.54 -4.87
N LEU A 61 -9.15 -8.87 -4.86
CA LEU A 61 -8.77 -7.97 -5.94
C LEU A 61 -7.91 -8.68 -6.97
N SER A 62 -7.71 -8.01 -8.09
CA SER A 62 -6.83 -8.50 -9.14
C SER A 62 -5.62 -7.59 -9.25
N GLU A 63 -4.55 -8.11 -9.83
CA GLU A 63 -3.31 -7.38 -9.97
C GLU A 63 -3.52 -6.07 -10.74
N GLU A 64 -4.32 -6.13 -11.80
CA GLU A 64 -4.61 -4.95 -12.62
C GLU A 64 -5.19 -3.81 -11.79
N GLU A 65 -6.04 -4.16 -10.82
CA GLU A 65 -6.66 -3.15 -9.96
C GLU A 65 -5.59 -2.49 -9.10
N PHE A 66 -4.81 -3.30 -8.39
CA PHE A 66 -3.77 -2.81 -7.51
C PHE A 66 -2.72 -2.02 -8.30
N ALA A 67 -2.41 -2.51 -9.50
CA ALA A 67 -1.50 -1.83 -10.41
C ALA A 67 -1.97 -0.41 -10.69
N LEU A 68 -3.28 -0.24 -10.83
CA LEU A 68 -3.86 1.07 -11.08
C LEU A 68 -3.68 1.97 -9.87
N TRP A 69 -3.96 1.41 -8.70
CA TRP A 69 -3.83 2.16 -7.45
C TRP A 69 -2.44 2.75 -7.31
N ARG A 70 -1.41 1.92 -7.50
CA ARG A 70 -0.04 2.39 -7.37
C ARG A 70 0.33 3.34 -8.50
N SER A 71 -0.26 3.15 -9.68
CA SER A 71 -0.01 4.05 -10.80
C SER A 71 -0.55 5.44 -10.50
N ALA A 72 -1.63 5.51 -9.73
CA ALA A 72 -2.23 6.79 -9.37
C ALA A 72 -1.59 7.39 -8.12
N VAL A 73 -1.45 6.58 -7.08
CA VAL A 73 -1.00 7.08 -5.78
C VAL A 73 0.51 7.32 -5.75
N ALA A 74 1.30 6.38 -6.25
CA ALA A 74 2.75 6.50 -6.19
C ALA A 74 3.23 7.61 -7.12
N ALA A 75 2.69 7.63 -8.34
CA ALA A 75 3.08 8.62 -9.34
C ALA A 75 2.31 9.92 -9.16
N HIS A 76 1.62 10.04 -8.03
CA HIS A 76 0.87 11.24 -7.71
C HIS A 76 1.83 12.36 -7.34
N GLY A 77 2.02 13.28 -8.28
CA GLY A 77 2.95 14.38 -8.06
C GLY A 77 4.39 13.95 -8.20
N GLU A 78 4.66 13.09 -9.18
CA GLU A 78 6.00 12.55 -9.39
C GLU A 78 6.96 13.64 -9.86
N LYS A 79 6.41 14.74 -10.33
CA LYS A 79 7.19 15.84 -10.87
C LYS A 79 7.80 16.69 -9.75
N ALA A 80 7.34 16.48 -8.52
CA ALA A 80 7.81 17.26 -7.40
C ALA A 80 8.71 16.41 -6.49
N LEU A 81 10.01 16.51 -6.70
CA LEU A 81 10.95 15.70 -5.93
C LEU A 81 11.54 16.49 -4.77
N LYS A 82 10.85 16.45 -3.64
CA LYS A 82 11.39 17.00 -2.41
C LYS A 82 12.20 15.92 -1.71
N VAL A 83 13.08 16.31 -0.79
CA VAL A 83 13.97 15.37 -0.09
C VAL A 83 13.23 14.13 0.43
N THR A 84 12.03 14.32 0.95
CA THR A 84 11.24 13.22 1.50
C THR A 84 10.52 12.45 0.41
N MET A 85 10.40 13.05 -0.76
CA MET A 85 9.64 12.47 -1.87
C MET A 85 10.39 11.29 -2.47
N ILE A 86 11.72 11.29 -2.31
CA ILE A 86 12.56 10.22 -2.85
C ILE A 86 12.20 8.88 -2.22
N GLN A 87 11.62 8.92 -1.03
CA GLN A 87 11.22 7.72 -0.31
C GLN A 87 10.24 6.88 -1.14
N LYS A 88 9.27 7.53 -1.78
CA LYS A 88 8.26 6.81 -2.54
C LYS A 88 8.85 6.21 -3.81
N TYR A 89 10.05 6.64 -4.17
CA TYR A 89 10.70 6.15 -5.37
C TYR A 89 11.69 5.03 -5.03
N ARG A 90 12.39 5.18 -3.90
CA ARG A 90 13.43 4.22 -3.52
C ARG A 90 12.86 3.05 -2.71
N GLN A 91 11.78 3.30 -1.98
CA GLN A 91 11.16 2.26 -1.18
C GLN A 91 10.19 1.46 -2.04
N LEU A 92 9.94 1.98 -3.24
CA LEU A 92 9.05 1.35 -4.19
C LEU A 92 9.71 0.11 -4.79
N HIS A 93 9.08 -1.03 -4.57
CA HIS A 93 9.49 -2.26 -5.23
C HIS A 93 8.59 -2.51 -6.44
N HIS A 94 9.21 -2.74 -7.59
CA HIS A 94 8.50 -2.78 -8.86
C HIS A 94 7.76 -4.09 -9.06
N HIS A 95 6.55 -4.00 -9.57
CA HIS A 95 5.78 -5.16 -9.95
C HIS A 95 4.95 -4.83 -11.20
N MET A 1 1.63 -23.25 19.53
CA MET A 1 2.64 -23.95 18.72
C MET A 1 2.36 -23.82 17.22
N TYR A 2 1.16 -23.38 16.87
CA TYR A 2 0.78 -23.29 15.47
C TYR A 2 1.02 -21.88 14.95
N LEU A 3 1.93 -21.76 13.99
CA LEU A 3 2.27 -20.47 13.42
C LEU A 3 1.28 -20.08 12.33
N LYS A 4 0.01 -20.00 12.72
CA LYS A 4 -1.03 -19.51 11.83
C LYS A 4 -1.06 -17.99 11.89
N ARG A 5 -0.71 -17.45 13.06
CA ARG A 5 -0.66 -16.02 13.26
C ARG A 5 0.66 -15.47 12.81
N VAL A 6 0.67 -15.04 11.58
CA VAL A 6 1.86 -14.46 10.97
C VAL A 6 1.98 -12.99 11.36
N ASP A 7 2.62 -12.74 12.48
CA ASP A 7 2.75 -11.40 13.01
C ASP A 7 4.10 -10.80 12.61
N GLY A 8 4.39 -9.61 13.08
CA GLY A 8 5.61 -8.92 12.71
C GLY A 8 5.40 -7.42 12.65
N PRO A 9 5.49 -6.82 11.45
CA PRO A 9 5.22 -5.39 11.28
C PRO A 9 3.73 -5.07 11.39
N ARG A 10 3.30 -4.70 12.59
CA ARG A 10 1.90 -4.38 12.82
C ARG A 10 1.59 -2.95 12.40
N GLN A 11 2.62 -2.13 12.35
CA GLN A 11 2.46 -0.74 11.96
C GLN A 11 3.63 -0.27 11.10
N VAL A 12 3.34 0.55 10.11
CA VAL A 12 4.36 1.16 9.28
C VAL A 12 4.19 2.67 9.27
N THR A 13 5.29 3.39 9.14
CA THR A 13 5.24 4.83 9.13
C THR A 13 5.06 5.36 7.71
N LEU A 14 4.11 6.25 7.55
CA LEU A 14 3.94 6.96 6.29
C LEU A 14 4.96 8.08 6.22
N PRO A 15 5.50 8.36 5.02
CA PRO A 15 6.38 9.50 4.81
C PRO A 15 5.56 10.78 4.83
N ASP A 16 4.25 10.58 4.92
CA ASP A 16 3.27 11.64 5.09
C ASP A 16 3.29 12.08 6.55
N GLY A 17 3.98 11.32 7.39
CA GLY A 17 4.04 11.60 8.82
C GLY A 17 2.84 11.03 9.54
N THR A 18 2.55 9.76 9.27
CA THR A 18 1.37 9.11 9.82
C THR A 18 1.70 7.64 10.15
N VAL A 19 0.83 6.99 10.92
CA VAL A 19 1.01 5.58 11.24
C VAL A 19 -0.06 4.73 10.57
N LEU A 20 0.37 3.70 9.85
CA LEU A 20 -0.54 2.78 9.20
C LEU A 20 -0.38 1.38 9.79
N SER A 21 -1.36 0.96 10.56
CA SER A 21 -1.33 -0.35 11.17
C SER A 21 -2.17 -1.35 10.37
N ARG A 22 -1.95 -2.63 10.61
CA ARG A 22 -2.68 -3.68 9.92
C ARG A 22 -4.16 -3.63 10.27
N ALA A 23 -4.47 -3.13 11.45
CA ALA A 23 -5.85 -2.99 11.89
C ALA A 23 -6.47 -1.71 11.33
N ASP A 24 -5.65 -0.88 10.70
CA ASP A 24 -6.12 0.38 10.15
C ASP A 24 -6.51 0.20 8.69
N LEU A 25 -6.18 -0.96 8.14
CA LEU A 25 -6.58 -1.32 6.78
C LEU A 25 -8.10 -1.33 6.64
N PRO A 26 -8.60 -1.09 5.42
CA PRO A 26 -10.05 -1.10 5.15
C PRO A 26 -10.64 -2.51 5.27
N PRO A 27 -11.90 -2.61 5.69
CA PRO A 27 -12.56 -3.91 5.91
C PRO A 27 -12.74 -4.71 4.62
N LEU A 28 -12.90 -6.02 4.76
CA LEU A 28 -13.07 -6.91 3.62
C LEU A 28 -14.44 -6.71 2.97
N ASP A 29 -15.28 -5.96 3.64
CA ASP A 29 -16.61 -5.63 3.14
C ASP A 29 -16.51 -4.50 2.12
N THR A 30 -15.30 -3.99 1.94
CA THR A 30 -15.09 -2.87 1.05
C THR A 30 -14.86 -3.31 -0.39
N ARG A 31 -15.94 -3.36 -1.15
CA ARG A 31 -15.86 -3.37 -2.61
C ARG A 31 -16.11 -1.96 -3.09
N ARG A 32 -16.82 -1.22 -2.25
CA ARG A 32 -16.99 0.22 -2.39
C ARG A 32 -15.68 0.93 -2.06
N TRP A 33 -14.71 0.78 -2.95
CA TRP A 33 -13.38 1.31 -2.74
C TRP A 33 -13.33 2.81 -2.97
N VAL A 34 -13.17 3.55 -1.89
CA VAL A 34 -12.95 4.98 -1.98
C VAL A 34 -11.46 5.27 -2.10
N ALA A 35 -11.13 6.49 -2.53
CA ALA A 35 -9.75 6.86 -2.82
C ALA A 35 -8.81 6.60 -1.64
N SER A 36 -9.22 7.01 -0.46
CA SER A 36 -8.38 6.88 0.73
C SER A 36 -8.15 5.40 1.11
N ARG A 37 -9.17 4.58 0.94
CA ARG A 37 -9.06 3.15 1.27
C ARG A 37 -8.12 2.46 0.28
N LYS A 38 -8.16 2.87 -0.97
CA LYS A 38 -7.22 2.37 -1.96
C LYS A 38 -5.79 2.81 -1.61
N ALA A 39 -5.66 4.07 -1.19
CA ALA A 39 -4.36 4.63 -0.84
C ALA A 39 -3.76 3.92 0.37
N ALA A 40 -4.60 3.58 1.33
CA ALA A 40 -4.14 2.89 2.53
C ALA A 40 -3.55 1.53 2.18
N VAL A 41 -4.22 0.80 1.29
CA VAL A 41 -3.78 -0.53 0.91
C VAL A 41 -2.47 -0.47 0.14
N VAL A 42 -2.38 0.42 -0.84
CA VAL A 42 -1.18 0.52 -1.66
C VAL A 42 0.03 0.96 -0.84
N LYS A 43 -0.18 1.90 0.10
CA LYS A 43 0.91 2.33 0.96
C LYS A 43 1.30 1.20 1.91
N ALA A 44 0.32 0.40 2.32
CA ALA A 44 0.57 -0.72 3.22
C ALA A 44 1.55 -1.71 2.61
N VAL A 45 1.34 -2.02 1.34
CA VAL A 45 2.21 -2.96 0.62
C VAL A 45 3.59 -2.35 0.39
N ILE A 46 3.61 -1.09 0.01
CA ILE A 46 4.85 -0.40 -0.33
C ILE A 46 5.71 -0.12 0.92
N HIS A 47 5.06 0.05 2.07
CA HIS A 47 5.79 0.31 3.30
C HIS A 47 6.16 -0.97 4.02
N GLY A 48 5.69 -2.09 3.49
CA GLY A 48 6.05 -3.38 4.06
C GLY A 48 5.19 -3.78 5.22
N LEU A 49 3.96 -3.28 5.25
CA LEU A 49 3.01 -3.64 6.29
C LEU A 49 2.40 -5.00 5.96
N ILE A 50 1.97 -5.12 4.71
CA ILE A 50 1.45 -6.37 4.19
C ILE A 50 2.15 -6.69 2.87
N THR A 51 1.80 -7.79 2.25
CA THR A 51 2.38 -8.14 0.97
C THR A 51 1.38 -7.92 -0.17
N GLU A 52 1.90 -7.77 -1.37
CA GLU A 52 1.10 -7.47 -2.55
C GLU A 52 0.12 -8.60 -2.82
N ARG A 53 0.60 -9.82 -2.62
CA ARG A 53 -0.22 -11.01 -2.81
C ARG A 53 -1.37 -11.00 -1.80
N GLU A 54 -1.06 -10.53 -0.60
CA GLU A 54 -2.04 -10.40 0.48
C GLU A 54 -3.18 -9.48 0.06
N ALA A 55 -2.83 -8.32 -0.46
CA ALA A 55 -3.83 -7.31 -0.83
C ALA A 55 -4.79 -7.86 -1.87
N LEU A 56 -4.26 -8.55 -2.87
CA LEU A 56 -5.08 -9.09 -3.94
C LEU A 56 -5.93 -10.25 -3.45
N ASP A 57 -5.41 -10.99 -2.47
CA ASP A 57 -6.10 -12.18 -1.98
C ASP A 57 -7.19 -11.82 -0.99
N ARG A 58 -6.85 -11.00 0.00
CA ARG A 58 -7.79 -10.65 1.07
C ARG A 58 -8.96 -9.84 0.54
N TYR A 59 -8.71 -8.93 -0.39
CA TYR A 59 -9.76 -8.07 -0.92
C TYR A 59 -10.34 -8.62 -2.22
N SER A 60 -9.80 -9.75 -2.67
CA SER A 60 -10.26 -10.41 -3.89
C SER A 60 -10.06 -9.49 -5.10
N LEU A 61 -8.99 -8.71 -5.06
CA LEU A 61 -8.71 -7.73 -6.11
C LEU A 61 -8.07 -8.39 -7.32
N SER A 62 -7.74 -7.56 -8.30
CA SER A 62 -7.06 -8.04 -9.51
C SER A 62 -5.77 -7.25 -9.71
N GLU A 63 -4.85 -7.86 -10.44
CA GLU A 63 -3.54 -7.29 -10.70
C GLU A 63 -3.69 -5.92 -11.36
N GLU A 64 -4.56 -5.85 -12.35
CA GLU A 64 -4.81 -4.62 -13.10
C GLU A 64 -5.35 -3.52 -12.19
N GLU A 65 -6.19 -3.89 -11.23
CA GLU A 65 -6.80 -2.92 -10.32
C GLU A 65 -5.72 -2.30 -9.43
N PHE A 66 -4.96 -3.15 -8.74
CA PHE A 66 -3.92 -2.67 -7.84
C PHE A 66 -2.85 -1.89 -8.60
N ALA A 67 -2.63 -2.27 -9.86
CA ALA A 67 -1.69 -1.58 -10.72
C ALA A 67 -2.12 -0.13 -10.92
N LEU A 68 -3.43 0.07 -11.02
CA LEU A 68 -3.99 1.42 -11.14
C LEU A 68 -3.80 2.18 -9.84
N TRP A 69 -4.04 1.50 -8.72
CA TRP A 69 -3.87 2.10 -7.40
C TRP A 69 -2.47 2.68 -7.25
N ARG A 70 -1.47 1.85 -7.52
CA ARG A 70 -0.09 2.23 -7.31
C ARG A 70 0.35 3.30 -8.32
N SER A 71 -0.32 3.35 -9.46
CA SER A 71 0.00 4.35 -10.47
C SER A 71 -0.64 5.69 -10.14
N ALA A 72 -1.77 5.65 -9.44
CA ALA A 72 -2.47 6.87 -9.07
C ALA A 72 -1.90 7.48 -7.80
N VAL A 73 -1.14 6.69 -7.05
CA VAL A 73 -0.56 7.17 -5.79
C VAL A 73 0.97 7.19 -5.84
N ALA A 74 1.58 6.02 -6.02
CA ALA A 74 3.03 5.92 -5.98
C ALA A 74 3.67 6.53 -7.23
N ALA A 75 3.03 6.32 -8.37
CA ALA A 75 3.56 6.84 -9.62
C ALA A 75 3.19 8.30 -9.80
N HIS A 76 2.33 8.81 -8.92
CA HIS A 76 1.87 10.18 -9.02
C HIS A 76 2.88 11.13 -8.36
N GLY A 77 3.95 11.41 -9.09
CA GLY A 77 4.95 12.34 -8.63
C GLY A 77 5.81 12.83 -9.77
N GLU A 78 5.21 12.81 -10.96
CA GLU A 78 5.92 13.10 -12.21
C GLU A 78 6.23 14.58 -12.39
N LYS A 79 6.01 15.37 -11.35
CA LYS A 79 6.26 16.81 -11.44
C LYS A 79 7.68 17.13 -10.96
N ALA A 80 8.00 16.68 -9.75
CA ALA A 80 9.32 16.86 -9.18
C ALA A 80 9.67 15.69 -8.27
N LEU A 81 10.57 14.84 -8.74
CA LEU A 81 10.96 13.64 -8.01
C LEU A 81 11.79 13.98 -6.79
N LYS A 82 11.10 14.18 -5.68
CA LYS A 82 11.75 14.34 -4.39
C LYS A 82 12.37 13.01 -3.98
N VAL A 83 13.41 13.04 -3.15
CA VAL A 83 14.16 11.83 -2.76
C VAL A 83 13.22 10.74 -2.23
N THR A 84 12.15 11.14 -1.57
CA THR A 84 11.18 10.21 -1.02
C THR A 84 10.30 9.59 -2.12
N MET A 85 10.37 10.18 -3.31
CA MET A 85 9.54 9.76 -4.43
C MET A 85 10.27 8.76 -5.32
N ILE A 86 11.60 8.77 -5.28
CA ILE A 86 12.38 7.84 -6.10
C ILE A 86 12.18 6.40 -5.63
N GLN A 87 12.07 6.21 -4.32
CA GLN A 87 11.85 4.87 -3.77
C GLN A 87 10.52 4.30 -4.25
N LYS A 88 9.56 5.19 -4.53
CA LYS A 88 8.28 4.78 -5.09
C LYS A 88 8.51 4.04 -6.41
N TYR A 89 9.36 4.63 -7.23
CA TYR A 89 9.60 4.12 -8.57
C TYR A 89 10.62 2.98 -8.54
N ARG A 90 11.34 2.85 -7.44
CA ARG A 90 12.34 1.78 -7.31
C ARG A 90 11.74 0.52 -6.71
N GLN A 91 10.57 0.65 -6.10
CA GLN A 91 9.90 -0.51 -5.53
C GLN A 91 8.66 -0.85 -6.35
N LEU A 92 8.37 -0.02 -7.33
CA LEU A 92 7.20 -0.22 -8.17
C LEU A 92 7.51 -1.21 -9.27
N HIS A 93 6.92 -2.39 -9.17
CA HIS A 93 7.06 -3.41 -10.20
C HIS A 93 5.72 -3.62 -10.90
N HIS A 94 5.73 -3.56 -12.23
CA HIS A 94 4.56 -3.83 -13.05
C HIS A 94 3.46 -2.78 -12.87
N HIS A 95 3.28 -1.96 -13.89
CA HIS A 95 2.14 -1.06 -13.94
C HIS A 95 1.58 -1.04 -15.35
N MET A 1 15.99 -20.80 15.98
CA MET A 1 14.65 -21.40 16.09
C MET A 1 13.58 -20.32 16.11
N TYR A 2 12.33 -20.73 16.25
CA TYR A 2 11.21 -19.81 16.31
C TYR A 2 10.15 -20.29 17.28
N LEU A 3 9.96 -19.57 18.36
CA LEU A 3 8.88 -19.82 19.29
C LEU A 3 7.65 -19.08 18.83
N LYS A 4 7.86 -17.86 18.35
CA LYS A 4 6.79 -17.01 17.85
C LYS A 4 7.33 -16.04 16.81
N ARG A 5 7.10 -16.36 15.56
CA ARG A 5 7.51 -15.49 14.46
C ARG A 5 6.55 -14.32 14.31
N VAL A 6 7.10 -13.14 14.12
CA VAL A 6 6.30 -11.97 13.78
C VAL A 6 6.98 -11.21 12.64
N ASP A 7 6.74 -11.68 11.42
CA ASP A 7 7.33 -11.08 10.22
C ASP A 7 6.36 -10.12 9.55
N GLY A 8 5.13 -10.13 10.04
CA GLY A 8 4.13 -9.20 9.58
C GLY A 8 4.04 -8.01 10.51
N PRO A 9 4.43 -6.81 10.04
CA PRO A 9 4.39 -5.60 10.86
C PRO A 9 2.97 -5.22 11.25
N ARG A 10 2.81 -4.73 12.47
CA ARG A 10 1.51 -4.28 12.94
C ARG A 10 1.28 -2.83 12.53
N GLN A 11 2.38 -2.09 12.37
CA GLN A 11 2.32 -0.69 12.01
C GLN A 11 3.56 -0.28 11.22
N VAL A 12 3.34 0.56 10.22
CA VAL A 12 4.44 1.14 9.44
C VAL A 12 4.28 2.66 9.39
N THR A 13 5.29 3.35 8.87
CA THR A 13 5.26 4.80 8.86
C THR A 13 5.09 5.33 7.43
N LEU A 14 4.22 6.31 7.27
CA LEU A 14 4.04 6.98 5.98
C LEU A 14 5.16 7.99 5.78
N PRO A 15 5.49 8.31 4.51
CA PRO A 15 6.56 9.27 4.21
C PRO A 15 6.19 10.69 4.64
N ASP A 16 4.93 10.88 5.01
CA ASP A 16 4.45 12.17 5.45
C ASP A 16 4.65 12.33 6.96
N GLY A 17 4.70 11.21 7.65
CA GLY A 17 4.84 11.23 9.10
C GLY A 17 3.72 10.48 9.79
N THR A 18 2.70 10.11 9.02
CA THR A 18 1.54 9.40 9.55
C THR A 18 1.89 7.95 9.89
N VAL A 19 1.02 7.31 10.66
CA VAL A 19 1.20 5.90 11.01
C VAL A 19 0.16 5.05 10.29
N LEU A 20 0.59 3.91 9.77
CA LEU A 20 -0.29 3.00 9.07
C LEU A 20 -0.25 1.64 9.73
N SER A 21 -1.27 1.32 10.50
CA SER A 21 -1.34 0.03 11.15
C SER A 21 -2.21 -0.92 10.34
N ARG A 22 -2.18 -2.20 10.68
CA ARG A 22 -3.03 -3.17 10.03
C ARG A 22 -4.49 -2.99 10.45
N ALA A 23 -4.70 -2.09 11.41
CA ALA A 23 -6.04 -1.72 11.83
C ALA A 23 -6.56 -0.58 10.96
N ASP A 24 -5.65 0.06 10.23
CA ASP A 24 -6.01 1.12 9.29
C ASP A 24 -6.48 0.52 7.97
N LEU A 25 -6.06 -0.71 7.71
CA LEU A 25 -6.49 -1.44 6.53
C LEU A 25 -8.01 -1.57 6.49
N PRO A 26 -8.62 -1.19 5.36
CA PRO A 26 -10.06 -1.24 5.16
C PRO A 26 -10.62 -2.68 5.27
N PRO A 27 -11.90 -2.81 5.63
CA PRO A 27 -12.54 -4.11 5.77
C PRO A 27 -12.62 -4.89 4.46
N LEU A 28 -12.89 -6.19 4.56
CA LEU A 28 -12.87 -7.08 3.40
C LEU A 28 -14.19 -7.03 2.65
N ASP A 29 -15.17 -6.36 3.23
CA ASP A 29 -16.49 -6.24 2.63
C ASP A 29 -16.58 -4.99 1.77
N THR A 30 -15.50 -4.24 1.70
CA THR A 30 -15.47 -3.01 0.94
C THR A 30 -15.31 -3.28 -0.55
N ARG A 31 -16.37 -3.04 -1.32
CA ARG A 31 -16.27 -3.06 -2.77
C ARG A 31 -16.30 -1.64 -3.32
N ARG A 32 -16.96 -0.75 -2.59
CA ARG A 32 -16.93 0.67 -2.92
C ARG A 32 -15.58 1.24 -2.48
N TRP A 33 -14.56 0.95 -3.25
CA TRP A 33 -13.22 1.38 -2.95
C TRP A 33 -13.03 2.87 -3.16
N VAL A 34 -12.93 3.60 -2.06
CA VAL A 34 -12.64 5.01 -2.10
C VAL A 34 -11.13 5.22 -2.05
N ALA A 35 -10.69 6.40 -2.49
CA ALA A 35 -9.26 6.70 -2.61
C ALA A 35 -8.53 6.48 -1.29
N SER A 36 -9.16 6.88 -0.19
CA SER A 36 -8.54 6.76 1.13
C SER A 36 -8.31 5.30 1.52
N ARG A 37 -9.22 4.42 1.11
CA ARG A 37 -9.10 3.00 1.44
C ARG A 37 -8.13 2.31 0.48
N LYS A 38 -8.12 2.75 -0.77
CA LYS A 38 -7.16 2.26 -1.75
C LYS A 38 -5.74 2.62 -1.32
N ALA A 39 -5.58 3.86 -0.86
CA ALA A 39 -4.30 4.37 -0.41
C ALA A 39 -3.74 3.52 0.72
N ALA A 40 -4.56 3.28 1.74
CA ALA A 40 -4.12 2.50 2.90
C ALA A 40 -3.64 1.11 2.49
N VAL A 41 -4.30 0.52 1.50
CA VAL A 41 -3.92 -0.80 1.03
C VAL A 41 -2.59 -0.77 0.30
N VAL A 42 -2.47 0.10 -0.69
CA VAL A 42 -1.28 0.16 -1.52
C VAL A 42 -0.08 0.63 -0.70
N LYS A 43 -0.29 1.59 0.21
CA LYS A 43 0.79 2.09 1.05
C LYS A 43 1.27 1.01 2.00
N ALA A 44 0.35 0.13 2.39
CA ALA A 44 0.70 -0.99 3.27
C ALA A 44 1.72 -1.89 2.60
N VAL A 45 1.46 -2.24 1.35
CA VAL A 45 2.38 -3.06 0.56
C VAL A 45 3.71 -2.35 0.37
N ILE A 46 3.63 -1.07 0.03
CA ILE A 46 4.81 -0.26 -0.24
C ILE A 46 5.74 -0.17 0.97
N HIS A 47 5.18 -0.24 2.18
CA HIS A 47 5.98 -0.14 3.40
C HIS A 47 6.30 -1.51 3.98
N GLY A 48 5.71 -2.55 3.42
CA GLY A 48 5.97 -3.90 3.90
C GLY A 48 5.04 -4.32 5.02
N LEU A 49 4.01 -3.51 5.26
CA LEU A 49 3.00 -3.82 6.27
C LEU A 49 2.27 -5.09 5.86
N ILE A 50 1.91 -5.13 4.59
CA ILE A 50 1.36 -6.33 3.98
C ILE A 50 2.07 -6.56 2.66
N THR A 51 1.84 -7.69 2.03
CA THR A 51 2.44 -7.94 0.73
C THR A 51 1.39 -7.80 -0.36
N GLU A 52 1.84 -7.55 -1.58
CA GLU A 52 0.93 -7.34 -2.71
C GLU A 52 0.03 -8.55 -2.89
N ARG A 53 0.62 -9.73 -2.70
CA ARG A 53 -0.11 -10.99 -2.85
C ARG A 53 -1.20 -11.08 -1.79
N GLU A 54 -0.93 -10.51 -0.63
CA GLU A 54 -1.88 -10.53 0.47
C GLU A 54 -3.03 -9.57 0.19
N ALA A 55 -2.72 -8.43 -0.41
CA ALA A 55 -3.74 -7.43 -0.72
C ALA A 55 -4.72 -7.98 -1.74
N LEU A 56 -4.18 -8.59 -2.80
CA LEU A 56 -5.01 -9.21 -3.83
C LEU A 56 -5.83 -10.33 -3.23
N ASP A 57 -5.23 -11.02 -2.26
CA ASP A 57 -5.87 -12.14 -1.57
C ASP A 57 -7.06 -11.68 -0.73
N ARG A 58 -6.80 -10.80 0.22
CA ARG A 58 -7.81 -10.40 1.19
C ARG A 58 -8.93 -9.55 0.58
N TYR A 59 -8.63 -8.81 -0.48
CA TYR A 59 -9.63 -7.91 -1.06
C TYR A 59 -10.15 -8.44 -2.40
N SER A 60 -9.74 -9.65 -2.76
CA SER A 60 -10.14 -10.27 -4.03
C SER A 60 -9.84 -9.33 -5.20
N LEU A 61 -8.60 -8.87 -5.25
CA LEU A 61 -8.18 -7.91 -6.26
C LEU A 61 -7.31 -8.57 -7.31
N SER A 62 -7.37 -8.02 -8.51
CA SER A 62 -6.48 -8.43 -9.58
C SER A 62 -5.41 -7.36 -9.77
N GLU A 63 -4.33 -7.72 -10.44
CA GLU A 63 -3.23 -6.80 -10.65
C GLU A 63 -3.68 -5.57 -11.42
N GLU A 64 -4.63 -5.76 -12.35
CA GLU A 64 -5.22 -4.66 -13.11
C GLU A 64 -5.75 -3.56 -12.19
N GLU A 65 -6.23 -3.95 -11.02
CA GLU A 65 -6.79 -3.01 -10.06
C GLU A 65 -5.66 -2.37 -9.24
N PHE A 66 -4.87 -3.22 -8.59
CA PHE A 66 -3.82 -2.76 -7.68
C PHE A 66 -2.79 -1.89 -8.41
N ALA A 67 -2.52 -2.21 -9.68
CA ALA A 67 -1.61 -1.43 -10.49
C ALA A 67 -2.09 0.00 -10.63
N LEU A 68 -3.41 0.16 -10.81
CA LEU A 68 -4.01 1.48 -10.93
C LEU A 68 -3.91 2.23 -9.61
N TRP A 69 -4.15 1.52 -8.52
CA TRP A 69 -4.08 2.11 -7.18
C TRP A 69 -2.72 2.77 -6.95
N ARG A 70 -1.65 2.04 -7.22
CA ARG A 70 -0.30 2.57 -7.01
C ARG A 70 0.05 3.63 -8.05
N SER A 71 -0.58 3.57 -9.22
CA SER A 71 -0.34 4.57 -10.26
C SER A 71 -1.06 5.87 -9.90
N ALA A 72 -2.13 5.77 -9.12
CA ALA A 72 -2.89 6.94 -8.71
C ALA A 72 -2.39 7.51 -7.40
N VAL A 73 -2.20 6.64 -6.40
CA VAL A 73 -1.83 7.07 -5.06
C VAL A 73 -0.33 7.35 -4.96
N ALA A 74 0.49 6.40 -5.39
CA ALA A 74 1.93 6.53 -5.24
C ALA A 74 2.53 7.45 -6.30
N ALA A 75 1.67 7.95 -7.18
CA ALA A 75 2.09 8.91 -8.19
C ALA A 75 1.20 10.14 -8.13
N HIS A 76 0.55 10.32 -6.99
CA HIS A 76 -0.32 11.49 -6.77
C HIS A 76 0.54 12.74 -6.61
N GLY A 77 0.47 13.62 -7.60
CA GLY A 77 1.27 14.81 -7.58
C GLY A 77 0.53 16.01 -8.13
N GLU A 78 -0.12 16.75 -7.26
CA GLU A 78 -0.75 18.01 -7.65
C GLU A 78 0.32 19.08 -7.75
N LYS A 79 1.47 18.78 -7.18
CA LYS A 79 2.60 19.69 -7.15
C LYS A 79 3.46 19.49 -8.40
N ALA A 80 4.00 18.29 -8.56
CA ALA A 80 4.84 17.97 -9.71
C ALA A 80 5.07 16.47 -9.80
N LEU A 81 5.44 16.01 -11.00
CA LEU A 81 5.80 14.61 -11.22
C LEU A 81 7.08 14.54 -12.04
N LYS A 82 8.16 14.99 -11.44
CA LYS A 82 9.48 14.94 -12.09
C LYS A 82 9.90 13.48 -12.22
N VAL A 83 10.54 13.13 -13.34
CA VAL A 83 10.85 11.72 -13.65
C VAL A 83 11.57 11.02 -12.48
N THR A 84 12.48 11.72 -11.83
CA THR A 84 13.18 11.20 -10.67
C THR A 84 12.31 11.26 -9.42
N MET A 85 11.43 12.25 -9.39
CA MET A 85 10.58 12.51 -8.24
C MET A 85 9.57 11.39 -8.04
N ILE A 86 9.10 10.82 -9.15
CA ILE A 86 8.11 9.74 -9.11
C ILE A 86 8.68 8.53 -8.38
N GLN A 87 9.93 8.22 -8.65
CA GLN A 87 10.59 7.10 -7.98
C GLN A 87 10.59 7.30 -6.48
N LYS A 88 10.90 8.52 -6.07
CA LYS A 88 10.95 8.84 -4.65
C LYS A 88 9.61 9.37 -4.16
N TYR A 89 8.57 9.12 -4.95
CA TYR A 89 7.20 9.21 -4.47
C TYR A 89 6.75 7.84 -3.99
N ARG A 90 6.89 6.87 -4.89
CA ARG A 90 6.47 5.51 -4.63
C ARG A 90 7.38 4.85 -3.60
N GLN A 91 8.61 5.34 -3.50
CA GLN A 91 9.60 4.74 -2.62
C GLN A 91 10.18 5.78 -1.68
N LEU A 92 9.41 6.84 -1.44
CA LEU A 92 9.82 7.93 -0.55
C LEU A 92 10.23 7.36 0.81
N HIS A 93 9.30 6.69 1.47
CA HIS A 93 9.61 6.01 2.71
C HIS A 93 9.64 4.51 2.44
N HIS A 94 10.78 4.03 1.99
CA HIS A 94 10.93 2.63 1.61
C HIS A 94 11.42 1.81 2.79
N HIS A 95 12.02 2.47 3.77
CA HIS A 95 12.51 1.80 4.96
C HIS A 95 12.14 2.60 6.21
N MET A 1 -1.97 -16.52 12.18
CA MET A 1 -1.88 -15.73 13.44
C MET A 1 -1.10 -16.50 14.49
N TYR A 2 -0.99 -15.91 15.68
CA TYR A 2 -0.19 -16.46 16.78
C TYR A 2 1.29 -16.43 16.42
N LEU A 3 1.72 -17.39 15.61
CA LEU A 3 3.04 -17.33 15.00
C LEU A 3 2.89 -17.57 13.50
N LYS A 4 3.03 -18.84 13.09
CA LYS A 4 2.85 -19.25 11.71
C LYS A 4 3.94 -18.64 10.84
N ARG A 5 3.76 -17.35 10.53
CA ARG A 5 4.64 -16.62 9.65
C ARG A 5 4.02 -15.27 9.34
N VAL A 6 4.79 -14.21 9.47
CA VAL A 6 4.31 -12.88 9.17
C VAL A 6 5.12 -12.28 8.03
N ASP A 7 4.42 -11.85 6.99
CA ASP A 7 5.08 -11.30 5.80
C ASP A 7 5.72 -9.95 6.07
N GLY A 8 5.06 -9.11 6.85
CA GLY A 8 5.58 -7.80 7.14
C GLY A 8 5.40 -7.43 8.60
N PRO A 9 5.76 -6.20 8.99
CA PRO A 9 5.57 -5.72 10.36
C PRO A 9 4.09 -5.57 10.70
N ARG A 10 3.80 -5.40 11.98
CA ARG A 10 2.43 -5.21 12.42
C ARG A 10 1.93 -3.80 12.09
N GLN A 11 2.85 -2.85 12.02
CA GLN A 11 2.52 -1.48 11.69
C GLN A 11 3.71 -0.74 11.08
N VAL A 12 3.41 0.17 10.15
CA VAL A 12 4.42 0.99 9.51
C VAL A 12 4.11 2.46 9.65
N THR A 13 5.06 3.32 9.31
CA THR A 13 4.88 4.76 9.42
C THR A 13 4.69 5.38 8.04
N LEU A 14 3.77 6.34 7.97
CA LEU A 14 3.53 7.06 6.72
C LEU A 14 4.44 8.28 6.65
N PRO A 15 4.86 8.67 5.45
CA PRO A 15 5.59 9.92 5.23
C PRO A 15 4.70 11.12 5.50
N ASP A 16 3.41 10.84 5.64
CA ASP A 16 2.42 11.84 5.97
C ASP A 16 2.42 12.11 7.48
N GLY A 17 3.18 11.29 8.21
CA GLY A 17 3.25 11.43 9.65
C GLY A 17 2.12 10.71 10.35
N THR A 18 1.82 9.51 9.87
CA THR A 18 0.72 8.71 10.39
C THR A 18 1.20 7.28 10.64
N VAL A 19 0.41 6.49 11.35
CA VAL A 19 0.74 5.09 11.60
C VAL A 19 -0.26 4.18 10.90
N LEU A 20 0.24 3.20 10.18
CA LEU A 20 -0.59 2.25 9.47
C LEU A 20 -0.30 0.83 9.90
N SER A 21 -1.17 0.28 10.72
CA SER A 21 -1.05 -1.10 11.14
C SER A 21 -1.83 -2.00 10.19
N ARG A 22 -1.58 -3.29 10.25
CA ARG A 22 -2.31 -4.24 9.41
C ARG A 22 -3.79 -4.27 9.77
N ALA A 23 -4.11 -3.73 10.95
CA ALA A 23 -5.49 -3.63 11.40
C ALA A 23 -6.07 -2.25 11.13
N ASP A 24 -5.24 -1.34 10.62
CA ASP A 24 -5.70 0.01 10.30
C ASP A 24 -6.13 0.09 8.84
N LEU A 25 -6.00 -1.03 8.15
CA LEU A 25 -6.43 -1.13 6.76
C LEU A 25 -7.96 -1.03 6.65
N PRO A 26 -8.47 -0.62 5.48
CA PRO A 26 -9.91 -0.56 5.22
C PRO A 26 -10.59 -1.91 5.42
N PRO A 27 -11.91 -1.92 5.72
CA PRO A 27 -12.66 -3.15 5.94
C PRO A 27 -12.61 -4.10 4.75
N LEU A 28 -12.63 -5.40 5.03
CA LEU A 28 -12.51 -6.43 4.01
C LEU A 28 -13.70 -6.41 3.05
N ASP A 29 -14.82 -5.91 3.53
CA ASP A 29 -16.04 -5.86 2.72
C ASP A 29 -16.16 -4.52 1.99
N THR A 30 -15.02 -3.88 1.76
CA THR A 30 -14.99 -2.68 0.95
C THR A 30 -15.00 -3.04 -0.53
N ARG A 31 -16.15 -2.86 -1.16
CA ARG A 31 -16.27 -3.09 -2.59
C ARG A 31 -16.47 -1.74 -3.28
N ARG A 32 -16.22 -1.70 -4.59
CA ARG A 32 -16.30 -0.46 -5.38
C ARG A 32 -15.08 0.42 -5.10
N TRP A 33 -14.85 0.70 -3.81
CA TRP A 33 -13.64 1.39 -3.34
C TRP A 33 -13.66 2.88 -3.63
N VAL A 34 -12.89 3.61 -2.83
CA VAL A 34 -12.67 5.02 -3.03
C VAL A 34 -11.18 5.32 -2.88
N ALA A 35 -10.74 6.49 -3.33
CA ALA A 35 -9.31 6.81 -3.39
C ALA A 35 -8.63 6.68 -2.03
N SER A 36 -9.26 7.22 -1.00
CA SER A 36 -8.67 7.22 0.34
C SER A 36 -8.40 5.80 0.85
N ARG A 37 -9.32 4.88 0.58
CA ARG A 37 -9.17 3.50 1.04
C ARG A 37 -8.13 2.77 0.20
N LYS A 38 -8.10 3.09 -1.09
CA LYS A 38 -7.10 2.52 -1.99
C LYS A 38 -5.70 2.94 -1.56
N ALA A 39 -5.57 4.22 -1.22
CA ALA A 39 -4.31 4.79 -0.79
C ALA A 39 -3.76 4.06 0.44
N ALA A 40 -4.65 3.74 1.36
CA ALA A 40 -4.26 3.04 2.58
C ALA A 40 -3.71 1.65 2.26
N VAL A 41 -4.31 0.99 1.29
CA VAL A 41 -3.88 -0.35 0.89
C VAL A 41 -2.53 -0.31 0.17
N VAL A 42 -2.40 0.59 -0.78
CA VAL A 42 -1.17 0.67 -1.58
C VAL A 42 0.01 1.16 -0.72
N LYS A 43 -0.26 2.08 0.20
CA LYS A 43 0.79 2.56 1.10
C LYS A 43 1.29 1.42 1.97
N ALA A 44 0.38 0.54 2.38
CA ALA A 44 0.72 -0.60 3.22
C ALA A 44 1.75 -1.49 2.53
N VAL A 45 1.51 -1.79 1.26
CA VAL A 45 2.42 -2.66 0.52
C VAL A 45 3.75 -1.97 0.23
N ILE A 46 3.68 -0.70 -0.17
CA ILE A 46 4.87 0.05 -0.54
C ILE A 46 5.80 0.31 0.66
N HIS A 47 5.22 0.36 1.86
CA HIS A 47 6.00 0.58 3.07
C HIS A 47 6.52 -0.74 3.63
N GLY A 48 6.05 -1.85 3.06
CA GLY A 48 6.51 -3.15 3.50
C GLY A 48 5.64 -3.74 4.59
N LEU A 49 4.50 -3.12 4.85
CA LEU A 49 3.57 -3.59 5.87
C LEU A 49 2.98 -4.92 5.46
N ILE A 50 2.24 -4.91 4.36
CA ILE A 50 1.62 -6.11 3.84
C ILE A 50 2.13 -6.41 2.44
N THR A 51 1.97 -7.64 2.01
CA THR A 51 2.34 -8.05 0.68
C THR A 51 1.19 -7.83 -0.30
N GLU A 52 1.54 -7.64 -1.57
CA GLU A 52 0.55 -7.50 -2.63
C GLU A 52 -0.45 -8.63 -2.60
N ARG A 53 0.06 -9.84 -2.40
CA ARG A 53 -0.77 -11.04 -2.40
C ARG A 53 -1.76 -11.01 -1.25
N GLU A 54 -1.38 -10.33 -0.18
CA GLU A 54 -2.27 -10.13 0.97
C GLU A 54 -3.43 -9.23 0.57
N ALA A 55 -3.09 -8.07 0.02
CA ALA A 55 -4.09 -7.08 -0.39
C ALA A 55 -5.06 -7.67 -1.42
N LEU A 56 -4.52 -8.38 -2.39
CA LEU A 56 -5.32 -8.98 -3.45
C LEU A 56 -6.23 -10.08 -2.90
N ASP A 57 -5.76 -10.78 -1.88
CA ASP A 57 -6.48 -11.91 -1.31
C ASP A 57 -7.61 -11.45 -0.40
N ARG A 58 -7.27 -10.55 0.53
CA ARG A 58 -8.21 -10.13 1.56
C ARG A 58 -9.34 -9.27 1.01
N TYR A 59 -9.05 -8.48 -0.01
CA TYR A 59 -10.05 -7.57 -0.55
C TYR A 59 -10.64 -8.09 -1.85
N SER A 60 -10.14 -9.23 -2.31
CA SER A 60 -10.55 -9.81 -3.58
C SER A 60 -10.23 -8.85 -4.73
N LEU A 61 -8.95 -8.73 -5.02
CA LEU A 61 -8.49 -7.80 -6.04
C LEU A 61 -7.60 -8.52 -7.04
N SER A 62 -7.57 -8.00 -8.26
CA SER A 62 -6.71 -8.53 -9.30
C SER A 62 -5.44 -7.70 -9.39
N GLU A 63 -4.41 -8.26 -10.01
CA GLU A 63 -3.14 -7.58 -10.17
C GLU A 63 -3.34 -6.25 -10.89
N GLU A 64 -4.11 -6.29 -11.97
CA GLU A 64 -4.39 -5.11 -12.78
C GLU A 64 -5.09 -4.02 -11.99
N GLU A 65 -5.80 -4.42 -10.94
CA GLU A 65 -6.47 -3.48 -10.06
C GLU A 65 -5.44 -2.70 -9.25
N PHE A 66 -4.62 -3.44 -8.51
CA PHE A 66 -3.62 -2.84 -7.65
C PHE A 66 -2.59 -2.07 -8.47
N ALA A 67 -2.34 -2.53 -9.69
CA ALA A 67 -1.45 -1.84 -10.61
C ALA A 67 -1.94 -0.42 -10.88
N LEU A 68 -3.25 -0.28 -11.04
CA LEU A 68 -3.86 1.02 -11.24
C LEU A 68 -3.74 1.86 -9.98
N TRP A 69 -4.03 1.25 -8.84
CA TRP A 69 -3.95 1.94 -7.55
C TRP A 69 -2.56 2.54 -7.34
N ARG A 70 -1.54 1.71 -7.50
CA ARG A 70 -0.17 2.12 -7.25
C ARG A 70 0.32 3.13 -8.27
N SER A 71 -0.31 3.16 -9.45
CA SER A 71 0.01 4.15 -10.46
C SER A 71 -0.68 5.47 -10.14
N ALA A 72 -1.94 5.40 -9.75
CA ALA A 72 -2.74 6.60 -9.51
C ALA A 72 -2.22 7.39 -8.33
N VAL A 73 -1.71 6.68 -7.33
CA VAL A 73 -1.18 7.30 -6.12
C VAL A 73 0.25 7.80 -6.35
N ALA A 74 1.12 6.91 -6.81
CA ALA A 74 2.54 7.22 -6.94
C ALA A 74 2.80 8.30 -7.98
N ALA A 75 2.11 8.21 -9.12
CA ALA A 75 2.32 9.16 -10.21
C ALA A 75 1.67 10.50 -9.87
N HIS A 76 0.85 10.51 -8.82
CA HIS A 76 0.22 11.74 -8.37
C HIS A 76 1.09 12.41 -7.31
N GLY A 77 1.94 11.61 -6.67
CA GLY A 77 2.77 12.13 -5.61
C GLY A 77 4.14 12.56 -6.09
N GLU A 78 4.45 12.24 -7.35
CA GLU A 78 5.76 12.59 -7.92
C GLU A 78 5.78 14.04 -8.40
N LYS A 79 4.92 14.86 -7.83
CA LYS A 79 4.93 16.29 -8.10
C LYS A 79 5.62 17.02 -6.95
N ALA A 80 5.95 16.26 -5.92
CA ALA A 80 6.62 16.80 -4.74
C ALA A 80 7.83 15.92 -4.40
N LEU A 81 9.01 16.37 -4.78
CA LEU A 81 10.21 15.58 -4.62
C LEU A 81 11.05 16.06 -3.44
N LYS A 82 10.71 15.59 -2.26
CA LYS A 82 11.55 15.80 -1.08
C LYS A 82 12.87 15.07 -1.29
N VAL A 83 13.93 15.53 -0.65
CA VAL A 83 15.25 14.89 -0.80
C VAL A 83 15.20 13.40 -0.44
N THR A 84 14.32 13.05 0.49
CA THR A 84 14.18 11.68 0.92
C THR A 84 13.10 10.95 0.11
N MET A 85 12.50 11.67 -0.83
CA MET A 85 11.39 11.11 -1.62
C MET A 85 11.92 10.37 -2.84
N ILE A 86 13.11 10.75 -3.31
CA ILE A 86 13.70 10.13 -4.49
C ILE A 86 13.97 8.64 -4.25
N GLN A 87 14.41 8.32 -3.04
CA GLN A 87 14.65 6.94 -2.66
C GLN A 87 13.34 6.16 -2.73
N LYS A 88 12.26 6.81 -2.30
CA LYS A 88 10.95 6.19 -2.32
C LYS A 88 10.48 5.98 -3.76
N TYR A 89 10.91 6.84 -4.66
CA TYR A 89 10.61 6.66 -6.08
C TYR A 89 11.38 5.47 -6.63
N ARG A 90 12.63 5.32 -6.19
CA ARG A 90 13.50 4.27 -6.69
C ARG A 90 13.13 2.91 -6.11
N GLN A 91 12.38 2.90 -5.02
CA GLN A 91 11.97 1.64 -4.39
C GLN A 91 10.52 1.32 -4.74
N LEU A 92 9.83 2.26 -5.36
CA LEU A 92 8.41 2.13 -5.63
C LEU A 92 8.17 1.51 -7.00
N HIS A 93 7.48 0.38 -7.02
CA HIS A 93 7.13 -0.30 -8.25
C HIS A 93 5.75 0.19 -8.72
N HIS A 94 5.70 0.72 -9.93
CA HIS A 94 4.49 1.37 -10.43
C HIS A 94 3.51 0.40 -11.09
N HIS A 95 4.01 -0.72 -11.59
CA HIS A 95 3.16 -1.73 -12.22
C HIS A 95 3.54 -3.12 -11.78
N MET A 1 6.62 -16.44 9.11
CA MET A 1 6.33 -17.65 8.31
C MET A 1 7.36 -18.74 8.55
N TYR A 2 8.61 -18.45 8.20
CA TYR A 2 9.68 -19.43 8.28
C TYR A 2 10.19 -19.55 9.71
N LEU A 3 10.32 -18.42 10.38
CA LEU A 3 10.80 -18.38 11.75
C LEU A 3 9.67 -17.96 12.68
N LYS A 4 8.49 -18.52 12.44
CA LYS A 4 7.27 -18.14 13.16
C LYS A 4 6.96 -16.67 12.84
N ARG A 5 6.05 -16.07 13.61
CA ARG A 5 5.83 -14.62 13.57
C ARG A 5 5.20 -14.16 12.25
N VAL A 6 4.64 -12.95 12.28
CA VAL A 6 4.16 -12.32 11.06
C VAL A 6 5.34 -11.69 10.33
N ASP A 7 5.41 -11.94 9.02
CA ASP A 7 6.57 -11.50 8.22
C ASP A 7 6.45 -10.03 7.86
N GLY A 8 5.26 -9.50 7.99
CA GLY A 8 5.06 -8.09 7.75
C GLY A 8 4.71 -7.37 9.02
N PRO A 9 5.23 -6.15 9.22
CA PRO A 9 4.94 -5.34 10.41
C PRO A 9 3.43 -5.16 10.63
N ARG A 10 3.05 -4.94 11.87
CA ARG A 10 1.64 -4.76 12.19
C ARG A 10 1.27 -3.30 12.04
N GLN A 11 2.29 -2.43 12.00
CA GLN A 11 2.09 -1.02 11.76
C GLN A 11 3.34 -0.39 11.17
N VAL A 12 3.15 0.44 10.16
CA VAL A 12 4.24 1.16 9.53
C VAL A 12 4.04 2.65 9.64
N THR A 13 5.13 3.38 9.75
CA THR A 13 5.07 4.83 9.86
C THR A 13 5.12 5.49 8.48
N LEU A 14 4.10 6.27 8.18
CA LEU A 14 4.03 7.00 6.91
C LEU A 14 5.16 8.01 6.85
N PRO A 15 5.57 8.42 5.64
CA PRO A 15 6.61 9.46 5.48
C PRO A 15 6.20 10.78 6.12
N ASP A 16 4.90 10.95 6.30
CA ASP A 16 4.34 12.11 7.00
C ASP A 16 4.66 12.02 8.49
N GLY A 17 4.60 10.81 9.01
CA GLY A 17 4.68 10.59 10.44
C GLY A 17 3.42 9.95 10.97
N THR A 18 2.50 9.67 10.05
CA THR A 18 1.24 9.04 10.38
C THR A 18 1.46 7.54 10.65
N VAL A 19 0.47 6.88 11.25
CA VAL A 19 0.58 5.46 11.56
C VAL A 19 -0.40 4.65 10.73
N LEU A 20 0.12 3.68 9.98
CA LEU A 20 -0.70 2.78 9.20
C LEU A 20 -0.53 1.36 9.72
N SER A 21 -1.49 0.92 10.51
CA SER A 21 -1.45 -0.42 11.06
C SER A 21 -2.32 -1.37 10.25
N ARG A 22 -2.22 -2.65 10.56
CA ARG A 22 -3.07 -3.65 9.94
C ARG A 22 -4.49 -3.54 10.46
N ALA A 23 -4.70 -2.60 11.39
CA ALA A 23 -6.01 -2.26 11.87
C ALA A 23 -6.50 -0.98 11.19
N ASP A 24 -5.62 -0.37 10.40
CA ASP A 24 -5.97 0.81 9.60
C ASP A 24 -6.38 0.37 8.21
N LEU A 25 -5.98 -0.85 7.84
CA LEU A 25 -6.40 -1.46 6.59
C LEU A 25 -7.92 -1.48 6.51
N PRO A 26 -8.48 -1.07 5.36
CA PRO A 26 -9.93 -1.05 5.17
C PRO A 26 -10.52 -2.46 5.25
N PRO A 27 -11.76 -2.58 5.74
CA PRO A 27 -12.42 -3.88 5.90
C PRO A 27 -12.71 -4.55 4.55
N LEU A 28 -12.78 -5.87 4.56
CA LEU A 28 -13.08 -6.63 3.34
C LEU A 28 -14.51 -6.34 2.88
N ASP A 29 -15.28 -5.73 3.76
CA ASP A 29 -16.65 -5.31 3.46
C ASP A 29 -16.64 -4.13 2.49
N THR A 30 -15.47 -3.52 2.30
CA THR A 30 -15.35 -2.38 1.43
C THR A 30 -15.15 -2.80 -0.01
N ARG A 31 -16.24 -2.75 -0.76
CA ARG A 31 -16.13 -2.94 -2.20
C ARG A 31 -16.27 -1.58 -2.89
N ARG A 32 -16.93 -0.65 -2.20
CA ARG A 32 -17.03 0.72 -2.69
C ARG A 32 -15.75 1.48 -2.37
N TRP A 33 -14.69 1.11 -3.08
CA TRP A 33 -13.37 1.66 -2.83
C TRP A 33 -13.32 3.16 -3.10
N VAL A 34 -12.88 3.90 -2.10
CA VAL A 34 -12.60 5.32 -2.24
C VAL A 34 -11.10 5.54 -2.24
N ALA A 35 -10.67 6.76 -2.57
CA ALA A 35 -9.26 7.08 -2.71
C ALA A 35 -8.47 6.75 -1.46
N SER A 36 -8.97 7.21 -0.31
CA SER A 36 -8.29 7.01 0.97
C SER A 36 -8.08 5.52 1.28
N ARG A 37 -9.12 4.72 1.08
CA ARG A 37 -9.03 3.30 1.43
C ARG A 37 -8.12 2.56 0.46
N LYS A 38 -8.13 2.97 -0.81
CA LYS A 38 -7.19 2.42 -1.79
C LYS A 38 -5.77 2.81 -1.42
N ALA A 39 -5.59 4.08 -1.10
CA ALA A 39 -4.29 4.63 -0.75
C ALA A 39 -3.66 3.87 0.41
N ALA A 40 -4.45 3.62 1.44
CA ALA A 40 -3.98 2.89 2.61
C ALA A 40 -3.44 1.51 2.21
N VAL A 41 -4.18 0.81 1.36
CA VAL A 41 -3.79 -0.52 0.92
C VAL A 41 -2.48 -0.49 0.12
N VAL A 42 -2.41 0.37 -0.89
CA VAL A 42 -1.24 0.45 -1.74
C VAL A 42 -0.02 0.95 -0.94
N LYS A 43 -0.22 1.93 -0.06
CA LYS A 43 0.86 2.43 0.79
C LYS A 43 1.34 1.31 1.72
N ALA A 44 0.42 0.44 2.12
CA ALA A 44 0.75 -0.66 3.01
C ALA A 44 1.74 -1.61 2.34
N VAL A 45 1.48 -1.94 1.08
CA VAL A 45 2.35 -2.83 0.33
C VAL A 45 3.67 -2.15 0.00
N ILE A 46 3.59 -0.88 -0.37
CA ILE A 46 4.77 -0.10 -0.74
C ILE A 46 5.71 0.08 0.45
N HIS A 47 5.14 0.28 1.64
CA HIS A 47 5.96 0.48 2.84
C HIS A 47 6.43 -0.85 3.42
N GLY A 48 5.69 -1.92 3.15
CA GLY A 48 6.10 -3.22 3.64
C GLY A 48 5.20 -3.75 4.75
N LEU A 49 4.13 -3.02 5.04
CA LEU A 49 3.16 -3.43 6.05
C LEU A 49 2.60 -4.81 5.69
N ILE A 50 2.02 -4.90 4.50
CA ILE A 50 1.51 -6.15 3.99
C ILE A 50 2.12 -6.42 2.62
N THR A 51 2.05 -7.65 2.16
CA THR A 51 2.54 -7.97 0.84
C THR A 51 1.44 -7.76 -0.21
N GLU A 52 1.87 -7.54 -1.44
CA GLU A 52 0.98 -7.30 -2.56
C GLU A 52 -0.02 -8.44 -2.69
N ARG A 53 0.48 -9.66 -2.56
CA ARG A 53 -0.34 -10.86 -2.68
C ARG A 53 -1.33 -10.96 -1.52
N GLU A 54 -0.98 -10.37 -0.39
CA GLU A 54 -1.85 -10.35 0.78
C GLU A 54 -3.07 -9.49 0.49
N ALA A 55 -2.84 -8.33 -0.10
CA ALA A 55 -3.91 -7.41 -0.43
C ALA A 55 -4.81 -8.00 -1.51
N LEU A 56 -4.18 -8.55 -2.56
CA LEU A 56 -4.90 -9.15 -3.67
C LEU A 56 -5.74 -10.34 -3.19
N ASP A 57 -5.22 -11.03 -2.19
CA ASP A 57 -5.89 -12.21 -1.64
C ASP A 57 -7.12 -11.82 -0.84
N ARG A 58 -6.91 -11.01 0.18
CA ARG A 58 -7.97 -10.68 1.13
C ARG A 58 -9.05 -9.80 0.50
N TYR A 59 -8.64 -8.83 -0.30
CA TYR A 59 -9.59 -7.89 -0.88
C TYR A 59 -10.16 -8.40 -2.18
N SER A 60 -9.72 -9.59 -2.60
CA SER A 60 -10.15 -10.18 -3.86
C SER A 60 -9.88 -9.20 -5.01
N LEU A 61 -8.61 -8.92 -5.22
CA LEU A 61 -8.19 -7.99 -6.25
C LEU A 61 -7.36 -8.69 -7.30
N SER A 62 -7.20 -8.03 -8.44
CA SER A 62 -6.38 -8.55 -9.51
C SER A 62 -5.17 -7.63 -9.72
N GLU A 63 -4.15 -8.14 -10.40
CA GLU A 63 -2.95 -7.37 -10.67
C GLU A 63 -3.25 -6.14 -11.51
N GLU A 64 -4.18 -6.27 -12.45
CA GLU A 64 -4.61 -5.14 -13.26
C GLU A 64 -5.20 -4.04 -12.37
N GLU A 65 -5.89 -4.47 -11.32
CA GLU A 65 -6.53 -3.55 -10.39
C GLU A 65 -5.48 -2.85 -9.54
N PHE A 66 -4.63 -3.64 -8.87
CA PHE A 66 -3.62 -3.08 -7.98
C PHE A 66 -2.63 -2.22 -8.76
N ALA A 67 -2.36 -2.61 -10.00
CA ALA A 67 -1.47 -1.84 -10.86
C ALA A 67 -2.06 -0.47 -11.16
N LEU A 68 -3.39 -0.40 -11.22
CA LEU A 68 -4.08 0.86 -11.40
C LEU A 68 -4.04 1.68 -10.11
N TRP A 69 -4.15 0.99 -8.98
CA TRP A 69 -4.08 1.65 -7.67
C TRP A 69 -2.75 2.38 -7.49
N ARG A 70 -1.66 1.66 -7.68
CA ARG A 70 -0.32 2.25 -7.52
C ARG A 70 -0.09 3.37 -8.54
N SER A 71 -0.68 3.25 -9.72
CA SER A 71 -0.52 4.27 -10.75
C SER A 71 -1.39 5.51 -10.45
N ALA A 72 -2.50 5.30 -9.77
CA ALA A 72 -3.43 6.39 -9.48
C ALA A 72 -3.14 7.05 -8.14
N VAL A 73 -2.48 6.33 -7.25
CA VAL A 73 -2.15 6.87 -5.93
C VAL A 73 -0.68 7.25 -5.84
N ALA A 74 0.19 6.27 -5.96
CA ALA A 74 1.62 6.49 -5.80
C ALA A 74 2.18 7.30 -6.98
N ALA A 75 1.77 6.92 -8.18
CA ALA A 75 2.26 7.56 -9.39
C ALA A 75 1.36 8.72 -9.78
N HIS A 76 0.70 9.31 -8.80
CA HIS A 76 -0.23 10.40 -9.05
C HIS A 76 0.50 11.74 -9.08
N GLY A 77 1.81 11.69 -9.27
CA GLY A 77 2.58 12.89 -9.47
C GLY A 77 2.40 13.40 -10.89
N GLU A 78 1.16 13.72 -11.22
CA GLU A 78 0.75 14.03 -12.59
C GLU A 78 1.31 15.36 -13.09
N LYS A 79 2.19 15.97 -12.34
CA LYS A 79 2.76 17.25 -12.72
C LYS A 79 4.09 17.08 -13.42
N ALA A 80 4.83 16.04 -13.06
CA ALA A 80 6.13 15.78 -13.68
C ALA A 80 6.58 14.35 -13.44
N LEU A 81 6.22 13.47 -14.37
CA LEU A 81 6.62 12.07 -14.27
C LEU A 81 7.91 11.84 -15.05
N LYS A 82 8.97 12.46 -14.58
CA LYS A 82 10.28 12.29 -15.17
C LYS A 82 10.86 10.94 -14.72
N VAL A 83 11.69 10.33 -15.56
CA VAL A 83 12.25 8.99 -15.29
C VAL A 83 12.74 8.84 -13.84
N THR A 84 13.36 9.89 -13.33
CA THR A 84 13.88 9.90 -11.97
C THR A 84 12.76 10.04 -10.94
N MET A 85 11.84 10.95 -11.22
CA MET A 85 10.77 11.32 -10.29
C MET A 85 9.85 10.15 -9.98
N ILE A 86 9.66 9.27 -10.97
CA ILE A 86 8.78 8.11 -10.81
C ILE A 86 9.24 7.24 -9.66
N GLN A 87 10.55 7.13 -9.49
CA GLN A 87 11.13 6.36 -8.40
C GLN A 87 10.60 6.83 -7.05
N LYS A 88 10.50 8.14 -6.91
CA LYS A 88 10.08 8.74 -5.64
C LYS A 88 8.57 8.89 -5.58
N TYR A 89 7.90 8.47 -6.65
CA TYR A 89 6.46 8.32 -6.63
C TYR A 89 6.09 6.89 -6.27
N ARG A 90 6.89 5.94 -6.77
CA ARG A 90 6.75 4.54 -6.38
C ARG A 90 6.90 4.41 -4.88
N GLN A 91 7.91 5.10 -4.35
CA GLN A 91 8.06 5.24 -2.91
C GLN A 91 7.69 6.67 -2.53
N LEU A 92 6.44 7.02 -2.80
CA LEU A 92 5.92 8.35 -2.52
C LEU A 92 6.15 8.71 -1.06
N HIS A 93 6.76 9.85 -0.83
CA HIS A 93 7.08 10.22 0.52
C HIS A 93 6.69 11.67 0.81
N HIS A 94 5.53 11.81 1.44
CA HIS A 94 5.02 13.10 1.87
C HIS A 94 3.98 12.85 2.95
N HIS A 95 2.99 12.04 2.61
CA HIS A 95 2.00 11.56 3.57
C HIS A 95 1.79 10.07 3.37
N MET A 1 1.91 -21.57 13.41
CA MET A 1 0.78 -20.65 13.16
C MET A 1 1.07 -19.77 11.96
N TYR A 2 2.23 -19.13 11.96
CA TYR A 2 2.62 -18.29 10.83
C TYR A 2 3.09 -19.17 9.69
N LEU A 3 2.36 -19.09 8.58
CA LEU A 3 2.62 -19.93 7.42
C LEU A 3 1.92 -19.33 6.22
N LYS A 4 0.60 -19.22 6.32
CA LYS A 4 -0.22 -18.62 5.27
C LYS A 4 -0.39 -17.13 5.53
N ARG A 5 0.55 -16.59 6.27
CA ARG A 5 0.54 -15.19 6.67
C ARG A 5 1.93 -14.83 7.20
N VAL A 6 2.65 -14.01 6.44
CA VAL A 6 4.02 -13.66 6.77
C VAL A 6 4.10 -12.85 8.06
N ASP A 7 5.06 -13.20 8.92
CA ASP A 7 5.29 -12.47 10.16
C ASP A 7 6.13 -11.24 9.87
N GLY A 8 5.48 -10.20 9.40
CA GLY A 8 6.16 -8.96 9.10
C GLY A 8 5.81 -7.89 10.10
N PRO A 9 5.92 -6.61 9.73
CA PRO A 9 5.57 -5.51 10.61
C PRO A 9 4.08 -5.46 10.89
N ARG A 10 3.72 -5.14 12.13
CA ARG A 10 2.32 -4.99 12.50
C ARG A 10 1.86 -3.57 12.20
N GLN A 11 2.82 -2.67 12.09
CA GLN A 11 2.54 -1.27 11.78
C GLN A 11 3.68 -0.67 10.96
N VAL A 12 3.33 0.29 10.11
CA VAL A 12 4.32 1.06 9.37
C VAL A 12 4.01 2.55 9.47
N THR A 13 4.88 3.38 8.94
CA THR A 13 4.73 4.82 9.05
C THR A 13 4.55 5.46 7.67
N LEU A 14 3.72 6.49 7.61
CA LEU A 14 3.52 7.23 6.39
C LEU A 14 4.45 8.44 6.37
N PRO A 15 4.92 8.84 5.18
CA PRO A 15 5.69 10.08 5.01
C PRO A 15 4.86 11.31 5.37
N ASP A 16 3.57 11.05 5.59
CA ASP A 16 2.61 12.06 5.99
C ASP A 16 2.73 12.32 7.49
N GLY A 17 3.36 11.40 8.20
CA GLY A 17 3.48 11.52 9.65
C GLY A 17 2.45 10.68 10.36
N THR A 18 1.68 9.93 9.60
CA THR A 18 0.61 9.10 10.13
C THR A 18 1.09 7.64 10.27
N VAL A 19 0.33 6.82 10.99
CA VAL A 19 0.70 5.44 11.23
C VAL A 19 -0.29 4.49 10.58
N LEU A 20 0.22 3.48 9.90
CA LEU A 20 -0.62 2.50 9.22
C LEU A 20 -0.36 1.11 9.78
N SER A 21 -1.28 0.62 10.58
CA SER A 21 -1.15 -0.70 11.16
C SER A 21 -2.01 -1.69 10.38
N ARG A 22 -1.84 -2.98 10.64
CA ARG A 22 -2.58 -4.00 9.94
C ARG A 22 -4.05 -4.01 10.35
N ALA A 23 -4.33 -3.48 11.52
CA ALA A 23 -5.70 -3.32 11.97
C ALA A 23 -6.30 -2.01 11.46
N ASP A 24 -5.44 -1.12 10.98
CA ASP A 24 -5.87 0.17 10.46
C ASP A 24 -6.34 0.03 9.01
N LEU A 25 -5.87 -1.02 8.35
CA LEU A 25 -6.25 -1.34 6.98
C LEU A 25 -7.78 -1.32 6.81
N PRO A 26 -8.26 -0.88 5.63
CA PRO A 26 -9.70 -0.81 5.33
C PRO A 26 -10.39 -2.17 5.47
N PRO A 27 -11.71 -2.16 5.65
CA PRO A 27 -12.50 -3.39 5.78
C PRO A 27 -12.54 -4.20 4.49
N LEU A 28 -12.84 -5.48 4.62
CA LEU A 28 -12.92 -6.37 3.46
C LEU A 28 -14.31 -6.26 2.84
N ASP A 29 -15.17 -5.48 3.49
CA ASP A 29 -16.55 -5.31 3.05
C ASP A 29 -16.65 -4.30 1.92
N THR A 30 -15.63 -3.49 1.77
CA THR A 30 -15.64 -2.44 0.78
C THR A 30 -15.47 -3.00 -0.64
N ARG A 31 -16.48 -2.78 -1.46
CA ARG A 31 -16.40 -3.09 -2.88
C ARG A 31 -16.37 -1.81 -3.67
N ARG A 32 -17.23 -0.86 -3.28
CA ARG A 32 -17.19 0.46 -3.89
C ARG A 32 -16.07 1.26 -3.24
N TRP A 33 -14.86 0.98 -3.69
CA TRP A 33 -13.66 1.61 -3.12
C TRP A 33 -13.62 3.11 -3.37
N VAL A 34 -12.97 3.80 -2.44
CA VAL A 34 -12.70 5.23 -2.59
C VAL A 34 -11.19 5.45 -2.49
N ALA A 35 -10.72 6.60 -2.96
CA ALA A 35 -9.29 6.87 -3.06
C ALA A 35 -8.57 6.70 -1.73
N SER A 36 -9.18 7.21 -0.66
CA SER A 36 -8.58 7.16 0.66
C SER A 36 -8.30 5.71 1.11
N ARG A 37 -9.24 4.81 0.84
CA ARG A 37 -9.10 3.42 1.24
C ARG A 37 -8.09 2.70 0.35
N LYS A 38 -8.09 3.06 -0.93
CA LYS A 38 -7.13 2.50 -1.87
C LYS A 38 -5.72 2.88 -1.46
N ALA A 39 -5.53 4.14 -1.09
CA ALA A 39 -4.24 4.65 -0.67
C ALA A 39 -3.69 3.85 0.50
N ALA A 40 -4.56 3.55 1.46
CA ALA A 40 -4.16 2.79 2.64
C ALA A 40 -3.59 1.43 2.25
N VAL A 41 -4.29 0.73 1.37
CA VAL A 41 -3.88 -0.61 0.95
C VAL A 41 -2.54 -0.58 0.22
N VAL A 42 -2.42 0.29 -0.76
CA VAL A 42 -1.22 0.35 -1.58
C VAL A 42 -0.01 0.84 -0.77
N LYS A 43 -0.24 1.79 0.14
CA LYS A 43 0.84 2.31 0.97
C LYS A 43 1.33 1.25 1.94
N ALA A 44 0.42 0.37 2.34
CA ALA A 44 0.77 -0.74 3.22
C ALA A 44 1.77 -1.66 2.53
N VAL A 45 1.51 -1.94 1.26
CA VAL A 45 2.40 -2.79 0.47
C VAL A 45 3.72 -2.10 0.18
N ILE A 46 3.66 -0.82 -0.16
CA ILE A 46 4.83 -0.04 -0.52
C ILE A 46 5.77 0.12 0.68
N HIS A 47 5.22 0.21 1.89
CA HIS A 47 6.03 0.35 3.09
C HIS A 47 6.46 -1.01 3.62
N GLY A 48 5.95 -2.08 3.01
CA GLY A 48 6.33 -3.41 3.41
C GLY A 48 5.58 -3.89 4.64
N LEU A 49 4.39 -3.35 4.86
CA LEU A 49 3.52 -3.78 5.94
C LEU A 49 2.87 -5.10 5.57
N ILE A 50 2.22 -5.09 4.43
CA ILE A 50 1.61 -6.28 3.88
C ILE A 50 2.18 -6.53 2.49
N THR A 51 2.00 -7.72 1.96
CA THR A 51 2.48 -7.98 0.61
C THR A 51 1.35 -7.74 -0.39
N GLU A 52 1.73 -7.38 -1.61
CA GLU A 52 0.78 -7.09 -2.67
C GLU A 52 -0.23 -8.23 -2.82
N ARG A 53 0.28 -9.45 -2.76
CA ARG A 53 -0.53 -10.64 -2.99
C ARG A 53 -1.52 -10.84 -1.84
N GLU A 54 -1.16 -10.33 -0.68
CA GLU A 54 -1.99 -10.41 0.51
C GLU A 54 -3.18 -9.47 0.37
N ALA A 55 -2.91 -8.28 -0.15
CA ALA A 55 -3.96 -7.32 -0.42
C ALA A 55 -4.92 -7.86 -1.49
N LEU A 56 -4.34 -8.42 -2.53
CA LEU A 56 -5.11 -9.03 -3.61
C LEU A 56 -5.99 -10.17 -3.08
N ASP A 57 -5.45 -10.92 -2.13
CA ASP A 57 -6.15 -12.06 -1.57
C ASP A 57 -7.29 -11.63 -0.65
N ARG A 58 -6.96 -10.85 0.37
CA ARG A 58 -7.94 -10.51 1.40
C ARG A 58 -9.03 -9.58 0.88
N TYR A 59 -8.67 -8.65 -0.01
CA TYR A 59 -9.65 -7.70 -0.53
C TYR A 59 -10.26 -8.20 -1.82
N SER A 60 -9.81 -9.37 -2.27
CA SER A 60 -10.27 -9.95 -3.53
C SER A 60 -10.06 -8.96 -4.68
N LEU A 61 -8.80 -8.71 -4.98
CA LEU A 61 -8.44 -7.77 -6.03
C LEU A 61 -7.52 -8.43 -7.04
N SER A 62 -7.62 -8.01 -8.29
CA SER A 62 -6.74 -8.50 -9.33
C SER A 62 -5.57 -7.54 -9.52
N GLU A 63 -4.52 -8.00 -10.20
CA GLU A 63 -3.35 -7.18 -10.43
C GLU A 63 -3.70 -5.95 -11.27
N GLU A 64 -4.60 -6.14 -12.24
CA GLU A 64 -5.06 -5.05 -13.08
C GLU A 64 -5.67 -3.93 -12.24
N GLU A 65 -6.10 -4.27 -11.04
CA GLU A 65 -6.68 -3.31 -10.11
C GLU A 65 -5.56 -2.63 -9.32
N PHE A 66 -4.81 -3.44 -8.56
CA PHE A 66 -3.77 -2.94 -7.69
C PHE A 66 -2.69 -2.18 -8.46
N ALA A 67 -2.40 -2.64 -9.67
CA ALA A 67 -1.41 -1.98 -10.52
C ALA A 67 -1.84 -0.55 -10.82
N LEU A 68 -3.15 -0.33 -10.92
CA LEU A 68 -3.66 1.01 -11.15
C LEU A 68 -3.58 1.82 -9.87
N TRP A 69 -3.88 1.18 -8.74
CA TRP A 69 -3.78 1.83 -7.43
C TRP A 69 -2.40 2.43 -7.22
N ARG A 70 -1.37 1.61 -7.41
CA ARG A 70 0.00 2.07 -7.20
C ARG A 70 0.39 3.12 -8.23
N SER A 71 -0.15 3.02 -9.44
CA SER A 71 0.16 3.99 -10.49
C SER A 71 -0.49 5.35 -10.21
N ALA A 72 -1.63 5.33 -9.52
CA ALA A 72 -2.37 6.57 -9.25
C ALA A 72 -1.99 7.18 -7.90
N VAL A 73 -1.83 6.34 -6.89
CA VAL A 73 -1.56 6.83 -5.54
C VAL A 73 -0.09 7.16 -5.32
N ALA A 74 0.80 6.29 -5.79
CA ALA A 74 2.23 6.48 -5.55
C ALA A 74 2.79 7.62 -6.40
N ALA A 75 2.20 7.83 -7.57
CA ALA A 75 2.63 8.89 -8.47
C ALA A 75 2.02 10.23 -8.06
N HIS A 76 1.21 10.20 -7.02
CA HIS A 76 0.59 11.40 -6.51
C HIS A 76 1.57 12.16 -5.63
N GLY A 77 2.05 13.28 -6.14
CA GLY A 77 3.06 14.06 -5.45
C GLY A 77 3.75 15.01 -6.39
N GLU A 78 2.96 15.83 -7.06
CA GLU A 78 3.44 16.69 -8.13
C GLU A 78 3.94 18.01 -7.59
N LYS A 79 3.91 18.17 -6.28
CA LYS A 79 4.36 19.41 -5.65
C LYS A 79 5.89 19.47 -5.55
N ALA A 80 6.50 18.41 -5.08
CA ALA A 80 7.95 18.37 -4.91
C ALA A 80 8.47 16.96 -5.06
N LEU A 81 9.55 16.81 -5.80
CA LEU A 81 10.16 15.51 -6.04
C LEU A 81 11.56 15.45 -5.43
N LYS A 82 11.62 15.36 -4.11
CA LYS A 82 12.89 15.23 -3.41
C LYS A 82 13.32 13.77 -3.40
N VAL A 83 14.56 13.50 -3.01
CA VAL A 83 15.12 12.13 -2.99
C VAL A 83 14.16 11.12 -2.33
N THR A 84 13.50 11.56 -1.26
CA THR A 84 12.52 10.73 -0.56
C THR A 84 11.36 10.35 -1.47
N MET A 85 10.99 11.27 -2.36
CA MET A 85 9.84 11.10 -3.22
C MET A 85 10.12 10.10 -4.33
N ILE A 86 11.38 10.00 -4.74
CA ILE A 86 11.76 9.07 -5.80
C ILE A 86 11.42 7.63 -5.42
N GLN A 87 11.50 7.32 -4.13
CA GLN A 87 11.13 5.98 -3.64
C GLN A 87 9.73 5.61 -4.14
N LYS A 88 8.81 6.55 -4.05
CA LYS A 88 7.43 6.35 -4.46
C LYS A 88 7.35 5.97 -5.93
N TYR A 89 8.05 6.73 -6.77
CA TYR A 89 7.90 6.62 -8.21
C TYR A 89 8.74 5.48 -8.78
N ARG A 90 9.88 5.22 -8.14
CA ARG A 90 10.77 4.17 -8.61
C ARG A 90 10.30 2.79 -8.16
N GLN A 91 9.49 2.77 -7.11
CA GLN A 91 8.93 1.52 -6.59
C GLN A 91 7.60 1.26 -7.30
N LEU A 92 7.01 2.33 -7.80
CA LEU A 92 5.82 2.25 -8.62
C LEU A 92 6.12 1.47 -9.89
N HIS A 93 7.14 1.91 -10.60
CA HIS A 93 7.51 1.32 -11.87
C HIS A 93 8.40 0.09 -11.68
N HIS A 94 7.87 -1.07 -11.99
CA HIS A 94 8.67 -2.29 -11.94
C HIS A 94 8.79 -2.89 -13.34
N HIS A 95 9.79 -2.44 -14.08
CA HIS A 95 10.06 -2.93 -15.43
C HIS A 95 11.25 -2.18 -16.01
#